data_4LLM
# 
_entry.id   4LLM 
# 
_audit_conform.dict_name       mmcif_pdbx.dic 
_audit_conform.dict_version    5.399 
_audit_conform.dict_location   http://mmcif.pdb.org/dictionaries/ascii/mmcif_pdbx.dic 
# 
loop_
_database_2.database_id 
_database_2.database_code 
_database_2.pdbx_database_accession 
_database_2.pdbx_DOI 
PDB   4LLM         pdb_00004llm 10.2210/pdb4llm/pdb 
RCSB  RCSB080783   ?            ?                   
WWPDB D_1000080783 ?            ?                   
# 
loop_
_pdbx_audit_revision_history.ordinal 
_pdbx_audit_revision_history.data_content_type 
_pdbx_audit_revision_history.major_revision 
_pdbx_audit_revision_history.minor_revision 
_pdbx_audit_revision_history.revision_date 
1 'Structure model' 1 0 2014-01-29 
2 'Structure model' 1 1 2014-02-12 
3 'Structure model' 1 2 2014-03-26 
4 'Structure model' 1 3 2017-11-15 
5 'Structure model' 1 4 2023-09-20 
6 'Structure model' 1 5 2024-11-27 
# 
_pdbx_audit_revision_details.ordinal             1 
_pdbx_audit_revision_details.revision_ordinal    1 
_pdbx_audit_revision_details.data_content_type   'Structure model' 
_pdbx_audit_revision_details.provider            repository 
_pdbx_audit_revision_details.type                'Initial release' 
_pdbx_audit_revision_details.description         ? 
_pdbx_audit_revision_details.details             ? 
# 
loop_
_pdbx_audit_revision_group.ordinal 
_pdbx_audit_revision_group.revision_ordinal 
_pdbx_audit_revision_group.data_content_type 
_pdbx_audit_revision_group.group 
1 2 'Structure model' 'Database references'    
2 3 'Structure model' 'Database references'    
3 4 'Structure model' 'Refinement description' 
4 5 'Structure model' 'Data collection'        
5 5 'Structure model' 'Database references'    
6 5 'Structure model' 'Refinement description' 
7 6 'Structure model' 'Structure summary'      
# 
loop_
_pdbx_audit_revision_category.ordinal 
_pdbx_audit_revision_category.revision_ordinal 
_pdbx_audit_revision_category.data_content_type 
_pdbx_audit_revision_category.category 
1 4 'Structure model' software                      
2 5 'Structure model' chem_comp_atom                
3 5 'Structure model' chem_comp_bond                
4 5 'Structure model' database_2                    
5 5 'Structure model' pdbx_initial_refinement_model 
6 5 'Structure model' struct_ref_seq_dif            
7 6 'Structure model' pdbx_entry_details            
8 6 'Structure model' pdbx_modification_feature     
# 
loop_
_pdbx_audit_revision_item.ordinal 
_pdbx_audit_revision_item.revision_ordinal 
_pdbx_audit_revision_item.data_content_type 
_pdbx_audit_revision_item.item 
1 4 'Structure model' '_software.name'                      
2 5 'Structure model' '_database_2.pdbx_DOI'                
3 5 'Structure model' '_database_2.pdbx_database_accession' 
4 5 'Structure model' '_struct_ref_seq_dif.details'         
# 
_pdbx_database_status.status_code                     REL 
_pdbx_database_status.entry_id                        4LLM 
_pdbx_database_status.recvd_initial_deposition_date   2013-07-09 
_pdbx_database_status.deposit_site                    RCSB 
_pdbx_database_status.process_site                    RCSB 
_pdbx_database_status.status_code_sf                  REL 
_pdbx_database_status.status_code_mr                  ? 
_pdbx_database_status.SG_entry                        ? 
_pdbx_database_status.status_code_cs                  ? 
_pdbx_database_status.methods_development_category    ? 
_pdbx_database_status.pdb_format_compatible           Y 
_pdbx_database_status.status_code_nmr_data            ? 
# 
loop_
_pdbx_database_related.db_name 
_pdbx_database_related.db_id 
_pdbx_database_related.details 
_pdbx_database_related.content_type 
PDB 4LLD 'Wild-type parent' unspecified 
PDB 4LLQ .                  unspecified 
PDB 4LLU .                  unspecified 
PDB 4LLW .                  unspecified 
PDB 4LLY .                  unspecified 
# 
loop_
_audit_author.name 
_audit_author.pdbx_ordinal 
'Pustilnik, A.'      1  
'Lewis, S.M.'        2  
'Wu, X.'             3  
'Sereno, A.'         4  
'Huang, F.'          5  
'Guntas, G.'         6  
'Leaver-Fay, A.'     7  
'Smith, E.M.'        8  
'Ho, C.'             9  
'Hansen-Estruch, C.' 10 
'Chamberlain, A.K.'  11 
'Truhlar, S.M.'      12 
'Kuhlman, B.'        13 
'Demarest, S.J.'     14 
'Atwell, S.'         15 
# 
_citation.id                        primary 
_citation.title                     
'Generation of bispecific IgG antibodies by structure-based design of an orthogonal Fab interface.' 
_citation.journal_abbrev            Nat.Biotechnol. 
_citation.journal_volume            32 
_citation.page_first                191 
_citation.page_last                 198 
_citation.year                      2014 
_citation.journal_id_ASTM           NABIF9 
_citation.country                   US 
_citation.journal_id_ISSN           1087-0156 
_citation.journal_id_CSD            2119 
_citation.book_publisher            ? 
_citation.pdbx_database_id_PubMed   24463572 
_citation.pdbx_database_id_DOI      10.1038/nbt.2797 
# 
loop_
_citation_author.citation_id 
_citation_author.name 
_citation_author.ordinal 
_citation_author.identifier_ORCID 
primary 'Lewis, S.M.'        1  ? 
primary 'Wu, X.'             2  ? 
primary 'Pustilnik, A.'      3  ? 
primary 'Sereno, A.'         4  ? 
primary 'Huang, F.'          5  ? 
primary 'Rick, H.L.'         6  ? 
primary 'Guntas, G.'         7  ? 
primary 'Leaver-Fay, A.'     8  ? 
primary 'Smith, E.M.'        9  ? 
primary 'Ho, C.'             10 ? 
primary 'Hansen-Estruch, C.' 11 ? 
primary 'Chamberlain, A.K.'  12 ? 
primary 'Truhlar, S.M.'      13 ? 
primary 'Conner, E.M.'       14 ? 
primary 'Atwell, S.'         15 ? 
primary 'Kuhlman, B.'        16 ? 
primary 'Demarest, S.J.'     17 ? 
# 
loop_
_entity.id 
_entity.type 
_entity.src_method 
_entity.pdbx_description 
_entity.formula_weight 
_entity.pdbx_number_of_molecules 
_entity.pdbx_ec 
_entity.pdbx_mutation 
_entity.pdbx_fragment 
_entity.details 
1 polymer man 'Ig gamma-1 chain C region'  11574.997 1   ? 'D163K, V200F, F185T' ? ? 
2 polymer man 'Ig lambda-2 chain C region' 13776.109 1   ? 'K133D, L139F'        ? ? 
3 water   nat water                        18.015    139 ? ?                     ? ? 
# 
loop_
_entity_poly.entity_id 
_entity_poly.type 
_entity_poly.nstd_linkage 
_entity_poly.nstd_monomer 
_entity_poly.pdbx_seq_one_letter_code 
_entity_poly.pdbx_seq_one_letter_code_can 
_entity_poly.pdbx_strand_id 
_entity_poly.pdbx_target_identifier 
1 'polypeptide(L)' no no 
;ASTKGPSVFPLAPSSKSTSGGTAALGCLVKKYFPEPVTVSWNSGALTSGVHTTPAVLQSSGLYSLSSFVTVPSSSLGTQT
YICNVNHKPSNTKVDKKVEPKSCGSHHHHHH
;
;ASTKGPSVFPLAPSSKSTSGGTAALGCLVKKYFPEPVTVSWNSGALTSGVHTTPAVLQSSGLYSLSSFVTVPSSSLGTQT
YICNVNHKPSNTKVDKKVEPKSCGSHHHHHH
;
A ? 
2 'polypeptide(L)' no no 
;GQPKAAPSVTLFPPSSEELQANDATLVCFISDFYPGAVTVAWKADSSPVKAGVETTTPSKQSNNKYAASSYLSLTPEQWK
SHRSYSCQVTHEGSTVEKTVAPTECLESGKETAAAKFERQHMDSSTSAA
;
;GQPKAAPSVTLFPPSSEELQANDATLVCFISDFYPGAVTVAWKADSSPVKAGVETTTPSKQSNNKYAASSYLSLTPEQWK
SHRSYSCQVTHEGSTVEKTVAPTECLESGKETAAAKFERQHMDSSTSAA
;
B ? 
# 
_pdbx_entity_nonpoly.entity_id   3 
_pdbx_entity_nonpoly.name        water 
_pdbx_entity_nonpoly.comp_id     HOH 
# 
loop_
_entity_poly_seq.entity_id 
_entity_poly_seq.num 
_entity_poly_seq.mon_id 
_entity_poly_seq.hetero 
1 1   ALA n 
1 2   SER n 
1 3   THR n 
1 4   LYS n 
1 5   GLY n 
1 6   PRO n 
1 7   SER n 
1 8   VAL n 
1 9   PHE n 
1 10  PRO n 
1 11  LEU n 
1 12  ALA n 
1 13  PRO n 
1 14  SER n 
1 15  SER n 
1 16  LYS n 
1 17  SER n 
1 18  THR n 
1 19  SER n 
1 20  GLY n 
1 21  GLY n 
1 22  THR n 
1 23  ALA n 
1 24  ALA n 
1 25  LEU n 
1 26  GLY n 
1 27  CYS n 
1 28  LEU n 
1 29  VAL n 
1 30  LYS n 
1 31  LYS n 
1 32  TYR n 
1 33  PHE n 
1 34  PRO n 
1 35  GLU n 
1 36  PRO n 
1 37  VAL n 
1 38  THR n 
1 39  VAL n 
1 40  SER n 
1 41  TRP n 
1 42  ASN n 
1 43  SER n 
1 44  GLY n 
1 45  ALA n 
1 46  LEU n 
1 47  THR n 
1 48  SER n 
1 49  GLY n 
1 50  VAL n 
1 51  HIS n 
1 52  THR n 
1 53  THR n 
1 54  PRO n 
1 55  ALA n 
1 56  VAL n 
1 57  LEU n 
1 58  GLN n 
1 59  SER n 
1 60  SER n 
1 61  GLY n 
1 62  LEU n 
1 63  TYR n 
1 64  SER n 
1 65  LEU n 
1 66  SER n 
1 67  SER n 
1 68  PHE n 
1 69  VAL n 
1 70  THR n 
1 71  VAL n 
1 72  PRO n 
1 73  SER n 
1 74  SER n 
1 75  SER n 
1 76  LEU n 
1 77  GLY n 
1 78  THR n 
1 79  GLN n 
1 80  THR n 
1 81  TYR n 
1 82  ILE n 
1 83  CYS n 
1 84  ASN n 
1 85  VAL n 
1 86  ASN n 
1 87  HIS n 
1 88  LYS n 
1 89  PRO n 
1 90  SER n 
1 91  ASN n 
1 92  THR n 
1 93  LYS n 
1 94  VAL n 
1 95  ASP n 
1 96  LYS n 
1 97  LYS n 
1 98  VAL n 
1 99  GLU n 
1 100 PRO n 
1 101 LYS n 
1 102 SER n 
1 103 CYS n 
1 104 GLY n 
1 105 SER n 
1 106 HIS n 
1 107 HIS n 
1 108 HIS n 
1 109 HIS n 
1 110 HIS n 
1 111 HIS n 
2 1   GLY n 
2 2   GLN n 
2 3   PRO n 
2 4   LYS n 
2 5   ALA n 
2 6   ALA n 
2 7   PRO n 
2 8   SER n 
2 9   VAL n 
2 10  THR n 
2 11  LEU n 
2 12  PHE n 
2 13  PRO n 
2 14  PRO n 
2 15  SER n 
2 16  SER n 
2 17  GLU n 
2 18  GLU n 
2 19  LEU n 
2 20  GLN n 
2 21  ALA n 
2 22  ASN n 
2 23  ASP n 
2 24  ALA n 
2 25  THR n 
2 26  LEU n 
2 27  VAL n 
2 28  CYS n 
2 29  PHE n 
2 30  ILE n 
2 31  SER n 
2 32  ASP n 
2 33  PHE n 
2 34  TYR n 
2 35  PRO n 
2 36  GLY n 
2 37  ALA n 
2 38  VAL n 
2 39  THR n 
2 40  VAL n 
2 41  ALA n 
2 42  TRP n 
2 43  LYS n 
2 44  ALA n 
2 45  ASP n 
2 46  SER n 
2 47  SER n 
2 48  PRO n 
2 49  VAL n 
2 50  LYS n 
2 51  ALA n 
2 52  GLY n 
2 53  VAL n 
2 54  GLU n 
2 55  THR n 
2 56  THR n 
2 57  THR n 
2 58  PRO n 
2 59  SER n 
2 60  LYS n 
2 61  GLN n 
2 62  SER n 
2 63  ASN n 
2 64  ASN n 
2 65  LYS n 
2 66  TYR n 
2 67  ALA n 
2 68  ALA n 
2 69  SER n 
2 70  SER n 
2 71  TYR n 
2 72  LEU n 
2 73  SER n 
2 74  LEU n 
2 75  THR n 
2 76  PRO n 
2 77  GLU n 
2 78  GLN n 
2 79  TRP n 
2 80  LYS n 
2 81  SER n 
2 82  HIS n 
2 83  ARG n 
2 84  SER n 
2 85  TYR n 
2 86  SER n 
2 87  CYS n 
2 88  GLN n 
2 89  VAL n 
2 90  THR n 
2 91  HIS n 
2 92  GLU n 
2 93  GLY n 
2 94  SER n 
2 95  THR n 
2 96  VAL n 
2 97  GLU n 
2 98  LYS n 
2 99  THR n 
2 100 VAL n 
2 101 ALA n 
2 102 PRO n 
2 103 THR n 
2 104 GLU n 
2 105 CYS n 
2 106 LEU n 
2 107 GLU n 
2 108 SER n 
2 109 GLY n 
2 110 LYS n 
2 111 GLU n 
2 112 THR n 
2 113 ALA n 
2 114 ALA n 
2 115 ALA n 
2 116 LYS n 
2 117 PHE n 
2 118 GLU n 
2 119 ARG n 
2 120 GLN n 
2 121 HIS n 
2 122 MET n 
2 123 ASP n 
2 124 SER n 
2 125 SER n 
2 126 THR n 
2 127 SER n 
2 128 ALA n 
2 129 ALA n 
# 
loop_
_entity_src_gen.entity_id 
_entity_src_gen.pdbx_src_id 
_entity_src_gen.pdbx_alt_source_flag 
_entity_src_gen.pdbx_seq_type 
_entity_src_gen.pdbx_beg_seq_num 
_entity_src_gen.pdbx_end_seq_num 
_entity_src_gen.gene_src_common_name 
_entity_src_gen.gene_src_genus 
_entity_src_gen.pdbx_gene_src_gene 
_entity_src_gen.gene_src_species 
_entity_src_gen.gene_src_strain 
_entity_src_gen.gene_src_tissue 
_entity_src_gen.gene_src_tissue_fraction 
_entity_src_gen.gene_src_details 
_entity_src_gen.pdbx_gene_src_fragment 
_entity_src_gen.pdbx_gene_src_scientific_name 
_entity_src_gen.pdbx_gene_src_ncbi_taxonomy_id 
_entity_src_gen.pdbx_gene_src_variant 
_entity_src_gen.pdbx_gene_src_cell_line 
_entity_src_gen.pdbx_gene_src_atcc 
_entity_src_gen.pdbx_gene_src_organ 
_entity_src_gen.pdbx_gene_src_organelle 
_entity_src_gen.pdbx_gene_src_cell 
_entity_src_gen.pdbx_gene_src_cellular_location 
_entity_src_gen.host_org_common_name 
_entity_src_gen.pdbx_host_org_scientific_name 
_entity_src_gen.pdbx_host_org_ncbi_taxonomy_id 
_entity_src_gen.host_org_genus 
_entity_src_gen.pdbx_host_org_gene 
_entity_src_gen.pdbx_host_org_organ 
_entity_src_gen.host_org_species 
_entity_src_gen.pdbx_host_org_tissue 
_entity_src_gen.pdbx_host_org_tissue_fraction 
_entity_src_gen.pdbx_host_org_strain 
_entity_src_gen.pdbx_host_org_variant 
_entity_src_gen.pdbx_host_org_cell_line 
_entity_src_gen.pdbx_host_org_atcc 
_entity_src_gen.pdbx_host_org_culture_collection 
_entity_src_gen.pdbx_host_org_cell 
_entity_src_gen.pdbx_host_org_organelle 
_entity_src_gen.pdbx_host_org_cellular_location 
_entity_src_gen.pdbx_host_org_vector_type 
_entity_src_gen.pdbx_host_org_vector 
_entity_src_gen.host_org_details 
_entity_src_gen.expression_system_id 
_entity_src_gen.plasmid_name 
_entity_src_gen.plasmid_details 
_entity_src_gen.pdbx_description 
1 1 sample ? ? ? human ? IGHG1 ? ? ? ? ? ? 'Homo sapiens' 9606 ? ? ? ? ? ? ? ? 'Escherichia coli' 562 ? ? ? ? ? ? ? ? ? ? ? ? ? ? 
? ? ? ? ? ? ? 
2 1 sample ? ? ? human ? IGLC2 ? ? ? ? ? ? 'Homo sapiens' 9606 ? ? ? ? ? ? ? ? 'Escherichia coli' 562 ? ? ? ? ? ? ? ? ? ? ? ? ? ? 
? ? ? ? ? ? ? 
# 
loop_
_chem_comp.id 
_chem_comp.type 
_chem_comp.mon_nstd_flag 
_chem_comp.name 
_chem_comp.pdbx_synonyms 
_chem_comp.formula 
_chem_comp.formula_weight 
ALA 'L-peptide linking' y ALANINE         ? 'C3 H7 N O2'     89.093  
ARG 'L-peptide linking' y ARGININE        ? 'C6 H15 N4 O2 1' 175.209 
ASN 'L-peptide linking' y ASPARAGINE      ? 'C4 H8 N2 O3'    132.118 
ASP 'L-peptide linking' y 'ASPARTIC ACID' ? 'C4 H7 N O4'     133.103 
CYS 'L-peptide linking' y CYSTEINE        ? 'C3 H7 N O2 S'   121.158 
GLN 'L-peptide linking' y GLUTAMINE       ? 'C5 H10 N2 O3'   146.144 
GLU 'L-peptide linking' y 'GLUTAMIC ACID' ? 'C5 H9 N O4'     147.129 
GLY 'peptide linking'   y GLYCINE         ? 'C2 H5 N O2'     75.067  
HIS 'L-peptide linking' y HISTIDINE       ? 'C6 H10 N3 O2 1' 156.162 
HOH non-polymer         . WATER           ? 'H2 O'           18.015  
ILE 'L-peptide linking' y ISOLEUCINE      ? 'C6 H13 N O2'    131.173 
LEU 'L-peptide linking' y LEUCINE         ? 'C6 H13 N O2'    131.173 
LYS 'L-peptide linking' y LYSINE          ? 'C6 H15 N2 O2 1' 147.195 
MET 'L-peptide linking' y METHIONINE      ? 'C5 H11 N O2 S'  149.211 
PHE 'L-peptide linking' y PHENYLALANINE   ? 'C9 H11 N O2'    165.189 
PRO 'L-peptide linking' y PROLINE         ? 'C5 H9 N O2'     115.130 
SER 'L-peptide linking' y SERINE          ? 'C3 H7 N O3'     105.093 
THR 'L-peptide linking' y THREONINE       ? 'C4 H9 N O3'     119.119 
TRP 'L-peptide linking' y TRYPTOPHAN      ? 'C11 H12 N2 O2'  204.225 
TYR 'L-peptide linking' y TYROSINE        ? 'C9 H11 N O3'    181.189 
VAL 'L-peptide linking' y VALINE          ? 'C5 H11 N O2'    117.146 
# 
loop_
_pdbx_poly_seq_scheme.asym_id 
_pdbx_poly_seq_scheme.entity_id 
_pdbx_poly_seq_scheme.seq_id 
_pdbx_poly_seq_scheme.mon_id 
_pdbx_poly_seq_scheme.ndb_seq_num 
_pdbx_poly_seq_scheme.pdb_seq_num 
_pdbx_poly_seq_scheme.auth_seq_num 
_pdbx_poly_seq_scheme.pdb_mon_id 
_pdbx_poly_seq_scheme.auth_mon_id 
_pdbx_poly_seq_scheme.pdb_strand_id 
_pdbx_poly_seq_scheme.pdb_ins_code 
_pdbx_poly_seq_scheme.hetero 
A 1 1   ALA 1   133 133 ALA ALA A . n 
A 1 2   SER 2   134 134 SER SER A . n 
A 1 3   THR 3   135 135 THR THR A . n 
A 1 4   LYS 4   136 136 LYS LYS A . n 
A 1 5   GLY 5   137 137 GLY GLY A . n 
A 1 6   PRO 6   138 138 PRO PRO A . n 
A 1 7   SER 7   139 139 SER SER A . n 
A 1 8   VAL 8   140 140 VAL VAL A . n 
A 1 9   PHE 9   141 141 PHE PHE A . n 
A 1 10  PRO 10  142 142 PRO PRO A . n 
A 1 11  LEU 11  143 143 LEU LEU A . n 
A 1 12  ALA 12  144 144 ALA ALA A . n 
A 1 13  PRO 13  145 145 PRO PRO A . n 
A 1 14  SER 14  146 146 SER SER A . n 
A 1 15  SER 15  147 147 SER SER A . n 
A 1 16  LYS 16  148 148 LYS LYS A . n 
A 1 17  SER 17  149 149 SER SER A . n 
A 1 18  THR 18  150 150 THR THR A . n 
A 1 19  SER 19  151 151 SER SER A . n 
A 1 20  GLY 20  152 152 GLY GLY A . n 
A 1 21  GLY 21  153 153 GLY GLY A . n 
A 1 22  THR 22  154 154 THR THR A . n 
A 1 23  ALA 23  155 155 ALA ALA A . n 
A 1 24  ALA 24  156 156 ALA ALA A . n 
A 1 25  LEU 25  157 157 LEU LEU A . n 
A 1 26  GLY 26  158 158 GLY GLY A . n 
A 1 27  CYS 27  159 159 CYS CYS A . n 
A 1 28  LEU 28  160 160 LEU LEU A . n 
A 1 29  VAL 29  161 161 VAL VAL A . n 
A 1 30  LYS 30  162 162 LYS LYS A . n 
A 1 31  LYS 31  163 163 LYS LYS A . n 
A 1 32  TYR 32  164 164 TYR TYR A . n 
A 1 33  PHE 33  165 165 PHE PHE A . n 
A 1 34  PRO 34  166 166 PRO PRO A . n 
A 1 35  GLU 35  167 167 GLU GLU A . n 
A 1 36  PRO 36  168 168 PRO PRO A . n 
A 1 37  VAL 37  169 169 VAL VAL A . n 
A 1 38  THR 38  170 170 THR THR A . n 
A 1 39  VAL 39  171 171 VAL VAL A . n 
A 1 40  SER 40  172 172 SER SER A . n 
A 1 41  TRP 41  173 173 TRP TRP A . n 
A 1 42  ASN 42  174 174 ASN ASN A . n 
A 1 43  SER 43  175 175 SER SER A . n 
A 1 44  GLY 44  176 176 GLY GLY A . n 
A 1 45  ALA 45  177 177 ALA ALA A . n 
A 1 46  LEU 46  178 178 LEU LEU A . n 
A 1 47  THR 47  179 179 THR THR A . n 
A 1 48  SER 48  180 180 SER SER A . n 
A 1 49  GLY 49  181 181 GLY GLY A . n 
A 1 50  VAL 50  182 182 VAL VAL A . n 
A 1 51  HIS 51  183 183 HIS HIS A . n 
A 1 52  THR 52  184 184 THR THR A . n 
A 1 53  THR 53  185 185 THR THR A . n 
A 1 54  PRO 54  186 186 PRO PRO A . n 
A 1 55  ALA 55  187 187 ALA ALA A . n 
A 1 56  VAL 56  188 188 VAL VAL A . n 
A 1 57  LEU 57  189 189 LEU LEU A . n 
A 1 58  GLN 58  190 190 GLN GLN A . n 
A 1 59  SER 59  191 191 SER SER A . n 
A 1 60  SER 60  192 192 SER SER A . n 
A 1 61  GLY 61  193 193 GLY GLY A . n 
A 1 62  LEU 62  194 194 LEU LEU A . n 
A 1 63  TYR 63  195 195 TYR TYR A . n 
A 1 64  SER 64  196 196 SER SER A . n 
A 1 65  LEU 65  197 197 LEU LEU A . n 
A 1 66  SER 66  198 198 SER SER A . n 
A 1 67  SER 67  199 199 SER SER A . n 
A 1 68  PHE 68  200 200 PHE PHE A . n 
A 1 69  VAL 69  201 201 VAL VAL A . n 
A 1 70  THR 70  202 202 THR THR A . n 
A 1 71  VAL 71  203 203 VAL VAL A . n 
A 1 72  PRO 72  204 204 PRO PRO A . n 
A 1 73  SER 73  205 205 SER SER A . n 
A 1 74  SER 74  206 206 SER SER A . n 
A 1 75  SER 75  207 207 SER SER A . n 
A 1 76  LEU 76  208 208 LEU LEU A . n 
A 1 77  GLY 77  209 209 GLY GLY A . n 
A 1 78  THR 78  210 210 THR THR A . n 
A 1 79  GLN 79  211 211 GLN GLN A . n 
A 1 80  THR 80  212 212 THR THR A . n 
A 1 81  TYR 81  213 213 TYR TYR A . n 
A 1 82  ILE 82  214 214 ILE ILE A . n 
A 1 83  CYS 83  215 215 CYS CYS A . n 
A 1 84  ASN 84  216 216 ASN ASN A . n 
A 1 85  VAL 85  217 217 VAL VAL A . n 
A 1 86  ASN 86  218 218 ASN ASN A . n 
A 1 87  HIS 87  219 219 HIS HIS A . n 
A 1 88  LYS 88  220 220 LYS LYS A . n 
A 1 89  PRO 89  221 221 PRO PRO A . n 
A 1 90  SER 90  222 222 SER SER A . n 
A 1 91  ASN 91  223 223 ASN ASN A . n 
A 1 92  THR 92  224 224 THR THR A . n 
A 1 93  LYS 93  225 225 LYS LYS A . n 
A 1 94  VAL 94  226 226 VAL VAL A . n 
A 1 95  ASP 95  227 227 ASP ASP A . n 
A 1 96  LYS 96  228 228 LYS LYS A . n 
A 1 97  LYS 97  229 229 LYS LYS A . n 
A 1 98  VAL 98  230 230 VAL VAL A . n 
A 1 99  GLU 99  231 231 GLU GLU A . n 
A 1 100 PRO 100 232 232 PRO PRO A . n 
A 1 101 LYS 101 233 233 LYS LYS A . n 
A 1 102 SER 102 234 ?   ?   ?   A . n 
A 1 103 CYS 103 235 ?   ?   ?   A . n 
A 1 104 GLY 104 236 ?   ?   ?   A . n 
A 1 105 SER 105 237 ?   ?   ?   A . n 
A 1 106 HIS 106 238 ?   ?   ?   A . n 
A 1 107 HIS 107 239 ?   ?   ?   A . n 
A 1 108 HIS 108 240 ?   ?   ?   A . n 
A 1 109 HIS 109 241 ?   ?   ?   A . n 
A 1 110 HIS 110 242 ?   ?   ?   A . n 
A 1 111 HIS 111 243 ?   ?   ?   A . n 
B 2 1   GLY 1   111 ?   ?   ?   B . n 
B 2 2   GLN 2   112 112 GLN GLN B . n 
B 2 3   PRO 3   113 113 PRO PRO B . n 
B 2 4   LYS 4   114 114 LYS LYS B . n 
B 2 5   ALA 5   115 115 ALA ALA B . n 
B 2 6   ALA 6   116 116 ALA ALA B . n 
B 2 7   PRO 7   117 117 PRO PRO B . n 
B 2 8   SER 8   118 118 SER SER B . n 
B 2 9   VAL 9   119 119 VAL VAL B . n 
B 2 10  THR 10  120 120 THR THR B . n 
B 2 11  LEU 11  121 121 LEU LEU B . n 
B 2 12  PHE 12  122 122 PHE PHE B . n 
B 2 13  PRO 13  123 123 PRO PRO B . n 
B 2 14  PRO 14  124 124 PRO PRO B . n 
B 2 15  SER 15  125 125 SER SER B . n 
B 2 16  SER 16  126 126 SER SER B . n 
B 2 17  GLU 17  127 127 GLU GLU B . n 
B 2 18  GLU 18  128 128 GLU GLU B . n 
B 2 19  LEU 19  129 129 LEU LEU B . n 
B 2 20  GLN 20  130 130 GLN GLN B . n 
B 2 21  ALA 21  131 131 ALA ALA B . n 
B 2 22  ASN 22  132 132 ASN ASN B . n 
B 2 23  ASP 23  133 133 ASP ASP B . n 
B 2 24  ALA 24  134 134 ALA ALA B . n 
B 2 25  THR 25  135 135 THR THR B . n 
B 2 26  LEU 26  136 136 LEU LEU B . n 
B 2 27  VAL 27  137 137 VAL VAL B . n 
B 2 28  CYS 28  138 138 CYS CYS B . n 
B 2 29  PHE 29  139 139 PHE PHE B . n 
B 2 30  ILE 30  140 140 ILE ILE B . n 
B 2 31  SER 31  141 141 SER SER B . n 
B 2 32  ASP 32  142 142 ASP ASP B . n 
B 2 33  PHE 33  143 143 PHE PHE B . n 
B 2 34  TYR 34  144 144 TYR TYR B . n 
B 2 35  PRO 35  145 145 PRO PRO B . n 
B 2 36  GLY 36  146 146 GLY GLY B . n 
B 2 37  ALA 37  147 147 ALA ALA B . n 
B 2 38  VAL 38  148 148 VAL VAL B . n 
B 2 39  THR 39  149 149 THR THR B . n 
B 2 40  VAL 40  150 150 VAL VAL B . n 
B 2 41  ALA 41  151 151 ALA ALA B . n 
B 2 42  TRP 42  152 152 TRP TRP B . n 
B 2 43  LYS 43  153 153 LYS LYS B . n 
B 2 44  ALA 44  154 154 ALA ALA B . n 
B 2 45  ASP 45  155 155 ASP ASP B . n 
B 2 46  SER 46  156 156 SER SER B . n 
B 2 47  SER 47  157 157 SER SER B . n 
B 2 48  PRO 48  158 158 PRO PRO B . n 
B 2 49  VAL 49  159 159 VAL VAL B . n 
B 2 50  LYS 50  160 160 LYS LYS B . n 
B 2 51  ALA 51  161 161 ALA ALA B . n 
B 2 52  GLY 52  162 162 GLY GLY B . n 
B 2 53  VAL 53  163 163 VAL VAL B . n 
B 2 54  GLU 54  164 164 GLU GLU B . n 
B 2 55  THR 55  165 165 THR THR B . n 
B 2 56  THR 56  166 166 THR THR B . n 
B 2 57  THR 57  167 167 THR THR B . n 
B 2 58  PRO 58  168 168 PRO PRO B . n 
B 2 59  SER 59  169 169 SER SER B . n 
B 2 60  LYS 60  170 170 LYS LYS B . n 
B 2 61  GLN 61  171 171 GLN GLN B . n 
B 2 62  SER 62  172 172 SER SER B . n 
B 2 63  ASN 63  173 173 ASN ASN B . n 
B 2 64  ASN 64  174 174 ASN ASN B . n 
B 2 65  LYS 65  175 175 LYS LYS B . n 
B 2 66  TYR 66  176 176 TYR TYR B . n 
B 2 67  ALA 67  177 177 ALA ALA B . n 
B 2 68  ALA 68  178 178 ALA ALA B . n 
B 2 69  SER 69  179 179 SER SER B . n 
B 2 70  SER 70  180 180 SER SER B . n 
B 2 71  TYR 71  181 181 TYR TYR B . n 
B 2 72  LEU 72  182 182 LEU LEU B . n 
B 2 73  SER 73  183 183 SER SER B . n 
B 2 74  LEU 74  184 184 LEU LEU B . n 
B 2 75  THR 75  185 185 THR THR B . n 
B 2 76  PRO 76  186 186 PRO PRO B . n 
B 2 77  GLU 77  187 187 GLU GLU B . n 
B 2 78  GLN 78  188 188 GLN GLN B . n 
B 2 79  TRP 79  189 189 TRP TRP B . n 
B 2 80  LYS 80  190 190 LYS LYS B . n 
B 2 81  SER 81  191 191 SER SER B . n 
B 2 82  HIS 82  192 192 HIS HIS B . n 
B 2 83  ARG 83  193 193 ARG ARG B . n 
B 2 84  SER 84  194 194 SER SER B . n 
B 2 85  TYR 85  195 195 TYR TYR B . n 
B 2 86  SER 86  196 196 SER SER B . n 
B 2 87  CYS 87  197 197 CYS CYS B . n 
B 2 88  GLN 88  198 198 GLN GLN B . n 
B 2 89  VAL 89  199 199 VAL VAL B . n 
B 2 90  THR 90  200 200 THR THR B . n 
B 2 91  HIS 91  201 201 HIS HIS B . n 
B 2 92  GLU 92  202 202 GLU GLU B . n 
B 2 93  GLY 93  203 203 GLY GLY B . n 
B 2 94  SER 94  204 204 SER SER B . n 
B 2 95  THR 95  205 205 THR THR B . n 
B 2 96  VAL 96  206 206 VAL VAL B . n 
B 2 97  GLU 97  207 207 GLU GLU B . n 
B 2 98  LYS 98  208 208 LYS LYS B . n 
B 2 99  THR 99  209 209 THR THR B . n 
B 2 100 VAL 100 210 210 VAL VAL B . n 
B 2 101 ALA 101 211 211 ALA ALA B . n 
B 2 102 PRO 102 212 212 PRO PRO B . n 
B 2 103 THR 103 213 ?   ?   ?   B . n 
B 2 104 GLU 104 214 ?   ?   ?   B . n 
B 2 105 CYS 105 215 ?   ?   ?   B . n 
B 2 106 LEU 106 216 ?   ?   ?   B . n 
B 2 107 GLU 107 217 ?   ?   ?   B . n 
B 2 108 SER 108 218 ?   ?   ?   B . n 
B 2 109 GLY 109 219 ?   ?   ?   B . n 
B 2 110 LYS 110 220 ?   ?   ?   B . n 
B 2 111 GLU 111 221 ?   ?   ?   B . n 
B 2 112 THR 112 222 ?   ?   ?   B . n 
B 2 113 ALA 113 223 ?   ?   ?   B . n 
B 2 114 ALA 114 224 ?   ?   ?   B . n 
B 2 115 ALA 115 225 ?   ?   ?   B . n 
B 2 116 LYS 116 226 ?   ?   ?   B . n 
B 2 117 PHE 117 227 ?   ?   ?   B . n 
B 2 118 GLU 118 228 ?   ?   ?   B . n 
B 2 119 ARG 119 229 ?   ?   ?   B . n 
B 2 120 GLN 120 230 ?   ?   ?   B . n 
B 2 121 HIS 121 231 ?   ?   ?   B . n 
B 2 122 MET 122 232 ?   ?   ?   B . n 
B 2 123 ASP 123 233 ?   ?   ?   B . n 
B 2 124 SER 124 234 ?   ?   ?   B . n 
B 2 125 SER 125 235 ?   ?   ?   B . n 
B 2 126 THR 126 236 ?   ?   ?   B . n 
B 2 127 SER 127 237 ?   ?   ?   B . n 
B 2 128 ALA 128 238 ?   ?   ?   B . n 
B 2 129 ALA 129 239 ?   ?   ?   B . n 
# 
loop_
_pdbx_nonpoly_scheme.asym_id 
_pdbx_nonpoly_scheme.entity_id 
_pdbx_nonpoly_scheme.mon_id 
_pdbx_nonpoly_scheme.ndb_seq_num 
_pdbx_nonpoly_scheme.pdb_seq_num 
_pdbx_nonpoly_scheme.auth_seq_num 
_pdbx_nonpoly_scheme.pdb_mon_id 
_pdbx_nonpoly_scheme.auth_mon_id 
_pdbx_nonpoly_scheme.pdb_strand_id 
_pdbx_nonpoly_scheme.pdb_ins_code 
C 3 HOH 1  301 3   HOH HOH A . 
C 3 HOH 2  302 5   HOH HOH A . 
C 3 HOH 3  303 6   HOH HOH A . 
C 3 HOH 4  304 7   HOH HOH A . 
C 3 HOH 5  305 8   HOH HOH A . 
C 3 HOH 6  306 9   HOH HOH A . 
C 3 HOH 7  307 10  HOH HOH A . 
C 3 HOH 8  308 13  HOH HOH A . 
C 3 HOH 9  309 14  HOH HOH A . 
C 3 HOH 10 310 15  HOH HOH A . 
C 3 HOH 11 311 17  HOH HOH A . 
C 3 HOH 12 312 18  HOH HOH A . 
C 3 HOH 13 313 19  HOH HOH A . 
C 3 HOH 14 314 22  HOH HOH A . 
C 3 HOH 15 315 24  HOH HOH A . 
C 3 HOH 16 316 25  HOH HOH A . 
C 3 HOH 17 317 28  HOH HOH A . 
C 3 HOH 18 318 30  HOH HOH A . 
C 3 HOH 19 319 31  HOH HOH A . 
C 3 HOH 20 320 32  HOH HOH A . 
C 3 HOH 21 321 33  HOH HOH A . 
C 3 HOH 22 322 34  HOH HOH A . 
C 3 HOH 23 323 39  HOH HOH A . 
C 3 HOH 24 324 42  HOH HOH A . 
C 3 HOH 25 325 43  HOH HOH A . 
C 3 HOH 26 326 44  HOH HOH A . 
C 3 HOH 27 327 45  HOH HOH A . 
C 3 HOH 28 328 46  HOH HOH A . 
C 3 HOH 29 329 47  HOH HOH A . 
C 3 HOH 30 330 48  HOH HOH A . 
C 3 HOH 31 331 50  HOH HOH A . 
C 3 HOH 32 332 51  HOH HOH A . 
C 3 HOH 33 333 62  HOH HOH A . 
C 3 HOH 34 334 63  HOH HOH A . 
C 3 HOH 35 335 67  HOH HOH A . 
C 3 HOH 36 336 68  HOH HOH A . 
C 3 HOH 37 337 71  HOH HOH A . 
C 3 HOH 38 338 72  HOH HOH A . 
C 3 HOH 39 339 74  HOH HOH A . 
C 3 HOH 40 340 75  HOH HOH A . 
C 3 HOH 41 341 76  HOH HOH A . 
C 3 HOH 42 342 77  HOH HOH A . 
C 3 HOH 43 343 79  HOH HOH A . 
C 3 HOH 44 344 80  HOH HOH A . 
C 3 HOH 45 345 81  HOH HOH A . 
C 3 HOH 46 346 82  HOH HOH A . 
C 3 HOH 47 347 84  HOH HOH A . 
C 3 HOH 48 348 89  HOH HOH A . 
C 3 HOH 49 349 92  HOH HOH A . 
C 3 HOH 50 350 93  HOH HOH A . 
C 3 HOH 51 351 94  HOH HOH A . 
C 3 HOH 52 352 95  HOH HOH A . 
C 3 HOH 53 353 96  HOH HOH A . 
C 3 HOH 54 354 99  HOH HOH A . 
C 3 HOH 55 355 101 HOH HOH A . 
C 3 HOH 56 356 103 HOH HOH A . 
C 3 HOH 57 357 104 HOH HOH A . 
C 3 HOH 58 358 105 HOH HOH A . 
C 3 HOH 59 359 108 HOH HOH A . 
C 3 HOH 60 360 109 HOH HOH A . 
C 3 HOH 61 361 110 HOH HOH A . 
C 3 HOH 62 362 111 HOH HOH A . 
C 3 HOH 63 363 116 HOH HOH A . 
C 3 HOH 64 364 117 HOH HOH A . 
C 3 HOH 65 365 119 HOH HOH A . 
C 3 HOH 66 366 121 HOH HOH A . 
C 3 HOH 67 367 123 HOH HOH A . 
C 3 HOH 68 368 124 HOH HOH A . 
C 3 HOH 69 369 128 HOH HOH A . 
C 3 HOH 70 370 129 HOH HOH A . 
C 3 HOH 71 371 132 HOH HOH A . 
C 3 HOH 72 372 135 HOH HOH A . 
C 3 HOH 73 373 137 HOH HOH A . 
C 3 HOH 74 374 138 HOH HOH A . 
D 3 HOH 1  301 1   HOH HOH B . 
D 3 HOH 2  302 2   HOH HOH B . 
D 3 HOH 3  303 4   HOH HOH B . 
D 3 HOH 4  304 11  HOH HOH B . 
D 3 HOH 5  305 12  HOH HOH B . 
D 3 HOH 6  306 16  HOH HOH B . 
D 3 HOH 7  307 20  HOH HOH B . 
D 3 HOH 8  308 21  HOH HOH B . 
D 3 HOH 9  309 23  HOH HOH B . 
D 3 HOH 10 310 26  HOH HOH B . 
D 3 HOH 11 311 27  HOH HOH B . 
D 3 HOH 12 312 29  HOH HOH B . 
D 3 HOH 13 313 35  HOH HOH B . 
D 3 HOH 14 314 36  HOH HOH B . 
D 3 HOH 15 315 37  HOH HOH B . 
D 3 HOH 16 316 38  HOH HOH B . 
D 3 HOH 17 317 40  HOH HOH B . 
D 3 HOH 18 318 41  HOH HOH B . 
D 3 HOH 19 319 49  HOH HOH B . 
D 3 HOH 20 320 52  HOH HOH B . 
D 3 HOH 21 321 53  HOH HOH B . 
D 3 HOH 22 322 54  HOH HOH B . 
D 3 HOH 23 323 55  HOH HOH B . 
D 3 HOH 24 324 56  HOH HOH B . 
D 3 HOH 25 325 57  HOH HOH B . 
D 3 HOH 26 326 58  HOH HOH B . 
D 3 HOH 27 327 59  HOH HOH B . 
D 3 HOH 28 328 60  HOH HOH B . 
D 3 HOH 29 329 61  HOH HOH B . 
D 3 HOH 30 330 64  HOH HOH B . 
D 3 HOH 31 331 65  HOH HOH B . 
D 3 HOH 32 332 66  HOH HOH B . 
D 3 HOH 33 333 69  HOH HOH B . 
D 3 HOH 34 334 70  HOH HOH B . 
D 3 HOH 35 335 73  HOH HOH B . 
D 3 HOH 36 336 78  HOH HOH B . 
D 3 HOH 37 337 83  HOH HOH B . 
D 3 HOH 38 338 85  HOH HOH B . 
D 3 HOH 39 339 86  HOH HOH B . 
D 3 HOH 40 340 87  HOH HOH B . 
D 3 HOH 41 341 88  HOH HOH B . 
D 3 HOH 42 342 90  HOH HOH B . 
D 3 HOH 43 343 91  HOH HOH B . 
D 3 HOH 44 344 97  HOH HOH B . 
D 3 HOH 45 345 98  HOH HOH B . 
D 3 HOH 46 346 100 HOH HOH B . 
D 3 HOH 47 347 102 HOH HOH B . 
D 3 HOH 48 348 106 HOH HOH B . 
D 3 HOH 49 349 107 HOH HOH B . 
D 3 HOH 50 350 112 HOH HOH B . 
D 3 HOH 51 351 113 HOH HOH B . 
D 3 HOH 52 352 114 HOH HOH B . 
D 3 HOH 53 353 115 HOH HOH B . 
D 3 HOH 54 354 118 HOH HOH B . 
D 3 HOH 55 355 120 HOH HOH B . 
D 3 HOH 56 356 122 HOH HOH B . 
D 3 HOH 57 357 125 HOH HOH B . 
D 3 HOH 58 358 126 HOH HOH B . 
D 3 HOH 59 359 127 HOH HOH B . 
D 3 HOH 60 360 130 HOH HOH B . 
D 3 HOH 61 361 131 HOH HOH B . 
D 3 HOH 62 362 133 HOH HOH B . 
D 3 HOH 63 363 134 HOH HOH B . 
D 3 HOH 64 364 136 HOH HOH B . 
D 3 HOH 65 365 139 HOH HOH B . 
# 
loop_
_pdbx_unobs_or_zero_occ_atoms.id 
_pdbx_unobs_or_zero_occ_atoms.PDB_model_num 
_pdbx_unobs_or_zero_occ_atoms.polymer_flag 
_pdbx_unobs_or_zero_occ_atoms.occupancy_flag 
_pdbx_unobs_or_zero_occ_atoms.auth_asym_id 
_pdbx_unobs_or_zero_occ_atoms.auth_comp_id 
_pdbx_unobs_or_zero_occ_atoms.auth_seq_id 
_pdbx_unobs_or_zero_occ_atoms.PDB_ins_code 
_pdbx_unobs_or_zero_occ_atoms.auth_atom_id 
_pdbx_unobs_or_zero_occ_atoms.label_alt_id 
_pdbx_unobs_or_zero_occ_atoms.label_asym_id 
_pdbx_unobs_or_zero_occ_atoms.label_comp_id 
_pdbx_unobs_or_zero_occ_atoms.label_seq_id 
_pdbx_unobs_or_zero_occ_atoms.label_atom_id 
1  1 Y 1 A LYS 148 ? CE ? A LYS 16  CE 
2  1 Y 1 A LYS 148 ? NZ ? A LYS 16  NZ 
3  1 Y 1 A LYS 163 ? CE ? A LYS 31  CE 
4  1 Y 1 A LYS 163 ? NZ ? A LYS 31  NZ 
5  1 Y 1 A LYS 220 ? NZ ? A LYS 88  NZ 
6  1 Y 1 A LYS 229 ? CE ? A LYS 97  CE 
7  1 Y 1 A LYS 229 ? NZ ? A LYS 97  NZ 
8  1 Y 1 A LYS 233 ? CG ? A LYS 101 CG 
9  1 Y 1 A LYS 233 ? CD ? A LYS 101 CD 
10 1 Y 1 A LYS 233 ? CE ? A LYS 101 CE 
11 1 Y 1 A LYS 233 ? NZ ? A LYS 101 NZ 
12 1 Y 1 B LYS 190 ? CD ? B LYS 80  CD 
13 1 Y 1 B LYS 190 ? CE ? B LYS 80  CE 
14 1 Y 1 B LYS 190 ? NZ ? B LYS 80  NZ 
# 
loop_
_software.name 
_software.classification 
_software.version 
_software.citation_id 
_software.pdbx_ordinal 
MAR345 'data collection' .        ? 1 
PHASER phasing           .        ? 2 
REFMAC refinement        5.5.0109 ? 3 
MOSFLM 'data reduction'  .        ? 4 
SCALA  'data scaling'    .        ? 5 
# 
_cell.entry_id           4LLM 
_cell.length_a           44.505 
_cell.length_b           61.388 
_cell.length_c           71.499 
_cell.angle_alpha        90.00 
_cell.angle_beta         90.00 
_cell.angle_gamma        90.00 
_cell.Z_PDB              4 
_cell.pdbx_unique_axis   ? 
_cell.length_a_esd       ? 
_cell.length_b_esd       ? 
_cell.length_c_esd       ? 
_cell.angle_alpha_esd    ? 
_cell.angle_beta_esd     ? 
_cell.angle_gamma_esd    ? 
# 
_symmetry.entry_id                         4LLM 
_symmetry.space_group_name_H-M             'P 21 21 21' 
_symmetry.pdbx_full_space_group_name_H-M   ? 
_symmetry.cell_setting                     ? 
_symmetry.Int_Tables_number                19 
_symmetry.space_group_name_Hall            ? 
# 
_exptl.entry_id          4LLM 
_exptl.method            'X-RAY DIFFRACTION' 
_exptl.crystals_number   1 
# 
_exptl_crystal.id                    1 
_exptl_crystal.density_meas          ? 
_exptl_crystal.density_Matthews      1.93 
_exptl_crystal.density_percent_sol   36.15 
_exptl_crystal.description           ? 
_exptl_crystal.F_000                 ? 
_exptl_crystal.preparation           ? 
# 
_exptl_crystal_grow.crystal_id      1 
_exptl_crystal_grow.method          'VAPOR DIFFUSION, SITTING DROP' 
_exptl_crystal_grow.temp            294 
_exptl_crystal_grow.temp_details    ? 
_exptl_crystal_grow.pH              7.2 
_exptl_crystal_grow.pdbx_details    
'40% PEG 6K + 10mM tri-Sodium Citrate dihydrate, pH 7.2, VAPOR DIFFUSION, SITTING DROP, temperature 294K' 
_exptl_crystal_grow.pdbx_pH_range   ? 
# 
_diffrn.id                     1 
_diffrn.ambient_temp           77 
_diffrn.ambient_temp_details   ? 
_diffrn.crystal_id             1 
# 
_diffrn_detector.diffrn_id              1 
_diffrn_detector.detector               'IMAGE PLATE' 
_diffrn_detector.type                   'MAR scanner 300 mm plate' 
_diffrn_detector.pdbx_collection_date   2012-06-10 
_diffrn_detector.details                ? 
# 
_diffrn_radiation.diffrn_id                        1 
_diffrn_radiation.wavelength_id                    1 
_diffrn_radiation.pdbx_monochromatic_or_laue_m_l   M 
_diffrn_radiation.monochromator                    'Si(111)' 
_diffrn_radiation.pdbx_diffrn_protocol             'SINGLE WAVELENGTH' 
_diffrn_radiation.pdbx_scattering_type             x-ray 
# 
_diffrn_radiation_wavelength.id           1 
_diffrn_radiation_wavelength.wavelength   1 
_diffrn_radiation_wavelength.wt           1.0 
# 
_diffrn_source.diffrn_id                   1 
_diffrn_source.source                      SYNCHROTRON 
_diffrn_source.type                        'APS BEAMLINE 22-ID' 
_diffrn_source.pdbx_synchrotron_site       APS 
_diffrn_source.pdbx_synchrotron_beamline   22-ID 
_diffrn_source.pdbx_wavelength             ? 
_diffrn_source.pdbx_wavelength_list        1 
# 
_reflns.entry_id                     4LLM 
_reflns.observed_criterion_sigma_I   0 
_reflns.observed_criterion_sigma_F   0 
_reflns.d_resolution_low             37.783 
_reflns.d_resolution_high            1.75 
_reflns.number_obs                   20219 
_reflns.number_all                   20219 
_reflns.percent_possible_obs         99.8 
_reflns.pdbx_Rmerge_I_obs            0.076 
_reflns.pdbx_Rsym_value              0.076 
_reflns.pdbx_netI_over_sigmaI        7.4 
_reflns.B_iso_Wilson_estimate        ? 
_reflns.pdbx_redundancy              ? 
_reflns.R_free_details               ? 
_reflns.limit_h_max                  ? 
_reflns.limit_h_min                  ? 
_reflns.limit_k_max                  ? 
_reflns.limit_k_min                  ? 
_reflns.limit_l_max                  ? 
_reflns.limit_l_min                  ? 
_reflns.observed_criterion_F_max     ? 
_reflns.observed_criterion_F_min     ? 
_reflns.pdbx_chi_squared             ? 
_reflns.pdbx_scaling_rejects         ? 
_reflns.pdbx_ordinal                 1 
_reflns.pdbx_diffrn_id               1 
# 
_reflns_shell.d_res_high             1.75 
_reflns_shell.d_res_low              1.85 
_reflns_shell.percent_possible_all   99.9 
_reflns_shell.Rmerge_I_obs           0.503 
_reflns_shell.pdbx_Rsym_value        0.503 
_reflns_shell.meanI_over_sigI_obs    1.3 
_reflns_shell.pdbx_redundancy        ? 
_reflns_shell.percent_possible_obs   ? 
_reflns_shell.number_unique_all      ? 
_reflns_shell.number_measured_all    ? 
_reflns_shell.number_measured_obs    ? 
_reflns_shell.number_unique_obs      ? 
_reflns_shell.pdbx_chi_squared       ? 
_reflns_shell.pdbx_ordinal           1 
_reflns_shell.pdbx_diffrn_id         1 
# 
_refine.entry_id                                 4LLM 
_refine.ls_number_reflns_obs                     19183 
_refine.ls_number_reflns_all                     20219 
_refine.pdbx_ls_sigma_I                          ? 
_refine.pdbx_ls_sigma_F                          . 
_refine.pdbx_data_cutoff_high_absF               ? 
_refine.pdbx_data_cutoff_low_absF                ? 
_refine.pdbx_data_cutoff_high_rms_absF           ? 
_refine.ls_d_res_low                             30.00 
_refine.ls_d_res_high                            1.75 
_refine.ls_percent_reflns_obs                    100.00 
_refine.ls_R_factor_obs                          0.17932 
_refine.ls_R_factor_all                          0.179 
_refine.ls_R_factor_R_work                       0.17723 
_refine.ls_R_factor_R_free                       0.22015 
_refine.ls_R_factor_R_free_error                 ? 
_refine.ls_R_factor_R_free_error_details         ? 
_refine.ls_percent_reflns_R_free                 5.1 
_refine.ls_number_reflns_R_free                  1031 
_refine.ls_number_parameters                     ? 
_refine.ls_number_restraints                     ? 
_refine.occupancy_min                            ? 
_refine.occupancy_max                            ? 
_refine.correlation_coeff_Fo_to_Fc               0.960 
_refine.correlation_coeff_Fo_to_Fc_free          0.940 
_refine.B_iso_mean                               19.566 
_refine.aniso_B[1][1]                            1.49 
_refine.aniso_B[2][2]                            -0.59 
_refine.aniso_B[3][3]                            -0.90 
_refine.aniso_B[1][2]                            0.00 
_refine.aniso_B[1][3]                            0.00 
_refine.aniso_B[2][3]                            0.00 
_refine.solvent_model_details                    MASK 
_refine.solvent_model_param_ksol                 ? 
_refine.solvent_model_param_bsol                 ? 
_refine.pdbx_solvent_vdw_probe_radii             1.40 
_refine.pdbx_solvent_ion_probe_radii             0.80 
_refine.pdbx_solvent_shrinkage_radii             0.80 
_refine.pdbx_ls_cross_valid_method               THROUGHOUT 
_refine.details                                  ? 
_refine.pdbx_starting_model                      'PDB ENTRY 4LLD' 
_refine.pdbx_method_to_determine_struct          'MOLECULAR REPLACEMENT' 
_refine.pdbx_isotropic_thermal_model             ? 
_refine.pdbx_stereochemistry_target_values       'MAXIMUM LIKELIHOOD' 
_refine.pdbx_stereochem_target_val_spec_case     ? 
_refine.pdbx_R_Free_selection_details            RANDOM 
_refine.pdbx_overall_ESU_R                       0.114 
_refine.pdbx_overall_ESU_R_Free                  0.115 
_refine.overall_SU_ML                            0.071 
_refine.pdbx_overall_phase_error                 ? 
_refine.overall_SU_B                             2.173 
_refine.overall_SU_R_Cruickshank_DPI             ? 
_refine.ls_redundancy_reflns_obs                 ? 
_refine.B_iso_min                                ? 
_refine.B_iso_max                                ? 
_refine.overall_SU_R_free                        ? 
_refine.ls_wR_factor_R_free                      ? 
_refine.ls_wR_factor_R_work                      ? 
_refine.overall_FOM_free_R_set                   ? 
_refine.overall_FOM_work_R_set                   ? 
_refine.pdbx_diffrn_id                           1 
_refine.pdbx_refine_id                           'X-RAY DIFFRACTION' 
_refine.pdbx_TLS_residual_ADP_flag               ? 
_refine.pdbx_overall_SU_R_free_Cruickshank_DPI   ? 
_refine.pdbx_overall_SU_R_Blow_DPI               ? 
_refine.pdbx_overall_SU_R_free_Blow_DPI          ? 
# 
_refine_hist.pdbx_refine_id                   'X-RAY DIFFRACTION' 
_refine_hist.cycle_id                         LAST 
_refine_hist.pdbx_number_atoms_protein        1480 
_refine_hist.pdbx_number_atoms_nucleic_acid   0 
_refine_hist.pdbx_number_atoms_ligand         0 
_refine_hist.number_atoms_solvent             139 
_refine_hist.number_atoms_total               1619 
_refine_hist.d_res_high                       1.75 
_refine_hist.d_res_low                        30.00 
# 
loop_
_refine_ls_restr.type 
_refine_ls_restr.dev_ideal 
_refine_ls_restr.dev_ideal_target 
_refine_ls_restr.weight 
_refine_ls_restr.number 
_refine_ls_restr.pdbx_restraint_function 
_refine_ls_restr.pdbx_refine_id 
r_bond_refined_d             0.009  0.022  ? 1537 ? 'X-RAY DIFFRACTION' 
r_bond_other_d               ?      ?      ? ?    ? 'X-RAY DIFFRACTION' 
r_angle_refined_deg          1.327  1.957  ? 2113 ? 'X-RAY DIFFRACTION' 
r_angle_other_deg            ?      ?      ? ?    ? 'X-RAY DIFFRACTION' 
r_dihedral_angle_1_deg       6.360  5.000  ? 200  ? 'X-RAY DIFFRACTION' 
r_dihedral_angle_2_deg       36.464 25.319 ? 47   ? 'X-RAY DIFFRACTION' 
r_dihedral_angle_3_deg       12.951 15.000 ? 228  ? 'X-RAY DIFFRACTION' 
r_dihedral_angle_4_deg       0.477  15.000 ? 1    ? 'X-RAY DIFFRACTION' 
r_chiral_restr               0.088  0.200  ? 255  ? 'X-RAY DIFFRACTION' 
r_gen_planes_refined         0.006  0.022  ? 1133 ? 'X-RAY DIFFRACTION' 
r_gen_planes_other           ?      ?      ? ?    ? 'X-RAY DIFFRACTION' 
r_nbd_refined                ?      ?      ? ?    ? 'X-RAY DIFFRACTION' 
r_nbd_other                  ?      ?      ? ?    ? 'X-RAY DIFFRACTION' 
r_nbtor_refined              ?      ?      ? ?    ? 'X-RAY DIFFRACTION' 
r_nbtor_other                ?      ?      ? ?    ? 'X-RAY DIFFRACTION' 
r_xyhbond_nbd_refined        ?      ?      ? ?    ? 'X-RAY DIFFRACTION' 
r_xyhbond_nbd_other          ?      ?      ? ?    ? 'X-RAY DIFFRACTION' 
r_metal_ion_refined          ?      ?      ? ?    ? 'X-RAY DIFFRACTION' 
r_metal_ion_other            ?      ?      ? ?    ? 'X-RAY DIFFRACTION' 
r_symmetry_vdw_refined       ?      ?      ? ?    ? 'X-RAY DIFFRACTION' 
r_symmetry_vdw_other         ?      ?      ? ?    ? 'X-RAY DIFFRACTION' 
r_symmetry_hbond_refined     ?      ?      ? ?    ? 'X-RAY DIFFRACTION' 
r_symmetry_hbond_other       ?      ?      ? ?    ? 'X-RAY DIFFRACTION' 
r_symmetry_metal_ion_refined ?      ?      ? ?    ? 'X-RAY DIFFRACTION' 
r_symmetry_metal_ion_other   ?      ?      ? ?    ? 'X-RAY DIFFRACTION' 
r_mcbond_it                  1.616  3.000  ? 1021 ? 'X-RAY DIFFRACTION' 
r_mcbond_other               ?      ?      ? ?    ? 'X-RAY DIFFRACTION' 
r_mcangle_it                 2.957  5.000  ? 1676 ? 'X-RAY DIFFRACTION' 
r_mcangle_other              ?      ?      ? ?    ? 'X-RAY DIFFRACTION' 
r_scbond_it                  4.711  8.000  ? 516  ? 'X-RAY DIFFRACTION' 
r_scbond_other               ?      ?      ? ?    ? 'X-RAY DIFFRACTION' 
r_scangle_it                 7.641  11.000 ? 437  ? 'X-RAY DIFFRACTION' 
r_scangle_other              ?      ?      ? ?    ? 'X-RAY DIFFRACTION' 
r_long_range_B_refined       ?      ?      ? ?    ? 'X-RAY DIFFRACTION' 
r_long_range_B_other         ?      ?      ? ?    ? 'X-RAY DIFFRACTION' 
r_rigid_bond_restr           ?      ?      ? ?    ? 'X-RAY DIFFRACTION' 
r_sphericity_free            ?      ?      ? ?    ? 'X-RAY DIFFRACTION' 
r_sphericity_bonded          ?      ?      ? ?    ? 'X-RAY DIFFRACTION' 
# 
_refine_ls_shell.pdbx_total_number_of_bins_used   20 
_refine_ls_shell.d_res_high                       1.753 
_refine_ls_shell.d_res_low                        1.798 
_refine_ls_shell.number_reflns_R_work             1382 
_refine_ls_shell.R_factor_R_work                  0.203 
_refine_ls_shell.percent_reflns_obs               100.00 
_refine_ls_shell.R_factor_R_free                  0.242 
_refine_ls_shell.R_factor_R_free_error            ? 
_refine_ls_shell.percent_reflns_R_free            ? 
_refine_ls_shell.number_reflns_R_free             82 
_refine_ls_shell.number_reflns_all                ? 
_refine_ls_shell.R_factor_all                     ? 
_refine_ls_shell.number_reflns_obs                ? 
_refine_ls_shell.redundancy_reflns_obs            ? 
_refine_ls_shell.pdbx_refine_id                   'X-RAY DIFFRACTION' 
# 
_struct.entry_id                  4LLM 
_struct.title                     
'Structure of redesigned IgG1 first constant and lambda domains (CH1:Clambda constant redesign 1, CRD1) at 1.75A' 
_struct.pdbx_model_details        ? 
_struct.pdbx_CASP_flag            ? 
_struct.pdbx_model_type_details   ? 
# 
_struct_keywords.entry_id        4LLM 
_struct_keywords.pdbx_keywords   'IMMUNE SYSTEM' 
_struct_keywords.text            'IgG domain, redesign, CRD1, IMMUNE SYSTEM' 
# 
loop_
_struct_asym.id 
_struct_asym.pdbx_blank_PDB_chainid_flag 
_struct_asym.pdbx_modified 
_struct_asym.entity_id 
_struct_asym.details 
A N N 1 ? 
B N N 2 ? 
C N N 3 ? 
D N N 3 ? 
# 
loop_
_struct_ref.id 
_struct_ref.db_name 
_struct_ref.db_code 
_struct_ref.pdbx_db_accession 
_struct_ref.entity_id 
_struct_ref.pdbx_seq_one_letter_code 
_struct_ref.pdbx_align_begin 
_struct_ref.pdbx_db_isoform 
1 UNP IGHG1_HUMAN P01857 1 
;ASTKGPSVFPLAPSSKSTSGGTAALGCLVKDYFPEPVTVSWNSGALTSGVHTFPAVLQSSGLYSLSSVVTVPSSSLGTQT
YICNVNHKPSNTKVDKKVEPKSC
;
1 ? 
2 UNP LAC2_HUMAN  P0CG05 2 
;GQPKAAPSVTLFPPSSEELQANKATLVCLISDFYPGAVTVAWKADSSPVKAGVETTTPSKQSNNKYAASSYLSLTPEQWK
SHRSYSCQVTHEGSTVEKTVAPTEC
;
1 ? 
# 
loop_
_struct_ref_seq.align_id 
_struct_ref_seq.ref_id 
_struct_ref_seq.pdbx_PDB_id_code 
_struct_ref_seq.pdbx_strand_id 
_struct_ref_seq.seq_align_beg 
_struct_ref_seq.pdbx_seq_align_beg_ins_code 
_struct_ref_seq.seq_align_end 
_struct_ref_seq.pdbx_seq_align_end_ins_code 
_struct_ref_seq.pdbx_db_accession 
_struct_ref_seq.db_align_beg 
_struct_ref_seq.pdbx_db_align_beg_ins_code 
_struct_ref_seq.db_align_end 
_struct_ref_seq.pdbx_db_align_end_ins_code 
_struct_ref_seq.pdbx_auth_seq_align_beg 
_struct_ref_seq.pdbx_auth_seq_align_end 
1 1 4LLM A 1 ? 103 ? P01857 1 ? 103 ? 133 235 
2 2 4LLM B 1 ? 105 ? P0CG05 1 ? 105 ? 111 215 
# 
loop_
_struct_ref_seq_dif.align_id 
_struct_ref_seq_dif.pdbx_pdb_id_code 
_struct_ref_seq_dif.mon_id 
_struct_ref_seq_dif.pdbx_pdb_strand_id 
_struct_ref_seq_dif.seq_num 
_struct_ref_seq_dif.pdbx_pdb_ins_code 
_struct_ref_seq_dif.pdbx_seq_db_name 
_struct_ref_seq_dif.pdbx_seq_db_accession_code 
_struct_ref_seq_dif.db_mon_id 
_struct_ref_seq_dif.pdbx_seq_db_seq_num 
_struct_ref_seq_dif.details 
_struct_ref_seq_dif.pdbx_auth_seq_num 
_struct_ref_seq_dif.pdbx_ordinal 
1 4LLM LYS A 31  ? UNP P01857 ASP 31 'engineered mutation' 163 1  
1 4LLM THR A 53  ? UNP P01857 PHE 53 'engineered mutation' 185 2  
1 4LLM PHE A 68  ? UNP P01857 VAL 68 'engineered mutation' 200 3  
1 4LLM GLY A 104 ? UNP P01857 ?   ?  'expression tag'      236 4  
1 4LLM SER A 105 ? UNP P01857 ?   ?  'expression tag'      237 5  
1 4LLM HIS A 106 ? UNP P01857 ?   ?  'expression tag'      238 6  
1 4LLM HIS A 107 ? UNP P01857 ?   ?  'expression tag'      239 7  
1 4LLM HIS A 108 ? UNP P01857 ?   ?  'expression tag'      240 8  
1 4LLM HIS A 109 ? UNP P01857 ?   ?  'expression tag'      241 9  
1 4LLM HIS A 110 ? UNP P01857 ?   ?  'expression tag'      242 10 
1 4LLM HIS A 111 ? UNP P01857 ?   ?  'expression tag'      243 11 
2 4LLM ASP B 23  ? UNP P0CG05 LYS 23 'engineered mutation' 133 12 
2 4LLM PHE B 29  ? UNP P0CG05 LEU 29 'engineered mutation' 139 13 
2 4LLM LEU B 106 ? UNP P0CG05 ?   ?  'expression tag'      216 14 
2 4LLM GLU B 107 ? UNP P0CG05 ?   ?  'expression tag'      217 15 
2 4LLM SER B 108 ? UNP P0CG05 ?   ?  'expression tag'      218 16 
2 4LLM GLY B 109 ? UNP P0CG05 ?   ?  'expression tag'      219 17 
2 4LLM LYS B 110 ? UNP P0CG05 ?   ?  'expression tag'      220 18 
2 4LLM GLU B 111 ? UNP P0CG05 ?   ?  'expression tag'      221 19 
2 4LLM THR B 112 ? UNP P0CG05 ?   ?  'expression tag'      222 20 
2 4LLM ALA B 113 ? UNP P0CG05 ?   ?  'expression tag'      223 21 
2 4LLM ALA B 114 ? UNP P0CG05 ?   ?  'expression tag'      224 22 
2 4LLM ALA B 115 ? UNP P0CG05 ?   ?  'expression tag'      225 23 
2 4LLM LYS B 116 ? UNP P0CG05 ?   ?  'expression tag'      226 24 
2 4LLM PHE B 117 ? UNP P0CG05 ?   ?  'expression tag'      227 25 
2 4LLM GLU B 118 ? UNP P0CG05 ?   ?  'expression tag'      228 26 
2 4LLM ARG B 119 ? UNP P0CG05 ?   ?  'expression tag'      229 27 
2 4LLM GLN B 120 ? UNP P0CG05 ?   ?  'expression tag'      230 28 
2 4LLM HIS B 121 ? UNP P0CG05 ?   ?  'expression tag'      231 29 
2 4LLM MET B 122 ? UNP P0CG05 ?   ?  'expression tag'      232 30 
2 4LLM ASP B 123 ? UNP P0CG05 ?   ?  'expression tag'      233 31 
2 4LLM SER B 124 ? UNP P0CG05 ?   ?  'expression tag'      234 32 
2 4LLM SER B 125 ? UNP P0CG05 ?   ?  'expression tag'      235 33 
2 4LLM THR B 126 ? UNP P0CG05 ?   ?  'expression tag'      236 34 
2 4LLM SER B 127 ? UNP P0CG05 ?   ?  'expression tag'      237 35 
2 4LLM ALA B 128 ? UNP P0CG05 ?   ?  'expression tag'      238 36 
2 4LLM ALA B 129 ? UNP P0CG05 ?   ?  'expression tag'      239 37 
# 
_pdbx_struct_assembly.id                   1 
_pdbx_struct_assembly.details              author_and_software_defined_assembly 
_pdbx_struct_assembly.method_details       PISA 
_pdbx_struct_assembly.oligomeric_details   dimeric 
_pdbx_struct_assembly.oligomeric_count     2 
# 
loop_
_pdbx_struct_assembly_prop.biol_id 
_pdbx_struct_assembly_prop.type 
_pdbx_struct_assembly_prop.value 
_pdbx_struct_assembly_prop.details 
1 'ABSA (A^2)' 1770 ? 
1 MORE         -12  ? 
1 'SSA (A^2)'  9720 ? 
# 
_pdbx_struct_assembly_gen.assembly_id       1 
_pdbx_struct_assembly_gen.oper_expression   1 
_pdbx_struct_assembly_gen.asym_id_list      A,B,C,D 
# 
_pdbx_struct_oper_list.id                   1 
_pdbx_struct_oper_list.type                 'identity operation' 
_pdbx_struct_oper_list.name                 1_555 
_pdbx_struct_oper_list.symmetry_operation   x,y,z 
_pdbx_struct_oper_list.matrix[1][1]         1.0000000000 
_pdbx_struct_oper_list.matrix[1][2]         0.0000000000 
_pdbx_struct_oper_list.matrix[1][3]         0.0000000000 
_pdbx_struct_oper_list.vector[1]            0.0000000000 
_pdbx_struct_oper_list.matrix[2][1]         0.0000000000 
_pdbx_struct_oper_list.matrix[2][2]         1.0000000000 
_pdbx_struct_oper_list.matrix[2][3]         0.0000000000 
_pdbx_struct_oper_list.vector[2]            0.0000000000 
_pdbx_struct_oper_list.matrix[3][1]         0.0000000000 
_pdbx_struct_oper_list.matrix[3][2]         0.0000000000 
_pdbx_struct_oper_list.matrix[3][3]         1.0000000000 
_pdbx_struct_oper_list.vector[3]            0.0000000000 
# 
_struct_biol.id        1 
_struct_biol.details   ? 
# 
loop_
_struct_conf.conf_type_id 
_struct_conf.id 
_struct_conf.pdbx_PDB_helix_id 
_struct_conf.beg_label_comp_id 
_struct_conf.beg_label_asym_id 
_struct_conf.beg_label_seq_id 
_struct_conf.pdbx_beg_PDB_ins_code 
_struct_conf.end_label_comp_id 
_struct_conf.end_label_asym_id 
_struct_conf.end_label_seq_id 
_struct_conf.pdbx_end_PDB_ins_code 
_struct_conf.beg_auth_comp_id 
_struct_conf.beg_auth_asym_id 
_struct_conf.beg_auth_seq_id 
_struct_conf.end_auth_comp_id 
_struct_conf.end_auth_asym_id 
_struct_conf.end_auth_seq_id 
_struct_conf.pdbx_PDB_helix_class 
_struct_conf.details 
_struct_conf.pdbx_PDB_helix_length 
HELX_P HELX_P1 1 SER A 14 ? LYS A 16 ? SER A 146 LYS A 148 5 ? 3 
HELX_P HELX_P2 2 SER A 43 ? ALA A 45 ? SER A 175 ALA A 177 5 ? 3 
HELX_P HELX_P3 3 SER A 74 ? LEU A 76 ? SER A 206 LEU A 208 5 ? 3 
HELX_P HELX_P4 4 LYS A 88 ? ASN A 91 ? LYS A 220 ASN A 223 5 ? 4 
HELX_P HELX_P5 5 SER B 15 ? ALA B 21 ? SER B 125 ALA B 131 1 ? 7 
HELX_P HELX_P6 6 THR B 75 ? HIS B 82 ? THR B 185 HIS B 192 1 ? 8 
# 
_struct_conf_type.id          HELX_P 
_struct_conf_type.criteria    ? 
_struct_conf_type.reference   ? 
# 
loop_
_struct_conn.id 
_struct_conn.conn_type_id 
_struct_conn.pdbx_leaving_atom_flag 
_struct_conn.pdbx_PDB_id 
_struct_conn.ptnr1_label_asym_id 
_struct_conn.ptnr1_label_comp_id 
_struct_conn.ptnr1_label_seq_id 
_struct_conn.ptnr1_label_atom_id 
_struct_conn.pdbx_ptnr1_label_alt_id 
_struct_conn.pdbx_ptnr1_PDB_ins_code 
_struct_conn.pdbx_ptnr1_standard_comp_id 
_struct_conn.ptnr1_symmetry 
_struct_conn.ptnr2_label_asym_id 
_struct_conn.ptnr2_label_comp_id 
_struct_conn.ptnr2_label_seq_id 
_struct_conn.ptnr2_label_atom_id 
_struct_conn.pdbx_ptnr2_label_alt_id 
_struct_conn.pdbx_ptnr2_PDB_ins_code 
_struct_conn.ptnr1_auth_asym_id 
_struct_conn.ptnr1_auth_comp_id 
_struct_conn.ptnr1_auth_seq_id 
_struct_conn.ptnr2_auth_asym_id 
_struct_conn.ptnr2_auth_comp_id 
_struct_conn.ptnr2_auth_seq_id 
_struct_conn.ptnr2_symmetry 
_struct_conn.pdbx_ptnr3_label_atom_id 
_struct_conn.pdbx_ptnr3_label_seq_id 
_struct_conn.pdbx_ptnr3_label_comp_id 
_struct_conn.pdbx_ptnr3_label_asym_id 
_struct_conn.pdbx_ptnr3_label_alt_id 
_struct_conn.pdbx_ptnr3_PDB_ins_code 
_struct_conn.details 
_struct_conn.pdbx_dist_value 
_struct_conn.pdbx_value_order 
_struct_conn.pdbx_role 
disulf1 disulf ? ? A CYS 27 SG A ? ? 1_555 A CYS 83 SG A ? A CYS 159 A CYS 215 1_555 ? ? ? ? ? ? ? 2.038 ? ? 
disulf2 disulf ? ? A CYS 27 SG B ? ? 1_555 A CYS 83 SG B ? A CYS 159 A CYS 215 1_555 ? ? ? ? ? ? ? 2.039 ? ? 
disulf3 disulf ? ? B CYS 28 SG ? ? ? 1_555 B CYS 87 SG A ? B CYS 138 B CYS 197 1_555 ? ? ? ? ? ? ? 2.034 ? ? 
disulf4 disulf ? ? B CYS 28 SG ? ? ? 1_555 B CYS 87 SG B ? B CYS 138 B CYS 197 1_555 ? ? ? ? ? ? ? 2.074 ? ? 
# 
_struct_conn_type.id          disulf 
_struct_conn_type.criteria    ? 
_struct_conn_type.reference   ? 
# 
loop_
_pdbx_modification_feature.ordinal 
_pdbx_modification_feature.label_comp_id 
_pdbx_modification_feature.label_asym_id 
_pdbx_modification_feature.label_seq_id 
_pdbx_modification_feature.label_alt_id 
_pdbx_modification_feature.modified_residue_label_comp_id 
_pdbx_modification_feature.modified_residue_label_asym_id 
_pdbx_modification_feature.modified_residue_label_seq_id 
_pdbx_modification_feature.modified_residue_label_alt_id 
_pdbx_modification_feature.auth_comp_id 
_pdbx_modification_feature.auth_asym_id 
_pdbx_modification_feature.auth_seq_id 
_pdbx_modification_feature.PDB_ins_code 
_pdbx_modification_feature.symmetry 
_pdbx_modification_feature.modified_residue_auth_comp_id 
_pdbx_modification_feature.modified_residue_auth_asym_id 
_pdbx_modification_feature.modified_residue_auth_seq_id 
_pdbx_modification_feature.modified_residue_PDB_ins_code 
_pdbx_modification_feature.modified_residue_symmetry 
_pdbx_modification_feature.comp_id_linking_atom 
_pdbx_modification_feature.modified_residue_id_linking_atom 
_pdbx_modification_feature.modified_residue_id 
_pdbx_modification_feature.ref_pcm_id 
_pdbx_modification_feature.ref_comp_id 
_pdbx_modification_feature.type 
_pdbx_modification_feature.category 
1 CYS A 27 A CYS A 83 A CYS A 159 ? 1_555 CYS A 215 ? 1_555 SG SG . . . None 'Disulfide bridge' 
2 CYS A 27 B CYS A 83 B CYS A 159 ? 1_555 CYS A 215 ? 1_555 SG SG . . . None 'Disulfide bridge' 
3 CYS B 28 ? CYS B 87 A CYS B 138 ? 1_555 CYS B 197 ? 1_555 SG SG . . . None 'Disulfide bridge' 
4 CYS B 28 ? CYS B 87 B CYS B 138 ? 1_555 CYS B 197 ? 1_555 SG SG . . . None 'Disulfide bridge' 
# 
loop_
_struct_mon_prot_cis.pdbx_id 
_struct_mon_prot_cis.label_comp_id 
_struct_mon_prot_cis.label_seq_id 
_struct_mon_prot_cis.label_asym_id 
_struct_mon_prot_cis.label_alt_id 
_struct_mon_prot_cis.pdbx_PDB_ins_code 
_struct_mon_prot_cis.auth_comp_id 
_struct_mon_prot_cis.auth_seq_id 
_struct_mon_prot_cis.auth_asym_id 
_struct_mon_prot_cis.pdbx_label_comp_id_2 
_struct_mon_prot_cis.pdbx_label_seq_id_2 
_struct_mon_prot_cis.pdbx_label_asym_id_2 
_struct_mon_prot_cis.pdbx_PDB_ins_code_2 
_struct_mon_prot_cis.pdbx_auth_comp_id_2 
_struct_mon_prot_cis.pdbx_auth_seq_id_2 
_struct_mon_prot_cis.pdbx_auth_asym_id_2 
_struct_mon_prot_cis.pdbx_PDB_model_num 
_struct_mon_prot_cis.pdbx_omega_angle 
1 PHE 33 A . ? PHE 165 A PRO 34 A ? PRO 166 A 1 -9.71 
2 GLU 35 A . ? GLU 167 A PRO 36 A ? PRO 168 A 1 0.31  
3 TYR 34 B . ? TYR 144 B PRO 35 B ? PRO 145 B 1 1.00  
# 
loop_
_struct_sheet.id 
_struct_sheet.type 
_struct_sheet.number_strands 
_struct_sheet.details 
A ? 4 ? 
B ? 4 ? 
C ? 3 ? 
D ? 4 ? 
E ? 4 ? 
F ? 4 ? 
# 
loop_
_struct_sheet_order.sheet_id 
_struct_sheet_order.range_id_1 
_struct_sheet_order.range_id_2 
_struct_sheet_order.offset 
_struct_sheet_order.sense 
A 1 2 ? anti-parallel 
A 2 3 ? anti-parallel 
A 3 4 ? anti-parallel 
B 1 2 ? anti-parallel 
B 2 3 ? anti-parallel 
B 3 4 ? anti-parallel 
C 1 2 ? anti-parallel 
C 2 3 ? anti-parallel 
D 1 2 ? anti-parallel 
D 2 3 ? anti-parallel 
D 3 4 ? anti-parallel 
E 1 2 ? anti-parallel 
E 2 3 ? anti-parallel 
E 3 4 ? anti-parallel 
F 1 2 ? anti-parallel 
F 2 3 ? anti-parallel 
F 3 4 ? anti-parallel 
# 
loop_
_struct_sheet_range.sheet_id 
_struct_sheet_range.id 
_struct_sheet_range.beg_label_comp_id 
_struct_sheet_range.beg_label_asym_id 
_struct_sheet_range.beg_label_seq_id 
_struct_sheet_range.pdbx_beg_PDB_ins_code 
_struct_sheet_range.end_label_comp_id 
_struct_sheet_range.end_label_asym_id 
_struct_sheet_range.end_label_seq_id 
_struct_sheet_range.pdbx_end_PDB_ins_code 
_struct_sheet_range.beg_auth_comp_id 
_struct_sheet_range.beg_auth_asym_id 
_struct_sheet_range.beg_auth_seq_id 
_struct_sheet_range.end_auth_comp_id 
_struct_sheet_range.end_auth_asym_id 
_struct_sheet_range.end_auth_seq_id 
A 1 SER A 7  ? LEU A 11  ? SER A 139 LEU A 143 
A 2 THR A 22 ? TYR A 32  ? THR A 154 TYR A 164 
A 3 TYR A 63 ? PRO A 72  ? TYR A 195 PRO A 204 
A 4 VAL A 50 ? THR A 52  ? VAL A 182 THR A 184 
B 1 THR A 18 ? SER A 19  ? THR A 150 SER A 151 
B 2 THR A 22 ? TYR A 32  ? THR A 154 TYR A 164 
B 3 TYR A 63 ? PRO A 72  ? TYR A 195 PRO A 204 
B 4 VAL A 56 ? LEU A 57  ? VAL A 188 LEU A 189 
C 1 THR A 38 ? TRP A 41  ? THR A 170 TRP A 173 
C 2 ILE A 82 ? HIS A 87  ? ILE A 214 HIS A 219 
C 3 THR A 92 ? LYS A 97  ? THR A 224 LYS A 229 
D 1 SER B 8  ? PHE B 12  ? SER B 118 PHE B 122 
D 2 ALA B 24 ? PHE B 33  ? ALA B 134 PHE B 143 
D 3 TYR B 66 ? LEU B 74  ? TYR B 176 LEU B 184 
D 4 VAL B 53 ? THR B 55  ? VAL B 163 THR B 165 
E 1 SER B 8  ? PHE B 12  ? SER B 118 PHE B 122 
E 2 ALA B 24 ? PHE B 33  ? ALA B 134 PHE B 143 
E 3 TYR B 66 ? LEU B 74  ? TYR B 176 LEU B 184 
E 4 SER B 59 ? LYS B 60  ? SER B 169 LYS B 170 
F 1 SER B 47 ? VAL B 49  ? SER B 157 VAL B 159 
F 2 THR B 39 ? ALA B 44  ? THR B 149 ALA B 154 
F 3 TYR B 85 ? HIS B 91  ? TYR B 195 HIS B 201 
F 4 SER B 94 ? VAL B 100 ? SER B 204 VAL B 210 
# 
loop_
_pdbx_struct_sheet_hbond.sheet_id 
_pdbx_struct_sheet_hbond.range_id_1 
_pdbx_struct_sheet_hbond.range_id_2 
_pdbx_struct_sheet_hbond.range_1_label_atom_id 
_pdbx_struct_sheet_hbond.range_1_label_comp_id 
_pdbx_struct_sheet_hbond.range_1_label_asym_id 
_pdbx_struct_sheet_hbond.range_1_label_seq_id 
_pdbx_struct_sheet_hbond.range_1_PDB_ins_code 
_pdbx_struct_sheet_hbond.range_1_auth_atom_id 
_pdbx_struct_sheet_hbond.range_1_auth_comp_id 
_pdbx_struct_sheet_hbond.range_1_auth_asym_id 
_pdbx_struct_sheet_hbond.range_1_auth_seq_id 
_pdbx_struct_sheet_hbond.range_2_label_atom_id 
_pdbx_struct_sheet_hbond.range_2_label_comp_id 
_pdbx_struct_sheet_hbond.range_2_label_asym_id 
_pdbx_struct_sheet_hbond.range_2_label_seq_id 
_pdbx_struct_sheet_hbond.range_2_PDB_ins_code 
_pdbx_struct_sheet_hbond.range_2_auth_atom_id 
_pdbx_struct_sheet_hbond.range_2_auth_comp_id 
_pdbx_struct_sheet_hbond.range_2_auth_asym_id 
_pdbx_struct_sheet_hbond.range_2_auth_seq_id 
A 1 2 N SER A 7  ? N SER A 139 O LYS A 30 ? O LYS A 162 
A 2 3 N ALA A 23 ? N ALA A 155 O VAL A 71 ? O VAL A 203 
A 3 4 O PHE A 68 ? O PHE A 200 N HIS A 51 ? N HIS A 183 
B 1 2 N SER A 19 ? N SER A 151 O THR A 22 ? O THR A 154 
B 2 3 N ALA A 23 ? N ALA A 155 O VAL A 71 ? O VAL A 203 
B 3 4 O SER A 64 ? O SER A 196 N VAL A 56 ? N VAL A 188 
C 1 2 N SER A 40 ? N SER A 172 O ASN A 84 ? O ASN A 216 
C 2 3 N VAL A 85 ? N VAL A 217 O VAL A 94 ? O VAL A 226 
D 1 2 N PHE B 12 ? N PHE B 122 O VAL B 27 ? O VAL B 137 
D 2 3 N CYS B 28 ? N CYS B 138 O SER B 70 ? O SER B 180 
D 3 4 O TYR B 71 ? O TYR B 181 N GLU B 54 ? N GLU B 164 
E 1 2 N PHE B 12 ? N PHE B 122 O VAL B 27 ? O VAL B 137 
E 2 3 N CYS B 28 ? N CYS B 138 O SER B 70 ? O SER B 180 
E 3 4 O ALA B 67 ? O ALA B 177 N SER B 59 ? N SER B 169 
F 1 2 O SER B 47 ? O SER B 157 N ALA B 44 ? N ALA B 154 
F 2 3 N ALA B 41 ? N ALA B 151 O GLN B 88 ? O GLN B 198 
F 3 4 N VAL B 89 ? N VAL B 199 O VAL B 96 ? O VAL B 206 
# 
_pdbx_entry_details.entry_id                   4LLM 
_pdbx_entry_details.compound_details           ? 
_pdbx_entry_details.source_details             ? 
_pdbx_entry_details.nonpolymer_details         ? 
_pdbx_entry_details.sequence_details           ? 
_pdbx_entry_details.has_ligand_of_interest     ? 
_pdbx_entry_details.has_protein_modification   Y 
# 
_pdbx_validate_rmsd_angle.id                         1 
_pdbx_validate_rmsd_angle.PDB_model_num              1 
_pdbx_validate_rmsd_angle.auth_atom_id_1             CA 
_pdbx_validate_rmsd_angle.auth_asym_id_1             A 
_pdbx_validate_rmsd_angle.auth_comp_id_1             CYS 
_pdbx_validate_rmsd_angle.auth_seq_id_1              215 
_pdbx_validate_rmsd_angle.PDB_ins_code_1             ? 
_pdbx_validate_rmsd_angle.label_alt_id_1             ? 
_pdbx_validate_rmsd_angle.auth_atom_id_2             CB 
_pdbx_validate_rmsd_angle.auth_asym_id_2             A 
_pdbx_validate_rmsd_angle.auth_comp_id_2             CYS 
_pdbx_validate_rmsd_angle.auth_seq_id_2              215 
_pdbx_validate_rmsd_angle.PDB_ins_code_2             ? 
_pdbx_validate_rmsd_angle.label_alt_id_2             B 
_pdbx_validate_rmsd_angle.auth_atom_id_3             SG 
_pdbx_validate_rmsd_angle.auth_asym_id_3             A 
_pdbx_validate_rmsd_angle.auth_comp_id_3             CYS 
_pdbx_validate_rmsd_angle.auth_seq_id_3              215 
_pdbx_validate_rmsd_angle.PDB_ins_code_3             ? 
_pdbx_validate_rmsd_angle.label_alt_id_3             B 
_pdbx_validate_rmsd_angle.angle_value                122.04 
_pdbx_validate_rmsd_angle.angle_target_value         114.20 
_pdbx_validate_rmsd_angle.angle_deviation            7.84 
_pdbx_validate_rmsd_angle.angle_standard_deviation   1.10 
_pdbx_validate_rmsd_angle.linker_flag                N 
# 
_pdbx_validate_torsion.id              1 
_pdbx_validate_torsion.PDB_model_num   1 
_pdbx_validate_torsion.auth_comp_id    ASP 
_pdbx_validate_torsion.auth_asym_id    B 
_pdbx_validate_torsion.auth_seq_id     155 
_pdbx_validate_torsion.PDB_ins_code    ? 
_pdbx_validate_torsion.label_alt_id    ? 
_pdbx_validate_torsion.phi             52.45 
_pdbx_validate_torsion.psi             -118.45 
# 
loop_
_pdbx_unobs_or_zero_occ_residues.id 
_pdbx_unobs_or_zero_occ_residues.PDB_model_num 
_pdbx_unobs_or_zero_occ_residues.polymer_flag 
_pdbx_unobs_or_zero_occ_residues.occupancy_flag 
_pdbx_unobs_or_zero_occ_residues.auth_asym_id 
_pdbx_unobs_or_zero_occ_residues.auth_comp_id 
_pdbx_unobs_or_zero_occ_residues.auth_seq_id 
_pdbx_unobs_or_zero_occ_residues.PDB_ins_code 
_pdbx_unobs_or_zero_occ_residues.label_asym_id 
_pdbx_unobs_or_zero_occ_residues.label_comp_id 
_pdbx_unobs_or_zero_occ_residues.label_seq_id 
1  1 Y 1 A SER 234 ? A SER 102 
2  1 Y 1 A CYS 235 ? A CYS 103 
3  1 Y 1 A GLY 236 ? A GLY 104 
4  1 Y 1 A SER 237 ? A SER 105 
5  1 Y 1 A HIS 238 ? A HIS 106 
6  1 Y 1 A HIS 239 ? A HIS 107 
7  1 Y 1 A HIS 240 ? A HIS 108 
8  1 Y 1 A HIS 241 ? A HIS 109 
9  1 Y 1 A HIS 242 ? A HIS 110 
10 1 Y 1 A HIS 243 ? A HIS 111 
11 1 Y 1 B GLY 111 ? B GLY 1   
12 1 Y 1 B THR 213 ? B THR 103 
13 1 Y 1 B GLU 214 ? B GLU 104 
14 1 Y 1 B CYS 215 ? B CYS 105 
15 1 Y 1 B LEU 216 ? B LEU 106 
16 1 Y 1 B GLU 217 ? B GLU 107 
17 1 Y 1 B SER 218 ? B SER 108 
18 1 Y 1 B GLY 219 ? B GLY 109 
19 1 Y 1 B LYS 220 ? B LYS 110 
20 1 Y 1 B GLU 221 ? B GLU 111 
21 1 Y 1 B THR 222 ? B THR 112 
22 1 Y 1 B ALA 223 ? B ALA 113 
23 1 Y 1 B ALA 224 ? B ALA 114 
24 1 Y 1 B ALA 225 ? B ALA 115 
25 1 Y 1 B LYS 226 ? B LYS 116 
26 1 Y 1 B PHE 227 ? B PHE 117 
27 1 Y 1 B GLU 228 ? B GLU 118 
28 1 Y 1 B ARG 229 ? B ARG 119 
29 1 Y 1 B GLN 230 ? B GLN 120 
30 1 Y 1 B HIS 231 ? B HIS 121 
31 1 Y 1 B MET 232 ? B MET 122 
32 1 Y 1 B ASP 233 ? B ASP 123 
33 1 Y 1 B SER 234 ? B SER 124 
34 1 Y 1 B SER 235 ? B SER 125 
35 1 Y 1 B THR 236 ? B THR 126 
36 1 Y 1 B SER 237 ? B SER 127 
37 1 Y 1 B ALA 238 ? B ALA 128 
38 1 Y 1 B ALA 239 ? B ALA 129 
# 
loop_
_chem_comp_atom.comp_id 
_chem_comp_atom.atom_id 
_chem_comp_atom.type_symbol 
_chem_comp_atom.pdbx_aromatic_flag 
_chem_comp_atom.pdbx_stereo_config 
_chem_comp_atom.pdbx_ordinal 
ALA N    N N N 1   
ALA CA   C N S 2   
ALA C    C N N 3   
ALA O    O N N 4   
ALA CB   C N N 5   
ALA OXT  O N N 6   
ALA H    H N N 7   
ALA H2   H N N 8   
ALA HA   H N N 9   
ALA HB1  H N N 10  
ALA HB2  H N N 11  
ALA HB3  H N N 12  
ALA HXT  H N N 13  
ARG N    N N N 14  
ARG CA   C N S 15  
ARG C    C N N 16  
ARG O    O N N 17  
ARG CB   C N N 18  
ARG CG   C N N 19  
ARG CD   C N N 20  
ARG NE   N N N 21  
ARG CZ   C N N 22  
ARG NH1  N N N 23  
ARG NH2  N N N 24  
ARG OXT  O N N 25  
ARG H    H N N 26  
ARG H2   H N N 27  
ARG HA   H N N 28  
ARG HB2  H N N 29  
ARG HB3  H N N 30  
ARG HG2  H N N 31  
ARG HG3  H N N 32  
ARG HD2  H N N 33  
ARG HD3  H N N 34  
ARG HE   H N N 35  
ARG HH11 H N N 36  
ARG HH12 H N N 37  
ARG HH21 H N N 38  
ARG HH22 H N N 39  
ARG HXT  H N N 40  
ASN N    N N N 41  
ASN CA   C N S 42  
ASN C    C N N 43  
ASN O    O N N 44  
ASN CB   C N N 45  
ASN CG   C N N 46  
ASN OD1  O N N 47  
ASN ND2  N N N 48  
ASN OXT  O N N 49  
ASN H    H N N 50  
ASN H2   H N N 51  
ASN HA   H N N 52  
ASN HB2  H N N 53  
ASN HB3  H N N 54  
ASN HD21 H N N 55  
ASN HD22 H N N 56  
ASN HXT  H N N 57  
ASP N    N N N 58  
ASP CA   C N S 59  
ASP C    C N N 60  
ASP O    O N N 61  
ASP CB   C N N 62  
ASP CG   C N N 63  
ASP OD1  O N N 64  
ASP OD2  O N N 65  
ASP OXT  O N N 66  
ASP H    H N N 67  
ASP H2   H N N 68  
ASP HA   H N N 69  
ASP HB2  H N N 70  
ASP HB3  H N N 71  
ASP HD2  H N N 72  
ASP HXT  H N N 73  
CYS N    N N N 74  
CYS CA   C N R 75  
CYS C    C N N 76  
CYS O    O N N 77  
CYS CB   C N N 78  
CYS SG   S N N 79  
CYS OXT  O N N 80  
CYS H    H N N 81  
CYS H2   H N N 82  
CYS HA   H N N 83  
CYS HB2  H N N 84  
CYS HB3  H N N 85  
CYS HG   H N N 86  
CYS HXT  H N N 87  
GLN N    N N N 88  
GLN CA   C N S 89  
GLN C    C N N 90  
GLN O    O N N 91  
GLN CB   C N N 92  
GLN CG   C N N 93  
GLN CD   C N N 94  
GLN OE1  O N N 95  
GLN NE2  N N N 96  
GLN OXT  O N N 97  
GLN H    H N N 98  
GLN H2   H N N 99  
GLN HA   H N N 100 
GLN HB2  H N N 101 
GLN HB3  H N N 102 
GLN HG2  H N N 103 
GLN HG3  H N N 104 
GLN HE21 H N N 105 
GLN HE22 H N N 106 
GLN HXT  H N N 107 
GLU N    N N N 108 
GLU CA   C N S 109 
GLU C    C N N 110 
GLU O    O N N 111 
GLU CB   C N N 112 
GLU CG   C N N 113 
GLU CD   C N N 114 
GLU OE1  O N N 115 
GLU OE2  O N N 116 
GLU OXT  O N N 117 
GLU H    H N N 118 
GLU H2   H N N 119 
GLU HA   H N N 120 
GLU HB2  H N N 121 
GLU HB3  H N N 122 
GLU HG2  H N N 123 
GLU HG3  H N N 124 
GLU HE2  H N N 125 
GLU HXT  H N N 126 
GLY N    N N N 127 
GLY CA   C N N 128 
GLY C    C N N 129 
GLY O    O N N 130 
GLY OXT  O N N 131 
GLY H    H N N 132 
GLY H2   H N N 133 
GLY HA2  H N N 134 
GLY HA3  H N N 135 
GLY HXT  H N N 136 
HIS N    N N N 137 
HIS CA   C N S 138 
HIS C    C N N 139 
HIS O    O N N 140 
HIS CB   C N N 141 
HIS CG   C Y N 142 
HIS ND1  N Y N 143 
HIS CD2  C Y N 144 
HIS CE1  C Y N 145 
HIS NE2  N Y N 146 
HIS OXT  O N N 147 
HIS H    H N N 148 
HIS H2   H N N 149 
HIS HA   H N N 150 
HIS HB2  H N N 151 
HIS HB3  H N N 152 
HIS HD1  H N N 153 
HIS HD2  H N N 154 
HIS HE1  H N N 155 
HIS HE2  H N N 156 
HIS HXT  H N N 157 
HOH O    O N N 158 
HOH H1   H N N 159 
HOH H2   H N N 160 
ILE N    N N N 161 
ILE CA   C N S 162 
ILE C    C N N 163 
ILE O    O N N 164 
ILE CB   C N S 165 
ILE CG1  C N N 166 
ILE CG2  C N N 167 
ILE CD1  C N N 168 
ILE OXT  O N N 169 
ILE H    H N N 170 
ILE H2   H N N 171 
ILE HA   H N N 172 
ILE HB   H N N 173 
ILE HG12 H N N 174 
ILE HG13 H N N 175 
ILE HG21 H N N 176 
ILE HG22 H N N 177 
ILE HG23 H N N 178 
ILE HD11 H N N 179 
ILE HD12 H N N 180 
ILE HD13 H N N 181 
ILE HXT  H N N 182 
LEU N    N N N 183 
LEU CA   C N S 184 
LEU C    C N N 185 
LEU O    O N N 186 
LEU CB   C N N 187 
LEU CG   C N N 188 
LEU CD1  C N N 189 
LEU CD2  C N N 190 
LEU OXT  O N N 191 
LEU H    H N N 192 
LEU H2   H N N 193 
LEU HA   H N N 194 
LEU HB2  H N N 195 
LEU HB3  H N N 196 
LEU HG   H N N 197 
LEU HD11 H N N 198 
LEU HD12 H N N 199 
LEU HD13 H N N 200 
LEU HD21 H N N 201 
LEU HD22 H N N 202 
LEU HD23 H N N 203 
LEU HXT  H N N 204 
LYS N    N N N 205 
LYS CA   C N S 206 
LYS C    C N N 207 
LYS O    O N N 208 
LYS CB   C N N 209 
LYS CG   C N N 210 
LYS CD   C N N 211 
LYS CE   C N N 212 
LYS NZ   N N N 213 
LYS OXT  O N N 214 
LYS H    H N N 215 
LYS H2   H N N 216 
LYS HA   H N N 217 
LYS HB2  H N N 218 
LYS HB3  H N N 219 
LYS HG2  H N N 220 
LYS HG3  H N N 221 
LYS HD2  H N N 222 
LYS HD3  H N N 223 
LYS HE2  H N N 224 
LYS HE3  H N N 225 
LYS HZ1  H N N 226 
LYS HZ2  H N N 227 
LYS HZ3  H N N 228 
LYS HXT  H N N 229 
MET N    N N N 230 
MET CA   C N S 231 
MET C    C N N 232 
MET O    O N N 233 
MET CB   C N N 234 
MET CG   C N N 235 
MET SD   S N N 236 
MET CE   C N N 237 
MET OXT  O N N 238 
MET H    H N N 239 
MET H2   H N N 240 
MET HA   H N N 241 
MET HB2  H N N 242 
MET HB3  H N N 243 
MET HG2  H N N 244 
MET HG3  H N N 245 
MET HE1  H N N 246 
MET HE2  H N N 247 
MET HE3  H N N 248 
MET HXT  H N N 249 
PHE N    N N N 250 
PHE CA   C N S 251 
PHE C    C N N 252 
PHE O    O N N 253 
PHE CB   C N N 254 
PHE CG   C Y N 255 
PHE CD1  C Y N 256 
PHE CD2  C Y N 257 
PHE CE1  C Y N 258 
PHE CE2  C Y N 259 
PHE CZ   C Y N 260 
PHE OXT  O N N 261 
PHE H    H N N 262 
PHE H2   H N N 263 
PHE HA   H N N 264 
PHE HB2  H N N 265 
PHE HB3  H N N 266 
PHE HD1  H N N 267 
PHE HD2  H N N 268 
PHE HE1  H N N 269 
PHE HE2  H N N 270 
PHE HZ   H N N 271 
PHE HXT  H N N 272 
PRO N    N N N 273 
PRO CA   C N S 274 
PRO C    C N N 275 
PRO O    O N N 276 
PRO CB   C N N 277 
PRO CG   C N N 278 
PRO CD   C N N 279 
PRO OXT  O N N 280 
PRO H    H N N 281 
PRO HA   H N N 282 
PRO HB2  H N N 283 
PRO HB3  H N N 284 
PRO HG2  H N N 285 
PRO HG3  H N N 286 
PRO HD2  H N N 287 
PRO HD3  H N N 288 
PRO HXT  H N N 289 
SER N    N N N 290 
SER CA   C N S 291 
SER C    C N N 292 
SER O    O N N 293 
SER CB   C N N 294 
SER OG   O N N 295 
SER OXT  O N N 296 
SER H    H N N 297 
SER H2   H N N 298 
SER HA   H N N 299 
SER HB2  H N N 300 
SER HB3  H N N 301 
SER HG   H N N 302 
SER HXT  H N N 303 
THR N    N N N 304 
THR CA   C N S 305 
THR C    C N N 306 
THR O    O N N 307 
THR CB   C N R 308 
THR OG1  O N N 309 
THR CG2  C N N 310 
THR OXT  O N N 311 
THR H    H N N 312 
THR H2   H N N 313 
THR HA   H N N 314 
THR HB   H N N 315 
THR HG1  H N N 316 
THR HG21 H N N 317 
THR HG22 H N N 318 
THR HG23 H N N 319 
THR HXT  H N N 320 
TRP N    N N N 321 
TRP CA   C N S 322 
TRP C    C N N 323 
TRP O    O N N 324 
TRP CB   C N N 325 
TRP CG   C Y N 326 
TRP CD1  C Y N 327 
TRP CD2  C Y N 328 
TRP NE1  N Y N 329 
TRP CE2  C Y N 330 
TRP CE3  C Y N 331 
TRP CZ2  C Y N 332 
TRP CZ3  C Y N 333 
TRP CH2  C Y N 334 
TRP OXT  O N N 335 
TRP H    H N N 336 
TRP H2   H N N 337 
TRP HA   H N N 338 
TRP HB2  H N N 339 
TRP HB3  H N N 340 
TRP HD1  H N N 341 
TRP HE1  H N N 342 
TRP HE3  H N N 343 
TRP HZ2  H N N 344 
TRP HZ3  H N N 345 
TRP HH2  H N N 346 
TRP HXT  H N N 347 
TYR N    N N N 348 
TYR CA   C N S 349 
TYR C    C N N 350 
TYR O    O N N 351 
TYR CB   C N N 352 
TYR CG   C Y N 353 
TYR CD1  C Y N 354 
TYR CD2  C Y N 355 
TYR CE1  C Y N 356 
TYR CE2  C Y N 357 
TYR CZ   C Y N 358 
TYR OH   O N N 359 
TYR OXT  O N N 360 
TYR H    H N N 361 
TYR H2   H N N 362 
TYR HA   H N N 363 
TYR HB2  H N N 364 
TYR HB3  H N N 365 
TYR HD1  H N N 366 
TYR HD2  H N N 367 
TYR HE1  H N N 368 
TYR HE2  H N N 369 
TYR HH   H N N 370 
TYR HXT  H N N 371 
VAL N    N N N 372 
VAL CA   C N S 373 
VAL C    C N N 374 
VAL O    O N N 375 
VAL CB   C N N 376 
VAL CG1  C N N 377 
VAL CG2  C N N 378 
VAL OXT  O N N 379 
VAL H    H N N 380 
VAL H2   H N N 381 
VAL HA   H N N 382 
VAL HB   H N N 383 
VAL HG11 H N N 384 
VAL HG12 H N N 385 
VAL HG13 H N N 386 
VAL HG21 H N N 387 
VAL HG22 H N N 388 
VAL HG23 H N N 389 
VAL HXT  H N N 390 
# 
loop_
_chem_comp_bond.comp_id 
_chem_comp_bond.atom_id_1 
_chem_comp_bond.atom_id_2 
_chem_comp_bond.value_order 
_chem_comp_bond.pdbx_aromatic_flag 
_chem_comp_bond.pdbx_stereo_config 
_chem_comp_bond.pdbx_ordinal 
ALA N   CA   sing N N 1   
ALA N   H    sing N N 2   
ALA N   H2   sing N N 3   
ALA CA  C    sing N N 4   
ALA CA  CB   sing N N 5   
ALA CA  HA   sing N N 6   
ALA C   O    doub N N 7   
ALA C   OXT  sing N N 8   
ALA CB  HB1  sing N N 9   
ALA CB  HB2  sing N N 10  
ALA CB  HB3  sing N N 11  
ALA OXT HXT  sing N N 12  
ARG N   CA   sing N N 13  
ARG N   H    sing N N 14  
ARG N   H2   sing N N 15  
ARG CA  C    sing N N 16  
ARG CA  CB   sing N N 17  
ARG CA  HA   sing N N 18  
ARG C   O    doub N N 19  
ARG C   OXT  sing N N 20  
ARG CB  CG   sing N N 21  
ARG CB  HB2  sing N N 22  
ARG CB  HB3  sing N N 23  
ARG CG  CD   sing N N 24  
ARG CG  HG2  sing N N 25  
ARG CG  HG3  sing N N 26  
ARG CD  NE   sing N N 27  
ARG CD  HD2  sing N N 28  
ARG CD  HD3  sing N N 29  
ARG NE  CZ   sing N N 30  
ARG NE  HE   sing N N 31  
ARG CZ  NH1  sing N N 32  
ARG CZ  NH2  doub N N 33  
ARG NH1 HH11 sing N N 34  
ARG NH1 HH12 sing N N 35  
ARG NH2 HH21 sing N N 36  
ARG NH2 HH22 sing N N 37  
ARG OXT HXT  sing N N 38  
ASN N   CA   sing N N 39  
ASN N   H    sing N N 40  
ASN N   H2   sing N N 41  
ASN CA  C    sing N N 42  
ASN CA  CB   sing N N 43  
ASN CA  HA   sing N N 44  
ASN C   O    doub N N 45  
ASN C   OXT  sing N N 46  
ASN CB  CG   sing N N 47  
ASN CB  HB2  sing N N 48  
ASN CB  HB3  sing N N 49  
ASN CG  OD1  doub N N 50  
ASN CG  ND2  sing N N 51  
ASN ND2 HD21 sing N N 52  
ASN ND2 HD22 sing N N 53  
ASN OXT HXT  sing N N 54  
ASP N   CA   sing N N 55  
ASP N   H    sing N N 56  
ASP N   H2   sing N N 57  
ASP CA  C    sing N N 58  
ASP CA  CB   sing N N 59  
ASP CA  HA   sing N N 60  
ASP C   O    doub N N 61  
ASP C   OXT  sing N N 62  
ASP CB  CG   sing N N 63  
ASP CB  HB2  sing N N 64  
ASP CB  HB3  sing N N 65  
ASP CG  OD1  doub N N 66  
ASP CG  OD2  sing N N 67  
ASP OD2 HD2  sing N N 68  
ASP OXT HXT  sing N N 69  
CYS N   CA   sing N N 70  
CYS N   H    sing N N 71  
CYS N   H2   sing N N 72  
CYS CA  C    sing N N 73  
CYS CA  CB   sing N N 74  
CYS CA  HA   sing N N 75  
CYS C   O    doub N N 76  
CYS C   OXT  sing N N 77  
CYS CB  SG   sing N N 78  
CYS CB  HB2  sing N N 79  
CYS CB  HB3  sing N N 80  
CYS SG  HG   sing N N 81  
CYS OXT HXT  sing N N 82  
GLN N   CA   sing N N 83  
GLN N   H    sing N N 84  
GLN N   H2   sing N N 85  
GLN CA  C    sing N N 86  
GLN CA  CB   sing N N 87  
GLN CA  HA   sing N N 88  
GLN C   O    doub N N 89  
GLN C   OXT  sing N N 90  
GLN CB  CG   sing N N 91  
GLN CB  HB2  sing N N 92  
GLN CB  HB3  sing N N 93  
GLN CG  CD   sing N N 94  
GLN CG  HG2  sing N N 95  
GLN CG  HG3  sing N N 96  
GLN CD  OE1  doub N N 97  
GLN CD  NE2  sing N N 98  
GLN NE2 HE21 sing N N 99  
GLN NE2 HE22 sing N N 100 
GLN OXT HXT  sing N N 101 
GLU N   CA   sing N N 102 
GLU N   H    sing N N 103 
GLU N   H2   sing N N 104 
GLU CA  C    sing N N 105 
GLU CA  CB   sing N N 106 
GLU CA  HA   sing N N 107 
GLU C   O    doub N N 108 
GLU C   OXT  sing N N 109 
GLU CB  CG   sing N N 110 
GLU CB  HB2  sing N N 111 
GLU CB  HB3  sing N N 112 
GLU CG  CD   sing N N 113 
GLU CG  HG2  sing N N 114 
GLU CG  HG3  sing N N 115 
GLU CD  OE1  doub N N 116 
GLU CD  OE2  sing N N 117 
GLU OE2 HE2  sing N N 118 
GLU OXT HXT  sing N N 119 
GLY N   CA   sing N N 120 
GLY N   H    sing N N 121 
GLY N   H2   sing N N 122 
GLY CA  C    sing N N 123 
GLY CA  HA2  sing N N 124 
GLY CA  HA3  sing N N 125 
GLY C   O    doub N N 126 
GLY C   OXT  sing N N 127 
GLY OXT HXT  sing N N 128 
HIS N   CA   sing N N 129 
HIS N   H    sing N N 130 
HIS N   H2   sing N N 131 
HIS CA  C    sing N N 132 
HIS CA  CB   sing N N 133 
HIS CA  HA   sing N N 134 
HIS C   O    doub N N 135 
HIS C   OXT  sing N N 136 
HIS CB  CG   sing N N 137 
HIS CB  HB2  sing N N 138 
HIS CB  HB3  sing N N 139 
HIS CG  ND1  sing Y N 140 
HIS CG  CD2  doub Y N 141 
HIS ND1 CE1  doub Y N 142 
HIS ND1 HD1  sing N N 143 
HIS CD2 NE2  sing Y N 144 
HIS CD2 HD2  sing N N 145 
HIS CE1 NE2  sing Y N 146 
HIS CE1 HE1  sing N N 147 
HIS NE2 HE2  sing N N 148 
HIS OXT HXT  sing N N 149 
HOH O   H1   sing N N 150 
HOH O   H2   sing N N 151 
ILE N   CA   sing N N 152 
ILE N   H    sing N N 153 
ILE N   H2   sing N N 154 
ILE CA  C    sing N N 155 
ILE CA  CB   sing N N 156 
ILE CA  HA   sing N N 157 
ILE C   O    doub N N 158 
ILE C   OXT  sing N N 159 
ILE CB  CG1  sing N N 160 
ILE CB  CG2  sing N N 161 
ILE CB  HB   sing N N 162 
ILE CG1 CD1  sing N N 163 
ILE CG1 HG12 sing N N 164 
ILE CG1 HG13 sing N N 165 
ILE CG2 HG21 sing N N 166 
ILE CG2 HG22 sing N N 167 
ILE CG2 HG23 sing N N 168 
ILE CD1 HD11 sing N N 169 
ILE CD1 HD12 sing N N 170 
ILE CD1 HD13 sing N N 171 
ILE OXT HXT  sing N N 172 
LEU N   CA   sing N N 173 
LEU N   H    sing N N 174 
LEU N   H2   sing N N 175 
LEU CA  C    sing N N 176 
LEU CA  CB   sing N N 177 
LEU CA  HA   sing N N 178 
LEU C   O    doub N N 179 
LEU C   OXT  sing N N 180 
LEU CB  CG   sing N N 181 
LEU CB  HB2  sing N N 182 
LEU CB  HB3  sing N N 183 
LEU CG  CD1  sing N N 184 
LEU CG  CD2  sing N N 185 
LEU CG  HG   sing N N 186 
LEU CD1 HD11 sing N N 187 
LEU CD1 HD12 sing N N 188 
LEU CD1 HD13 sing N N 189 
LEU CD2 HD21 sing N N 190 
LEU CD2 HD22 sing N N 191 
LEU CD2 HD23 sing N N 192 
LEU OXT HXT  sing N N 193 
LYS N   CA   sing N N 194 
LYS N   H    sing N N 195 
LYS N   H2   sing N N 196 
LYS CA  C    sing N N 197 
LYS CA  CB   sing N N 198 
LYS CA  HA   sing N N 199 
LYS C   O    doub N N 200 
LYS C   OXT  sing N N 201 
LYS CB  CG   sing N N 202 
LYS CB  HB2  sing N N 203 
LYS CB  HB3  sing N N 204 
LYS CG  CD   sing N N 205 
LYS CG  HG2  sing N N 206 
LYS CG  HG3  sing N N 207 
LYS CD  CE   sing N N 208 
LYS CD  HD2  sing N N 209 
LYS CD  HD3  sing N N 210 
LYS CE  NZ   sing N N 211 
LYS CE  HE2  sing N N 212 
LYS CE  HE3  sing N N 213 
LYS NZ  HZ1  sing N N 214 
LYS NZ  HZ2  sing N N 215 
LYS NZ  HZ3  sing N N 216 
LYS OXT HXT  sing N N 217 
MET N   CA   sing N N 218 
MET N   H    sing N N 219 
MET N   H2   sing N N 220 
MET CA  C    sing N N 221 
MET CA  CB   sing N N 222 
MET CA  HA   sing N N 223 
MET C   O    doub N N 224 
MET C   OXT  sing N N 225 
MET CB  CG   sing N N 226 
MET CB  HB2  sing N N 227 
MET CB  HB3  sing N N 228 
MET CG  SD   sing N N 229 
MET CG  HG2  sing N N 230 
MET CG  HG3  sing N N 231 
MET SD  CE   sing N N 232 
MET CE  HE1  sing N N 233 
MET CE  HE2  sing N N 234 
MET CE  HE3  sing N N 235 
MET OXT HXT  sing N N 236 
PHE N   CA   sing N N 237 
PHE N   H    sing N N 238 
PHE N   H2   sing N N 239 
PHE CA  C    sing N N 240 
PHE CA  CB   sing N N 241 
PHE CA  HA   sing N N 242 
PHE C   O    doub N N 243 
PHE C   OXT  sing N N 244 
PHE CB  CG   sing N N 245 
PHE CB  HB2  sing N N 246 
PHE CB  HB3  sing N N 247 
PHE CG  CD1  doub Y N 248 
PHE CG  CD2  sing Y N 249 
PHE CD1 CE1  sing Y N 250 
PHE CD1 HD1  sing N N 251 
PHE CD2 CE2  doub Y N 252 
PHE CD2 HD2  sing N N 253 
PHE CE1 CZ   doub Y N 254 
PHE CE1 HE1  sing N N 255 
PHE CE2 CZ   sing Y N 256 
PHE CE2 HE2  sing N N 257 
PHE CZ  HZ   sing N N 258 
PHE OXT HXT  sing N N 259 
PRO N   CA   sing N N 260 
PRO N   CD   sing N N 261 
PRO N   H    sing N N 262 
PRO CA  C    sing N N 263 
PRO CA  CB   sing N N 264 
PRO CA  HA   sing N N 265 
PRO C   O    doub N N 266 
PRO C   OXT  sing N N 267 
PRO CB  CG   sing N N 268 
PRO CB  HB2  sing N N 269 
PRO CB  HB3  sing N N 270 
PRO CG  CD   sing N N 271 
PRO CG  HG2  sing N N 272 
PRO CG  HG3  sing N N 273 
PRO CD  HD2  sing N N 274 
PRO CD  HD3  sing N N 275 
PRO OXT HXT  sing N N 276 
SER N   CA   sing N N 277 
SER N   H    sing N N 278 
SER N   H2   sing N N 279 
SER CA  C    sing N N 280 
SER CA  CB   sing N N 281 
SER CA  HA   sing N N 282 
SER C   O    doub N N 283 
SER C   OXT  sing N N 284 
SER CB  OG   sing N N 285 
SER CB  HB2  sing N N 286 
SER CB  HB3  sing N N 287 
SER OG  HG   sing N N 288 
SER OXT HXT  sing N N 289 
THR N   CA   sing N N 290 
THR N   H    sing N N 291 
THR N   H2   sing N N 292 
THR CA  C    sing N N 293 
THR CA  CB   sing N N 294 
THR CA  HA   sing N N 295 
THR C   O    doub N N 296 
THR C   OXT  sing N N 297 
THR CB  OG1  sing N N 298 
THR CB  CG2  sing N N 299 
THR CB  HB   sing N N 300 
THR OG1 HG1  sing N N 301 
THR CG2 HG21 sing N N 302 
THR CG2 HG22 sing N N 303 
THR CG2 HG23 sing N N 304 
THR OXT HXT  sing N N 305 
TRP N   CA   sing N N 306 
TRP N   H    sing N N 307 
TRP N   H2   sing N N 308 
TRP CA  C    sing N N 309 
TRP CA  CB   sing N N 310 
TRP CA  HA   sing N N 311 
TRP C   O    doub N N 312 
TRP C   OXT  sing N N 313 
TRP CB  CG   sing N N 314 
TRP CB  HB2  sing N N 315 
TRP CB  HB3  sing N N 316 
TRP CG  CD1  doub Y N 317 
TRP CG  CD2  sing Y N 318 
TRP CD1 NE1  sing Y N 319 
TRP CD1 HD1  sing N N 320 
TRP CD2 CE2  doub Y N 321 
TRP CD2 CE3  sing Y N 322 
TRP NE1 CE2  sing Y N 323 
TRP NE1 HE1  sing N N 324 
TRP CE2 CZ2  sing Y N 325 
TRP CE3 CZ3  doub Y N 326 
TRP CE3 HE3  sing N N 327 
TRP CZ2 CH2  doub Y N 328 
TRP CZ2 HZ2  sing N N 329 
TRP CZ3 CH2  sing Y N 330 
TRP CZ3 HZ3  sing N N 331 
TRP CH2 HH2  sing N N 332 
TRP OXT HXT  sing N N 333 
TYR N   CA   sing N N 334 
TYR N   H    sing N N 335 
TYR N   H2   sing N N 336 
TYR CA  C    sing N N 337 
TYR CA  CB   sing N N 338 
TYR CA  HA   sing N N 339 
TYR C   O    doub N N 340 
TYR C   OXT  sing N N 341 
TYR CB  CG   sing N N 342 
TYR CB  HB2  sing N N 343 
TYR CB  HB3  sing N N 344 
TYR CG  CD1  doub Y N 345 
TYR CG  CD2  sing Y N 346 
TYR CD1 CE1  sing Y N 347 
TYR CD1 HD1  sing N N 348 
TYR CD2 CE2  doub Y N 349 
TYR CD2 HD2  sing N N 350 
TYR CE1 CZ   doub Y N 351 
TYR CE1 HE1  sing N N 352 
TYR CE2 CZ   sing Y N 353 
TYR CE2 HE2  sing N N 354 
TYR CZ  OH   sing N N 355 
TYR OH  HH   sing N N 356 
TYR OXT HXT  sing N N 357 
VAL N   CA   sing N N 358 
VAL N   H    sing N N 359 
VAL N   H2   sing N N 360 
VAL CA  C    sing N N 361 
VAL CA  CB   sing N N 362 
VAL CA  HA   sing N N 363 
VAL C   O    doub N N 364 
VAL C   OXT  sing N N 365 
VAL CB  CG1  sing N N 366 
VAL CB  CG2  sing N N 367 
VAL CB  HB   sing N N 368 
VAL CG1 HG11 sing N N 369 
VAL CG1 HG12 sing N N 370 
VAL CG1 HG13 sing N N 371 
VAL CG2 HG21 sing N N 372 
VAL CG2 HG22 sing N N 373 
VAL CG2 HG23 sing N N 374 
VAL OXT HXT  sing N N 375 
# 
_pdbx_initial_refinement_model.id               1 
_pdbx_initial_refinement_model.entity_id_list   ? 
_pdbx_initial_refinement_model.type             'experimental model' 
_pdbx_initial_refinement_model.source_name      PDB 
_pdbx_initial_refinement_model.accession_code   4LLD 
_pdbx_initial_refinement_model.details          'PDB ENTRY 4LLD' 
# 
_atom_sites.entry_id                    4LLM 
_atom_sites.fract_transf_matrix[1][1]   0.00554805 
_atom_sites.fract_transf_matrix[1][2]   -0.01385078 
_atom_sites.fract_transf_matrix[1][3]   -0.01679973 
_atom_sites.fract_transf_matrix[2][1]   -0.00472792 
_atom_sites.fract_transf_matrix[2][2]   -0.01275835 
_atom_sites.fract_transf_matrix[2][3]   0.00895743 
_atom_sites.fract_transf_matrix[3][1]   -0.01293077 
_atom_sites.fract_transf_matrix[3][2]   0.00113607 
_atom_sites.fract_transf_matrix[3][3]   -0.00520699 
_atom_sites.fract_transf_vector[1]      0.276600 
_atom_sites.fract_transf_vector[2]      0.025844 
_atom_sites.fract_transf_vector[3]      0.069409 
# 
loop_
_atom_type.symbol 
C 
N 
O 
S 
# 
loop_
_atom_site.group_PDB 
_atom_site.id 
_atom_site.type_symbol 
_atom_site.label_atom_id 
_atom_site.label_alt_id 
_atom_site.label_comp_id 
_atom_site.label_asym_id 
_atom_site.label_entity_id 
_atom_site.label_seq_id 
_atom_site.pdbx_PDB_ins_code 
_atom_site.Cartn_x 
_atom_site.Cartn_y 
_atom_site.Cartn_z 
_atom_site.occupancy 
_atom_site.B_iso_or_equiv 
_atom_site.pdbx_formal_charge 
_atom_site.auth_seq_id 
_atom_site.auth_comp_id 
_atom_site.auth_asym_id 
_atom_site.auth_atom_id 
_atom_site.pdbx_PDB_model_num 
ATOM   1    N N   . ALA A 1 1   ? -22.929 -12.655 -14.485 1.00 26.67 ? 133 ALA A N   1 
ATOM   2    C CA  . ALA A 1 1   ? -22.031 -13.063 -13.364 1.00 25.73 ? 133 ALA A CA  1 
ATOM   3    C C   . ALA A 1 1   ? -22.056 -12.016 -12.263 1.00 24.45 ? 133 ALA A C   1 
ATOM   4    O O   . ALA A 1 1   ? -22.267 -10.830 -12.524 1.00 26.77 ? 133 ALA A O   1 
ATOM   5    C CB  . ALA A 1 1   ? -20.619 -13.265 -13.864 1.00 26.99 ? 133 ALA A CB  1 
ATOM   6    N N   . SER A 1 2   ? -21.855 -12.461 -11.026 1.00 20.56 ? 134 SER A N   1 
ATOM   7    C CA  . SER A 1 2   ? -21.830 -11.559 -9.892  1.00 20.40 ? 134 SER A CA  1 
ATOM   8    C C   . SER A 1 2   ? -20.486 -10.840 -9.866  1.00 20.32 ? 134 SER A C   1 
ATOM   9    O O   . SER A 1 2   ? -19.436 -11.463 -10.065 1.00 17.68 ? 134 SER A O   1 
ATOM   10   C CB  . SER A 1 2   ? -22.042 -12.326 -8.594  1.00 21.23 ? 134 SER A CB  1 
ATOM   11   O OG  . SER A 1 2   ? -21.913 -11.455 -7.486  1.00 30.92 ? 134 SER A OG  1 
ATOM   12   N N   . THR A 1 3   ? -20.531 -9.524  -9.665  1.00 17.13 ? 135 THR A N   1 
ATOM   13   C CA  . THR A 1 3   ? -19.311 -8.703  -9.616  1.00 17.10 ? 135 THR A CA  1 
ATOM   14   C C   . THR A 1 3   ? -19.454 -7.675  -8.497  1.00 17.14 ? 135 THR A C   1 
ATOM   15   O O   . THR A 1 3   ? -20.560 -7.436  -8.021  1.00 16.98 ? 135 THR A O   1 
ATOM   16   C CB  . THR A 1 3   ? -19.020 -7.971  -10.961 1.00 17.70 ? 135 THR A CB  1 
ATOM   17   O OG1 . THR A 1 3   ? -20.097 -7.087  -11.279 1.00 20.44 ? 135 THR A OG1 1 
ATOM   18   C CG2 . THR A 1 3   ? -18.830 -8.954  -12.132 1.00 18.24 ? 135 THR A CG2 1 
ATOM   19   N N   . LYS A 1 4   ? -18.335 -7.107  -8.045  1.00 14.59 ? 136 LYS A N   1 
ATOM   20   C CA  . LYS A 1 4   ? -18.352 -6.009  -7.078  1.00 13.04 ? 136 LYS A CA  1 
ATOM   21   C C   . LYS A 1 4   ? -17.214 -5.073  -7.459  1.00 13.68 ? 136 LYS A C   1 
ATOM   22   O O   . LYS A 1 4   ? -16.079 -5.500  -7.564  1.00 12.07 ? 136 LYS A O   1 
ATOM   23   C CB  . LYS A 1 4   ? -18.161 -6.541  -5.660  1.00 13.14 ? 136 LYS A CB  1 
ATOM   24   C CG  . LYS A 1 4   ? -18.235 -5.475  -4.560  1.00 16.41 ? 136 LYS A CG  1 
ATOM   25   C CD  . LYS A 1 4   ? -18.097 -6.123  -3.203  1.00 19.96 ? 136 LYS A CD  1 
ATOM   26   C CE  . LYS A 1 4   ? -18.336 -5.138  -2.073  1.00 26.28 ? 136 LYS A CE  1 
ATOM   27   N NZ  . LYS A 1 4   ? -17.339 -4.037  -2.090  1.00 28.42 ? 136 LYS A NZ  1 
ATOM   28   N N   . GLY A 1 5   ? -17.536 -3.804  -7.710  1.00 15.14 ? 137 GLY A N   1 
ATOM   29   C CA  . GLY A 1 5   ? -16.530 -2.820  -8.092  1.00 15.99 ? 137 GLY A CA  1 
ATOM   30   C C   . GLY A 1 5   ? -15.701 -2.390  -6.883  1.00 15.40 ? 137 GLY A C   1 
ATOM   31   O O   . GLY A 1 5   ? -16.150 -2.517  -5.749  1.00 16.57 ? 137 GLY A O   1 
ATOM   32   N N   . PRO A 1 6   ? -14.483 -1.880  -7.124  1.00 15.05 ? 138 PRO A N   1 
ATOM   33   C CA  . PRO A 1 6   ? -13.581 -1.548  -6.033  1.00 14.80 ? 138 PRO A CA  1 
ATOM   34   C C   . PRO A 1 6   ? -13.885 -0.192  -5.407  1.00 14.21 ? 138 PRO A C   1 
ATOM   35   O O   . PRO A 1 6   ? -14.437 0.680   -6.077  1.00 17.56 ? 138 PRO A O   1 
ATOM   36   C CB  . PRO A 1 6   ? -12.216 -1.482  -6.723  1.00 17.28 ? 138 PRO A CB  1 
ATOM   37   C CG  . PRO A 1 6   ? -12.520 -1.022  -8.098  1.00 18.69 ? 138 PRO A CG  1 
ATOM   38   C CD  . PRO A 1 6   ? -13.870 -1.627  -8.447  1.00 17.72 ? 138 PRO A CD  1 
ATOM   39   N N   . SER A 1 7   ? -13.529 -0.045  -4.133  1.00 15.19 ? 139 SER A N   1 
ATOM   40   C CA  . SER A 1 7   ? -13.464 1.258   -3.470  1.00 14.73 ? 139 SER A CA  1 
ATOM   41   C C   . SER A 1 7   ? -12.010 1.664   -3.470  1.00 14.92 ? 139 SER A C   1 
ATOM   42   O O   . SER A 1 7   ? -11.141 0.858   -3.148  1.00 16.67 ? 139 SER A O   1 
ATOM   43   C CB  . SER A 1 7   ? -13.961 1.164   -2.029  1.00 16.87 ? 139 SER A CB  1 
ATOM   44   O OG  . SER A 1 7   ? -15.258 0.609   -1.993  1.00 24.23 ? 139 SER A OG  1 
ATOM   45   N N   . VAL A 1 8   ? -11.744 2.911   -3.830  1.00 12.67 ? 140 VAL A N   1 
ATOM   46   C CA  . VAL A 1 8   ? -10.358 3.370   -3.982  1.00 9.74  ? 140 VAL A CA  1 
ATOM   47   C C   . VAL A 1 8   ? -10.055 4.477   -2.979  1.00 12.11 ? 140 VAL A C   1 
ATOM   48   O O   . VAL A 1 8   ? -10.791 5.473   -2.879  1.00 12.90 ? 140 VAL A O   1 
ATOM   49   C CB  . VAL A 1 8   ? -10.049 3.793   -5.441  1.00 10.17 ? 140 VAL A CB  1 
ATOM   50   C CG1 . VAL A 1 8   ? -8.588  4.187   -5.587  1.00 12.65 ? 140 VAL A CG1 1 
ATOM   51   C CG2 . VAL A 1 8   ? -10.360 2.617   -6.383  1.00 11.91 ? 140 VAL A CG2 1 
ATOM   52   N N   . PHE A 1 9   ? -8.993  4.272   -2.212  1.00 9.68  ? 141 PHE A N   1 
ATOM   53   C CA  . PHE A 1 9   ? -8.595  5.245   -1.211  1.00 10.95 ? 141 PHE A CA  1 
ATOM   54   C C   . PHE A 1 9   ? -7.181  5.738   -1.451  1.00 10.61 ? 141 PHE A C   1 
ATOM   55   O O   . PHE A 1 9   ? -6.320  4.970   -1.887  1.00 12.85 ? 141 PHE A O   1 
ATOM   56   C CB  . PHE A 1 9   ? -8.692  4.609   0.165   1.00 12.41 ? 141 PHE A CB  1 
ATOM   57   C CG  . PHE A 1 9   ? -10.083 4.208   0.517   1.00 12.38 ? 141 PHE A CG  1 
ATOM   58   C CD1 . PHE A 1 9   ? -11.002 5.155   0.946   1.00 16.18 ? 141 PHE A CD1 1 
ATOM   59   C CD2 . PHE A 1 9   ? -10.492 2.892   0.377   1.00 16.38 ? 141 PHE A CD2 1 
ATOM   60   C CE1 . PHE A 1 9   ? -12.303 4.793   1.249   1.00 16.93 ? 141 PHE A CE1 1 
ATOM   61   C CE2 . PHE A 1 9   ? -11.797 2.521   0.701   1.00 21.13 ? 141 PHE A CE2 1 
ATOM   62   C CZ  . PHE A 1 9   ? -12.697 3.482   1.125   1.00 17.58 ? 141 PHE A CZ  1 
ATOM   63   N N   . PRO A 1 10  ? -6.926  7.012   -1.143  1.00 12.23 ? 142 PRO A N   1 
ATOM   64   C CA  . PRO A 1 10  ? -5.585  7.536   -1.337  1.00 12.84 ? 142 PRO A CA  1 
ATOM   65   C C   . PRO A 1 10  ? -4.629  7.129   -0.219  1.00 12.69 ? 142 PRO A C   1 
ATOM   66   O O   . PRO A 1 10  ? -5.044  7.042   0.940   1.00 12.33 ? 142 PRO A O   1 
ATOM   67   C CB  . PRO A 1 10  ? -5.806  9.054   -1.283  1.00 13.31 ? 142 PRO A CB  1 
ATOM   68   C CG  . PRO A 1 10  ? -6.976  9.222   -0.355  1.00 13.42 ? 142 PRO A CG  1 
ATOM   69   C CD  . PRO A 1 10  ? -7.863  8.030   -0.623  1.00 12.89 ? 142 PRO A CD  1 
ATOM   70   N N   . LEU A 1 11  ? -3.375  6.893   -0.582  1.00 11.13 ? 143 LEU A N   1 
ATOM   71   C CA  . LEU A 1 11  ? -2.276  6.732   0.387   1.00 10.98 ? 143 LEU A CA  1 
ATOM   72   C C   . LEU A 1 11  ? -1.386  7.955   0.246   1.00 10.70 ? 143 LEU A C   1 
ATOM   73   O O   . LEU A 1 11  ? -0.463  8.010   -0.581  1.00 11.34 ? 143 LEU A O   1 
ATOM   74   C CB  . LEU A 1 11  ? -1.522  5.420   0.183   1.00 11.11 ? 143 LEU A CB  1 
ATOM   75   C CG  . LEU A 1 11  ? -2.432  4.178   0.217   1.00 11.41 ? 143 LEU A CG  1 
ATOM   76   C CD1 . LEU A 1 11  ? -1.628  2.926   -0.132  1.00 12.51 ? 143 LEU A CD1 1 
ATOM   77   C CD2 . LEU A 1 11  ? -3.125  3.985   1.573   1.00 12.31 ? 143 LEU A CD2 1 
ATOM   78   N N   . ALA A 1 12  ? -1.694  8.942   1.079   1.00 12.36 ? 144 ALA A N   1 
ATOM   79   C CA  . ALA A 1 12  ? -1.181  10.287  0.909   1.00 15.22 ? 144 ALA A CA  1 
ATOM   80   C C   . ALA A 1 12  ? 0.291   10.389  1.272   1.00 15.90 ? 144 ALA A C   1 
ATOM   81   O O   . ALA A 1 12  ? 0.732   9.781   2.245   1.00 16.13 ? 144 ALA A O   1 
ATOM   82   C CB  . ALA A 1 12  ? -2.004  11.261  1.736   1.00 16.28 ? 144 ALA A CB  1 
ATOM   83   N N   . PRO A 1 13  ? 1.059   11.151  0.476   1.00 15.98 ? 145 PRO A N   1 
ATOM   84   C CA  . PRO A 1 13  ? 2.446   11.392  0.846   1.00 17.92 ? 145 PRO A CA  1 
ATOM   85   C C   . PRO A 1 13  ? 2.479   12.395  2.002   1.00 19.68 ? 145 PRO A C   1 
ATOM   86   O O   . PRO A 1 13  ? 1.602   13.269  2.107   1.00 20.84 ? 145 PRO A O   1 
ATOM   87   C CB  . PRO A 1 13  ? 3.050   12.012  -0.410  1.00 16.66 ? 145 PRO A CB  1 
ATOM   88   C CG  . PRO A 1 13  ? 1.913   12.676  -1.103  1.00 17.81 ? 145 PRO A CG  1 
ATOM   89   C CD  . PRO A 1 13  ? 0.652   11.909  -0.720  1.00 14.20 ? 145 PRO A CD  1 
ATOM   90   N N   . SER A 1 14  ? 3.469   12.256  2.867   1.00 20.06 ? 146 SER A N   1 
ATOM   91   C CA  . SER A 1 14  ? 3.685   13.229  3.949   1.00 23.44 ? 146 SER A CA  1 
ATOM   92   C C   . SER A 1 14  ? 5.156   13.212  4.317   1.00 23.93 ? 146 SER A C   1 
ATOM   93   O O   . SER A 1 14  ? 5.927   12.441  3.753   1.00 21.30 ? 146 SER A O   1 
ATOM   94   C CB  . SER A 1 14  ? 2.840   12.873  5.178   1.00 24.74 ? 146 SER A CB  1 
ATOM   95   O OG  . SER A 1 14  ? 3.187   11.586  5.677   1.00 26.43 ? 146 SER A OG  1 
ATOM   96   N N   . SER A 1 15  ? 5.552   14.062  5.263   1.00 24.53 ? 147 SER A N   1 
ATOM   97   C CA  . SER A 1 15  ? 6.916   13.977  5.809   1.00 27.05 ? 147 SER A CA  1 
ATOM   98   C C   . SER A 1 15  ? 7.249   12.550  6.278   1.00 26.20 ? 147 SER A C   1 
ATOM   99   O O   . SER A 1 15  ? 8.405   12.123  6.230   1.00 26.89 ? 147 SER A O   1 
ATOM   100  C CB  . SER A 1 15  ? 7.095   14.966  6.961   1.00 27.45 ? 147 SER A CB  1 
ATOM   101  O OG  . SER A 1 15  ? 6.197   14.680  8.021   1.00 32.93 ? 147 SER A OG  1 
ATOM   102  N N   . LYS A 1 16  ? 6.224   11.816  6.711   1.00 26.83 ? 148 LYS A N   1 
ATOM   103  C CA  . LYS A 1 16  ? 6.395   10.458  7.227   1.00 27.15 ? 148 LYS A CA  1 
ATOM   104  C C   . LYS A 1 16  ? 6.522   9.381   6.136   1.00 27.00 ? 148 LYS A C   1 
ATOM   105  O O   . LYS A 1 16  ? 6.910   8.246   6.428   1.00 29.05 ? 148 LYS A O   1 
ATOM   106  C CB  . LYS A 1 16  ? 5.275   10.113  8.228   1.00 29.19 ? 148 LYS A CB  1 
ATOM   107  C CG  . LYS A 1 16  ? 5.508   10.643  9.656   1.00 31.87 ? 148 LYS A CG  1 
ATOM   108  C CD  . LYS A 1 16  ? 5.046   12.089  9.844   1.00 38.39 ? 148 LYS A CD  1 
ATOM   109  N N   . SER A 1 17  ? 6.198   9.725   4.884   1.00 22.09 ? 149 SER A N   1 
ATOM   110  C CA  . SER A 1 17  ? 6.393   8.773   3.789   1.00 19.06 ? 149 SER A CA  1 
ATOM   111  C C   . SER A 1 17  ? 7.560   9.187   2.888   1.00 19.37 ? 149 SER A C   1 
ATOM   112  O O   . SER A 1 17  ? 7.749   8.647   1.794   1.00 18.30 ? 149 SER A O   1 
ATOM   113  C CB  . SER A 1 17  ? 5.089   8.567   2.990   1.00 19.38 ? 149 SER A CB  1 
ATOM   114  O OG  . SER A 1 17  ? 4.841   9.662   2.115   1.00 20.74 ? 149 SER A OG  1 
ATOM   115  N N   . THR A 1 18  ? 8.357   10.129  3.383   1.00 20.98 ? 150 THR A N   1 
ATOM   116  C CA  . THR A 1 18  ? 9.439   10.723  2.625   1.00 22.30 ? 150 THR A CA  1 
ATOM   117  C C   . THR A 1 18  ? 10.769  10.424  3.308   1.00 23.42 ? 150 THR A C   1 
ATOM   118  O O   . THR A 1 18  ? 10.897  10.547  4.529   1.00 23.55 ? 150 THR A O   1 
ATOM   119  C CB  . THR A 1 18  ? 9.240   12.264  2.492   1.00 24.44 ? 150 THR A CB  1 
ATOM   120  O OG1 . THR A 1 18  ? 7.934   12.538  1.975   1.00 25.37 ? 150 THR A OG1 1 
ATOM   121  C CG2 . THR A 1 18  ? 10.287  12.901  1.561   1.00 21.55 ? 150 THR A CG2 1 
ATOM   122  N N   . SER A 1 19  ? 11.746  10.015  2.508   1.00 22.62 ? 151 SER A N   1 
ATOM   123  C CA  . SER A 1 19  ? 13.091  9.785   2.998   1.00 24.97 ? 151 SER A CA  1 
ATOM   124  C C   . SER A 1 19  ? 14.070  10.381  2.005   1.00 25.68 ? 151 SER A C   1 
ATOM   125  O O   . SER A 1 19  ? 14.039  10.048  0.812   1.00 24.58 ? 151 SER A O   1 
ATOM   126  C CB  . SER A 1 19  ? 13.357  8.283   3.184   1.00 27.07 ? 151 SER A CB  1 
ATOM   127  O OG  . SER A 1 19  ? 14.687  8.064   3.632   1.00 29.29 ? 151 SER A OG  1 
ATOM   128  N N   . GLY A 1 20  ? 14.920  11.279  2.503   1.00 25.59 ? 152 GLY A N   1 
ATOM   129  C CA  . GLY A 1 20  ? 15.955  11.922  1.693   1.00 27.67 ? 152 GLY A CA  1 
ATOM   130  C C   . GLY A 1 20  ? 15.473  12.540  0.389   1.00 28.57 ? 152 GLY A C   1 
ATOM   131  O O   . GLY A 1 20  ? 16.073  12.315  -0.661  1.00 29.87 ? 152 GLY A O   1 
ATOM   132  N N   . GLY A 1 21  ? 14.381  13.302  0.452   1.00 28.27 ? 153 GLY A N   1 
ATOM   133  C CA  . GLY A 1 21  ? 13.866  14.010  -0.723  1.00 28.17 ? 153 GLY A CA  1 
ATOM   134  C C   . GLY A 1 21  ? 13.069  13.175  -1.725  1.00 27.54 ? 153 GLY A C   1 
ATOM   135  O O   . GLY A 1 21  ? 12.709  13.671  -2.793  1.00 25.62 ? 153 GLY A O   1 
ATOM   136  N N   . THR A 1 22  ? 12.815  11.909  -1.392  1.00 24.10 ? 154 THR A N   1 
ATOM   137  C CA  . THR A 1 22  ? 11.929  11.045  -2.188  1.00 24.12 ? 154 THR A CA  1 
ATOM   138  C C   . THR A 1 22  ? 10.681  10.694  -1.381  1.00 22.41 ? 154 THR A C   1 
ATOM   139  O O   . THR A 1 22  ? 10.793  10.168  -0.277  1.00 22.54 ? 154 THR A O   1 
ATOM   140  C CB  . THR A 1 22  ? 12.659  9.775   -2.595  1.00 25.08 ? 154 THR A CB  1 
ATOM   141  O OG1 . THR A 1 22  ? 13.768  10.135  -3.428  1.00 29.62 ? 154 THR A OG1 1 
ATOM   142  C CG2 . THR A 1 22  ? 11.749  8.823   -3.360  1.00 28.17 ? 154 THR A CG2 1 
ATOM   143  N N   . ALA A 1 23  ? 9.502   10.990  -1.932  1.00 20.50 ? 155 ALA A N   1 
ATOM   144  C CA  . ALA A 1 23  ? 8.234   10.700  -1.257  1.00 16.56 ? 155 ALA A CA  1 
ATOM   145  C C   . ALA A 1 23  ? 7.540   9.498   -1.899  1.00 17.89 ? 155 ALA A C   1 
ATOM   146  O O   . ALA A 1 23  ? 7.556   9.340   -3.123  1.00 17.09 ? 155 ALA A O   1 
ATOM   147  C CB  . ALA A 1 23  ? 7.320   11.914  -1.324  1.00 16.22 ? 155 ALA A CB  1 
ATOM   148  N N   . ALA A 1 24  ? 6.918   8.660   -1.075  1.00 15.08 ? 156 ALA A N   1 
ATOM   149  C CA  . ALA A 1 24  ? 6.109   7.559   -1.583  1.00 15.25 ? 156 ALA A CA  1 
ATOM   150  C C   . ALA A 1 24  ? 4.656   7.944   -1.388  1.00 13.97 ? 156 ALA A C   1 
ATOM   151  O O   . ALA A 1 24  ? 4.292   8.571   -0.389  1.00 13.04 ? 156 ALA A O   1 
ATOM   152  C CB  . ALA A 1 24  ? 6.419   6.259   -0.844  1.00 14.81 ? 156 ALA A CB  1 
ATOM   153  N N   . LEU A 1 25  ? 3.840   7.593   -2.376  1.00 13.74 ? 157 LEU A N   1 
ATOM   154  C CA  . LEU A 1 25  ? 2.407   7.728   -2.272  1.00 12.56 ? 157 LEU A CA  1 
ATOM   155  C C   . LEU A 1 25  ? 1.777   6.535   -2.979  1.00 10.59 ? 157 LEU A C   1 
ATOM   156  O O   . LEU A 1 25  ? 2.456   5.756   -3.653  1.00 10.66 ? 157 LEU A O   1 
ATOM   157  C CB  . LEU A 1 25  ? 1.934   9.042   -2.896  1.00 10.24 ? 157 LEU A CB  1 
ATOM   158  C CG  . LEU A 1 25  ? 2.365   9.288   -4.351  1.00 13.17 ? 157 LEU A CG  1 
ATOM   159  C CD1 . LEU A 1 25  ? 1.172   9.296   -5.260  1.00 23.42 ? 157 LEU A CD1 1 
ATOM   160  C CD2 . LEU A 1 25  ? 3.088   10.623  -4.438  1.00 23.29 ? 157 LEU A CD2 1 
ATOM   161  N N   . GLY A 1 26  ? 0.471   6.388   -2.850  1.00 10.95 ? 158 GLY A N   1 
ATOM   162  C CA  . GLY A 1 26  ? -0.147  5.231   -3.462  1.00 11.73 ? 158 GLY A CA  1 
ATOM   163  C C   . GLY A 1 26  ? -1.647  5.300   -3.491  1.00 10.45 ? 158 GLY A C   1 
ATOM   164  O O   . GLY A 1 26  ? -2.249  6.314   -3.129  1.00 8.55  ? 158 GLY A O   1 
ATOM   165  N N   . CYS A 1 27  ? -2.248  4.202   -3.931  1.00 9.97  ? 159 CYS A N   1 
ATOM   166  C CA  . CYS A 1 27  ? -3.695  4.022   -3.810  1.00 13.12 ? 159 CYS A CA  1 
ATOM   167  C C   . CYS A 1 27  ? -4.014  2.611   -3.397  1.00 12.97 ? 159 CYS A C   1 
ATOM   168  O O   . CYS A 1 27  ? -3.367  1.657   -3.818  1.00 12.20 ? 159 CYS A O   1 
ATOM   169  C CB  A CYS A 1 27  ? -4.374  4.250   -5.161  0.50 14.81 ? 159 CYS A CB  1 
ATOM   170  C CB  B CYS A 1 27  ? -4.478  4.481   -5.048  0.50 15.07 ? 159 CYS A CB  1 
ATOM   171  S SG  A CYS A 1 27  ? -4.628  5.948   -5.567  0.50 14.67 ? 159 CYS A SG  1 
ATOM   172  S SG  B CYS A 1 27  ? -4.005  3.660   -6.533  0.50 16.74 ? 159 CYS A SG  1 
ATOM   173  N N   . LEU A 1 28  ? -5.007  2.510   -2.531  1.00 10.96 ? 160 LEU A N   1 
ATOM   174  C CA  . LEU A 1 28  ? -5.478  1.244   -2.034  1.00 10.24 ? 160 LEU A CA  1 
ATOM   175  C C   . LEU A 1 28  ? -6.784  0.917   -2.747  1.00 10.25 ? 160 LEU A C   1 
ATOM   176  O O   . LEU A 1 28  ? -7.708  1.723   -2.750  1.00 9.63  ? 160 LEU A O   1 
ATOM   177  C CB  . LEU A 1 28  ? -5.751  1.372   -0.545  1.00 10.78 ? 160 LEU A CB  1 
ATOM   178  C CG  . LEU A 1 28  ? -6.358  0.149   0.127   1.00 11.69 ? 160 LEU A CG  1 
ATOM   179  C CD1 . LEU A 1 28  ? -5.434  -1.070  0.055   1.00 13.14 ? 160 LEU A CD1 1 
ATOM   180  C CD2 . LEU A 1 28  ? -6.668  0.512   1.565   1.00 17.07 ? 160 LEU A CD2 1 
ATOM   181  N N   . VAL A 1 29  ? -6.847  -0.269  -3.332  1.00 8.96  ? 161 VAL A N   1 
ATOM   182  C CA  . VAL A 1 29  ? -7.995  -0.678  -4.158  1.00 9.42  ? 161 VAL A CA  1 
ATOM   183  C C   . VAL A 1 29  ? -8.661  -1.825  -3.409  1.00 11.21 ? 161 VAL A C   1 
ATOM   184  O O   . VAL A 1 29  ? -8.153  -2.957  -3.401  1.00 12.45 ? 161 VAL A O   1 
ATOM   185  C CB  . VAL A 1 29  ? -7.560  -1.104  -5.591  1.00 9.40  ? 161 VAL A CB  1 
ATOM   186  C CG1 . VAL A 1 29  ? -8.764  -1.524  -6.441  1.00 12.30 ? 161 VAL A CG1 1 
ATOM   187  C CG2 . VAL A 1 29  ? -6.839  0.043   -6.313  1.00 12.29 ? 161 VAL A CG2 1 
ATOM   188  N N   . LYS A 1 30  ? -9.778  -1.520  -2.748  1.00 10.19 ? 162 LYS A N   1 
ATOM   189  C CA  . LYS A 1 30  ? -10.369 -2.441  -1.776  1.00 12.78 ? 162 LYS A CA  1 
ATOM   190  C C   . LYS A 1 30  ? -11.596 -3.197  -2.263  1.00 12.23 ? 162 LYS A C   1 
ATOM   191  O O   . LYS A 1 30  ? -12.488 -2.621  -2.873  1.00 13.34 ? 162 LYS A O   1 
ATOM   192  C CB  . LYS A 1 30  ? -10.790 -1.669  -0.519  1.00 13.76 ? 162 LYS A CB  1 
ATOM   193  C CG  . LYS A 1 30  ? -9.662  -1.198  0.351   1.00 23.58 ? 162 LYS A CG  1 
ATOM   194  C CD  . LYS A 1 30  ? -9.984  -1.385  1.841   1.00 32.80 ? 162 LYS A CD  1 
ATOM   195  C CE  . LYS A 1 30  ? -11.361 -0.876  2.212   1.00 38.07 ? 162 LYS A CE  1 
ATOM   196  N NZ  . LYS A 1 30  ? -11.612 -0.999  3.681   1.00 32.40 ? 162 LYS A NZ  1 
ATOM   197  N N   . LYS A 1 31  ? -11.620 -4.491  -1.957  1.00 12.89 ? 163 LYS A N   1 
ATOM   198  C CA  . LYS A 1 31  ? -12.818 -5.328  -1.958  1.00 14.72 ? 163 LYS A CA  1 
ATOM   199  C C   . LYS A 1 31  ? -13.583 -5.369  -3.271  1.00 14.86 ? 163 LYS A C   1 
ATOM   200  O O   . LYS A 1 31  ? -14.738 -4.943  -3.361  1.00 17.16 ? 163 LYS A O   1 
ATOM   201  C CB  . LYS A 1 31  ? -13.723 -4.976  -0.767  1.00 15.82 ? 163 LYS A CB  1 
ATOM   202  C CG  . LYS A 1 31  ? -13.111 -5.362  0.572   1.00 20.35 ? 163 LYS A CG  1 
ATOM   203  C CD  . LYS A 1 31  ? -13.996 -4.987  1.747   1.00 19.31 ? 163 LYS A CD  1 
ATOM   204  N N   . TYR A 1 32  ? -12.908 -5.876  -4.294  1.00 11.85 ? 164 TYR A N   1 
ATOM   205  C CA  . TYR A 1 32  ? -13.512 -6.040  -5.608  1.00 9.38  ? 164 TYR A CA  1 
ATOM   206  C C   . TYR A 1 32  ? -13.582 -7.516  -5.956  1.00 11.97 ? 164 TYR A C   1 
ATOM   207  O O   . TYR A 1 32  ? -12.913 -8.339  -5.324  1.00 12.84 ? 164 TYR A O   1 
ATOM   208  C CB  . TYR A 1 32  ? -12.728 -5.276  -6.688  1.00 10.76 ? 164 TYR A CB  1 
ATOM   209  C CG  . TYR A 1 32  ? -11.287 -5.682  -6.851  1.00 10.66 ? 164 TYR A CG  1 
ATOM   210  C CD1 . TYR A 1 32  ? -10.930 -6.685  -7.773  1.00 12.52 ? 164 TYR A CD1 1 
ATOM   211  C CD2 . TYR A 1 32  ? -10.271 -5.068  -6.112  1.00 12.05 ? 164 TYR A CD2 1 
ATOM   212  C CE1 . TYR A 1 32  ? -9.605  -7.071  -7.936  1.00 14.06 ? 164 TYR A CE1 1 
ATOM   213  C CE2 . TYR A 1 32  ? -8.928  -5.459  -6.267  1.00 9.76  ? 164 TYR A CE2 1 
ATOM   214  C CZ  . TYR A 1 32  ? -8.614  -6.455  -7.186  1.00 14.60 ? 164 TYR A CZ  1 
ATOM   215  O OH  . TYR A 1 32  ? -7.316  -6.859  -7.356  1.00 14.43 ? 164 TYR A OH  1 
ATOM   216  N N   . PHE A 1 33  ? -14.384 -7.827  -6.971  1.00 11.06 ? 165 PHE A N   1 
ATOM   217  C CA  . PHE A 1 33  ? -14.570 -9.210  -7.441  1.00 11.73 ? 165 PHE A CA  1 
ATOM   218  C C   . PHE A 1 33  ? -15.179 -9.199  -8.837  1.00 11.62 ? 165 PHE A C   1 
ATOM   219  O O   . PHE A 1 33  ? -16.059 -8.397  -9.111  1.00 10.94 ? 165 PHE A O   1 
ATOM   220  C CB  . PHE A 1 33  ? -15.495 -9.986  -6.505  1.00 12.65 ? 165 PHE A CB  1 
ATOM   221  C CG  . PHE A 1 33  ? -15.689 -11.420 -6.931  1.00 13.22 ? 165 PHE A CG  1 
ATOM   222  C CD1 . PHE A 1 33  ? -14.783 -12.401 -6.532  1.00 14.94 ? 165 PHE A CD1 1 
ATOM   223  C CD2 . PHE A 1 33  ? -16.750 -11.772 -7.762  1.00 17.07 ? 165 PHE A CD2 1 
ATOM   224  C CE1 . PHE A 1 33  ? -14.936 -13.727 -6.948  1.00 16.02 ? 165 PHE A CE1 1 
ATOM   225  C CE2 . PHE A 1 33  ? -16.915 -13.084 -8.175  1.00 19.34 ? 165 PHE A CE2 1 
ATOM   226  C CZ  . PHE A 1 33  ? -16.009 -14.067 -7.767  1.00 16.43 ? 165 PHE A CZ  1 
ATOM   227  N N   . PRO A 1 34  ? -14.703 -10.077 -9.745  1.00 12.60 ? 166 PRO A N   1 
ATOM   228  C CA  . PRO A 1 34  ? -13.526 -10.935 -9.630  1.00 13.80 ? 166 PRO A CA  1 
ATOM   229  C C   . PRO A 1 34  ? -12.260 -10.146 -10.014 1.00 15.06 ? 166 PRO A C   1 
ATOM   230  O O   . PRO A 1 34  ? -12.317 -8.930  -10.229 1.00 14.11 ? 166 PRO A O   1 
ATOM   231  C CB  . PRO A 1 34  ? -13.798 -11.999 -10.697 1.00 12.93 ? 166 PRO A CB  1 
ATOM   232  C CG  . PRO A 1 34  ? -14.478 -11.217 -11.796 1.00 13.20 ? 166 PRO A CG  1 
ATOM   233  C CD  . PRO A 1 34  ? -15.359 -10.223 -11.062 1.00 14.22 ? 166 PRO A CD  1 
ATOM   234  N N   . GLU A 1 35  ? -11.123 -10.834 -10.096 1.00 14.26 ? 167 GLU A N   1 
ATOM   235  C CA  . GLU A 1 35  ? -9.931  -10.268 -10.749 1.00 15.18 ? 167 GLU A CA  1 
ATOM   236  C C   . GLU A 1 35  ? -10.196 -10.099 -12.256 1.00 16.26 ? 167 GLU A C   1 
ATOM   237  O O   . GLU A 1 35  ? -11.101 -10.741 -12.797 1.00 18.34 ? 167 GLU A O   1 
ATOM   238  C CB  . GLU A 1 35  ? -8.721  -11.189 -10.508 1.00 14.06 ? 167 GLU A CB  1 
ATOM   239  C CG  . GLU A 1 35  ? -8.314  -11.296 -9.041  1.00 18.72 ? 167 GLU A CG  1 
ATOM   240  C CD  . GLU A 1 35  ? -6.866  -11.732 -8.880  1.00 29.86 ? 167 GLU A CD  1 
ATOM   241  O OE1 . GLU A 1 35  ? -6.588  -12.954 -8.948  1.00 29.86 ? 167 GLU A OE1 1 
ATOM   242  O OE2 . GLU A 1 35  ? -6.003  -10.850 -8.687  1.00 25.89 ? 167 GLU A OE2 1 
ATOM   243  N N   . PRO A 1 36  ? -9.429  -9.232  -12.951 1.00 16.59 ? 168 PRO A N   1 
ATOM   244  C CA  . PRO A 1 36  ? -8.342  -8.409  -12.451 1.00 16.59 ? 168 PRO A CA  1 
ATOM   245  C C   . PRO A 1 36  ? -8.723  -6.940  -12.358 1.00 15.26 ? 168 PRO A C   1 
ATOM   246  O O   . PRO A 1 36  ? -9.748  -6.527  -12.897 1.00 14.19 ? 168 PRO A O   1 
ATOM   247  C CB  . PRO A 1 36  ? -7.296  -8.570  -13.550 1.00 17.42 ? 168 PRO A CB  1 
ATOM   248  C CG  . PRO A 1 36  ? -8.105  -8.593  -14.796 1.00 17.07 ? 168 PRO A CG  1 
ATOM   249  C CD  . PRO A 1 36  ? -9.474  -9.186  -14.428 1.00 16.53 ? 168 PRO A CD  1 
ATOM   250  N N   . VAL A 1 37  ? -7.886  -6.184  -11.662 1.00 14.71 ? 169 VAL A N   1 
ATOM   251  C CA  . VAL A 1 37  ? -7.885  -4.726  -11.676 1.00 14.82 ? 169 VAL A CA  1 
ATOM   252  C C   . VAL A 1 37  ? -6.540  -4.297  -12.249 1.00 16.30 ? 169 VAL A C   1 
ATOM   253  O O   . VAL A 1 37  ? -5.498  -4.925  -11.966 1.00 15.78 ? 169 VAL A O   1 
ATOM   254  C CB  . VAL A 1 37  ? -8.074  -4.173  -10.245 1.00 14.39 ? 169 VAL A CB  1 
ATOM   255  C CG1 . VAL A 1 37  ? -7.409  -2.812  -10.049 1.00 18.79 ? 169 VAL A CG1 1 
ATOM   256  C CG2 . VAL A 1 37  ? -9.557  -4.089  -9.925  1.00 14.96 ? 169 VAL A CG2 1 
ATOM   257  N N   . THR A 1 38  ? -6.550  -3.263  -13.081 1.00 13.50 ? 170 THR A N   1 
ATOM   258  C CA  . THR A 1 38  ? -5.294  -2.700  -13.535 1.00 13.42 ? 170 THR A CA  1 
ATOM   259  C C   . THR A 1 38  ? -5.218  -1.266  -13.051 1.00 12.08 ? 170 THR A C   1 
ATOM   260  O O   . THR A 1 38  ? -6.248  -0.609  -12.909 1.00 11.89 ? 170 THR A O   1 
ATOM   261  C CB  . THR A 1 38  ? -5.143  -2.756  -15.048 1.00 15.27 ? 170 THR A CB  1 
ATOM   262  O OG1 . THR A 1 38  ? -6.218  -2.042  -15.668 1.00 19.46 ? 170 THR A OG1 1 
ATOM   263  C CG2 . THR A 1 38  ? -5.136  -4.220  -15.535 1.00 15.72 ? 170 THR A CG2 1 
ATOM   264  N N   . VAL A 1 39  ? -4.003  -0.797  -12.794 1.00 11.69 ? 171 VAL A N   1 
ATOM   265  C CA  . VAL A 1 39  ? -3.789  0.548   -12.282 1.00 11.85 ? 171 VAL A CA  1 
ATOM   266  C C   . VAL A 1 39  ? -2.732  1.252   -13.133 1.00 14.12 ? 171 VAL A C   1 
ATOM   267  O O   . VAL A 1 39  ? -1.725  0.642   -13.511 1.00 13.91 ? 171 VAL A O   1 
ATOM   268  C CB  . VAL A 1 39  ? -3.330  0.492   -10.803 1.00 13.69 ? 171 VAL A CB  1 
ATOM   269  C CG1 . VAL A 1 39  ? -3.159  1.877   -10.223 1.00 11.61 ? 171 VAL A CG1 1 
ATOM   270  C CG2 . VAL A 1 39  ? -4.333  -0.320  -9.959  1.00 14.26 ? 171 VAL A CG2 1 
ATOM   271  N N   . SER A 1 40  ? -2.985  2.528   -13.443 1.00 12.11 ? 172 SER A N   1 
ATOM   272  C CA  . SER A 1 40  ? -1.983  3.416   -14.054 1.00 12.24 ? 172 SER A CA  1 
ATOM   273  C C   . SER A 1 40  ? -1.967  4.702   -13.230 1.00 11.55 ? 172 SER A C   1 
ATOM   274  O O   . SER A 1 40  ? -2.804  4.865   -12.338 1.00 11.18 ? 172 SER A O   1 
ATOM   275  C CB  . SER A 1 40  ? -2.314  3.688   -15.532 1.00 12.90 ? 172 SER A CB  1 
ATOM   276  O OG  . SER A 1 40  ? -3.536  4.394   -15.681 1.00 16.88 ? 172 SER A OG  1 
ATOM   277  N N   . TRP A 1 41  ? -0.990  5.575   -13.488 1.00 10.03 ? 173 TRP A N   1 
ATOM   278  C CA  . TRP A 1 41  ? -0.899  6.857   -12.808 1.00 10.55 ? 173 TRP A CA  1 
ATOM   279  C C   . TRP A 1 41  ? -0.872  7.974   -13.839 1.00 11.59 ? 173 TRP A C   1 
ATOM   280  O O   . TRP A 1 41  ? -0.181  7.862   -14.857 1.00 11.78 ? 173 TRP A O   1 
ATOM   281  C CB  . TRP A 1 41  ? 0.372   6.891   -11.960 1.00 10.93 ? 173 TRP A CB  1 
ATOM   282  C CG  . TRP A 1 41  ? 0.208   6.041   -10.747 1.00 8.88  ? 173 TRP A CG  1 
ATOM   283  C CD1 . TRP A 1 41  ? 0.415   4.679   -10.647 1.00 8.96  ? 173 TRP A CD1 1 
ATOM   284  C CD2 . TRP A 1 41  ? -0.256  6.476   -9.465  1.00 10.35 ? 173 TRP A CD2 1 
ATOM   285  N NE1 . TRP A 1 41  ? 0.113   4.257   -9.363  1.00 10.03 ? 173 TRP A NE1 1 
ATOM   286  C CE2 . TRP A 1 41  ? -0.272  5.346   -8.621  1.00 10.37 ? 173 TRP A CE2 1 
ATOM   287  C CE3 . TRP A 1 41  ? -0.622  7.728   -8.939  1.00 12.23 ? 173 TRP A CE3 1 
ATOM   288  C CZ2 . TRP A 1 41  ? -0.676  5.421   -7.275  1.00 13.34 ? 173 TRP A CZ2 1 
ATOM   289  C CZ3 . TRP A 1 41  ? -1.007  7.808   -7.608  1.00 12.17 ? 173 TRP A CZ3 1 
ATOM   290  C CH2 . TRP A 1 41  ? -1.025  6.655   -6.785  1.00 12.48 ? 173 TRP A CH2 1 
ATOM   291  N N   . ASN A 1 42  ? -1.635  9.039   -13.579 1.00 10.60 ? 174 ASN A N   1 
ATOM   292  C CA  . ASN A 1 42  ? -1.752  10.173  -14.509 1.00 10.75 ? 174 ASN A CA  1 
ATOM   293  C C   . ASN A 1 42  ? -1.971  9.702   -15.947 1.00 13.98 ? 174 ASN A C   1 
ATOM   294  O O   . ASN A 1 42  ? -1.333  10.200  -16.878 1.00 13.82 ? 174 ASN A O   1 
ATOM   295  C CB  . ASN A 1 42  ? -0.510  11.080  -14.415 1.00 12.96 ? 174 ASN A CB  1 
ATOM   296  C CG  . ASN A 1 42  ? -0.367  11.717  -13.055 1.00 13.09 ? 174 ASN A CG  1 
ATOM   297  O OD1 . ASN A 1 42  ? -1.276  11.651  -12.232 1.00 17.08 ? 174 ASN A OD1 1 
ATOM   298  N ND2 . ASN A 1 42  ? 0.784   12.331  -12.803 1.00 14.73 ? 174 ASN A ND2 1 
ATOM   299  N N   . SER A 1 43  ? -2.874  8.728   -16.103 1.00 11.74 ? 175 SER A N   1 
ATOM   300  C CA  . SER A 1 43  ? -3.305  8.223   -17.414 1.00 15.46 ? 175 SER A CA  1 
ATOM   301  C C   . SER A 1 43  ? -2.161  7.634   -18.246 1.00 15.85 ? 175 SER A C   1 
ATOM   302  O O   . SER A 1 43  ? -2.194  7.637   -19.476 1.00 17.09 ? 175 SER A O   1 
ATOM   303  C CB  . SER A 1 43  ? -4.081  9.310   -18.178 1.00 15.32 ? 175 SER A CB  1 
ATOM   304  O OG  . SER A 1 43  ? -5.230  9.700   -17.437 1.00 17.03 ? 175 SER A OG  1 
ATOM   305  N N   . GLY A 1 44  ? -1.158  7.107   -17.557 1.00 15.76 ? 176 GLY A N   1 
ATOM   306  C CA  . GLY A 1 44  ? 0.006   6.519   -18.211 1.00 14.64 ? 176 GLY A CA  1 
ATOM   307  C C   . GLY A 1 44  ? 1.164   7.485   -18.404 1.00 14.98 ? 176 GLY A C   1 
ATOM   308  O O   . GLY A 1 44  ? 2.205   7.093   -18.916 1.00 16.51 ? 176 GLY A O   1 
ATOM   309  N N   . ALA A 1 45  ? 1.005   8.739   -17.983 1.00 13.15 ? 177 ALA A N   1 
ATOM   310  C CA  . ALA A 1 45  ? 2.108   9.714   -18.075 1.00 14.17 ? 177 ALA A CA  1 
ATOM   311  C C   . ALA A 1 45  ? 3.163   9.474   -17.005 1.00 16.47 ? 177 ALA A C   1 
ATOM   312  O O   . ALA A 1 45  ? 4.319   9.878   -17.160 1.00 18.06 ? 177 ALA A O   1 
ATOM   313  C CB  . ALA A 1 45  ? 1.584   11.141  -18.006 1.00 15.17 ? 177 ALA A CB  1 
ATOM   314  N N   . LEU A 1 46  ? 2.762   8.824   -15.911 1.00 13.91 ? 178 LEU A N   1 
ATOM   315  C CA  . LEU A 1 46  ? 3.688   8.514   -14.822 1.00 14.08 ? 178 LEU A CA  1 
ATOM   316  C C   . LEU A 1 46  ? 3.959   7.013   -14.798 1.00 16.74 ? 178 LEU A C   1 
ATOM   317  O O   . LEU A 1 46  ? 3.096   6.232   -14.420 1.00 18.00 ? 178 LEU A O   1 
ATOM   318  C CB  . LEU A 1 46  ? 3.117   9.003   -13.476 1.00 13.58 ? 178 LEU A CB  1 
ATOM   319  C CG  . LEU A 1 46  ? 4.003   8.843   -12.230 1.00 14.30 ? 178 LEU A CG  1 
ATOM   320  C CD1 . LEU A 1 46  ? 5.403   9.425   -12.422 1.00 22.45 ? 178 LEU A CD1 1 
ATOM   321  C CD2 . LEU A 1 46  ? 3.327   9.474   -11.044 1.00 15.67 ? 178 LEU A CD2 1 
ATOM   322  N N   . THR A 1 47  ? 5.162   6.614   -15.199 1.00 17.05 ? 179 THR A N   1 
ATOM   323  C CA  . THR A 1 47  ? 5.536   5.191   -15.199 1.00 20.57 ? 179 THR A CA  1 
ATOM   324  C C   . THR A 1 47  ? 6.782   4.904   -14.359 1.00 22.05 ? 179 THR A C   1 
ATOM   325  O O   . THR A 1 47  ? 6.917   3.812   -13.800 1.00 23.25 ? 179 THR A O   1 
ATOM   326  C CB  . THR A 1 47  ? 5.758   4.626   -16.627 1.00 23.79 ? 179 THR A CB  1 
ATOM   327  O OG1 . THR A 1 47  ? 6.821   5.345   -17.256 1.00 25.30 ? 179 THR A OG1 1 
ATOM   328  C CG2 . THR A 1 47  ? 4.486   4.714   -17.475 1.00 25.04 ? 179 THR A CG2 1 
ATOM   329  N N   . SER A 1 48  ? 7.677   5.888   -14.258 1.00 22.10 ? 180 SER A N   1 
ATOM   330  C CA  . SER A 1 48  ? 8.903   5.751   -13.475 1.00 22.51 ? 180 SER A CA  1 
ATOM   331  C C   . SER A 1 48  ? 8.600   5.636   -11.983 1.00 20.79 ? 180 SER A C   1 
ATOM   332  O O   . SER A 1 48  ? 7.912   6.484   -11.415 1.00 22.28 ? 180 SER A O   1 
ATOM   333  C CB  A SER A 1 48  ? 9.833   6.941   -13.723 0.65 23.45 ? 180 SER A CB  1 
ATOM   334  C CB  B SER A 1 48  ? 9.838   6.938   -13.728 0.35 22.77 ? 180 SER A CB  1 
ATOM   335  O OG  A SER A 1 48  ? 11.054  6.784   -13.023 0.65 25.09 ? 180 SER A OG  1 
ATOM   336  O OG  B SER A 1 48  ? 10.274  6.967   -15.076 0.35 22.77 ? 180 SER A OG  1 
ATOM   337  N N   . GLY A 1 49  ? 9.120   4.589   -11.355 1.00 20.72 ? 181 GLY A N   1 
ATOM   338  C CA  . GLY A 1 49  ? 8.939   4.410   -9.915  1.00 18.33 ? 181 GLY A CA  1 
ATOM   339  C C   . GLY A 1 49  ? 7.570   3.882   -9.508  1.00 18.19 ? 181 GLY A C   1 
ATOM   340  O O   . GLY A 1 49  ? 7.244   3.872   -8.321  1.00 19.04 ? 181 GLY A O   1 
ATOM   341  N N   . VAL A 1 50  ? 6.787   3.421   -10.476 1.00 15.66 ? 182 VAL A N   1 
ATOM   342  C CA  . VAL A 1 50  ? 5.467   2.818   -10.193 1.00 15.50 ? 182 VAL A CA  1 
ATOM   343  C C   . VAL A 1 50  ? 5.621   1.332   -9.874  1.00 15.23 ? 182 VAL A C   1 
ATOM   344  O O   . VAL A 1 50  ? 6.253   0.592   -10.641 1.00 15.71 ? 182 VAL A O   1 
ATOM   345  C CB  . VAL A 1 50  ? 4.488   2.976   -11.386 1.00 14.72 ? 182 VAL A CB  1 
ATOM   346  C CG1 . VAL A 1 50  ? 3.179   2.193   -11.150 1.00 18.57 ? 182 VAL A CG1 1 
ATOM   347  C CG2 . VAL A 1 50  ? 4.182   4.437   -11.635 1.00 16.00 ? 182 VAL A CG2 1 
ATOM   348  N N   . HIS A 1 51  ? 5.043   0.898   -8.755  1.00 14.97 ? 183 HIS A N   1 
ATOM   349  C CA  . HIS A 1 51  ? 4.986   -0.518  -8.411  1.00 17.02 ? 183 HIS A CA  1 
ATOM   350  C C   . HIS A 1 51  ? 3.557   -0.877  -8.006  1.00 17.14 ? 183 HIS A C   1 
ATOM   351  O O   . HIS A 1 51  ? 2.995   -0.268  -7.094  1.00 16.49 ? 183 HIS A O   1 
ATOM   352  C CB  . HIS A 1 51  ? 5.948   -0.845  -7.253  1.00 18.75 ? 183 HIS A CB  1 
ATOM   353  C CG  . HIS A 1 51  ? 7.354   -0.356  -7.469  1.00 27.53 ? 183 HIS A CG  1 
ATOM   354  N ND1 . HIS A 1 51  ? 8.229   -0.961  -8.347  1.00 29.97 ? 183 HIS A ND1 1 
ATOM   355  C CD2 . HIS A 1 51  ? 8.033   0.684   -6.921  1.00 33.51 ? 183 HIS A CD2 1 
ATOM   356  C CE1 . HIS A 1 51  ? 9.385   -0.317  -8.332  1.00 30.24 ? 183 HIS A CE1 1 
ATOM   357  N NE2 . HIS A 1 51  ? 9.293   0.684   -7.475  1.00 36.34 ? 183 HIS A NE2 1 
ATOM   358  N N   . THR A 1 52  ? 2.972   -1.851  -8.696  1.00 17.27 ? 184 THR A N   1 
ATOM   359  C CA  . THR A 1 52  ? 1.659   -2.368  -8.318  1.00 16.06 ? 184 THR A CA  1 
ATOM   360  C C   . THR A 1 52  ? 1.797   -3.815  -7.860  1.00 16.35 ? 184 THR A C   1 
ATOM   361  O O   . THR A 1 52  ? 2.307   -4.663  -8.599  1.00 18.45 ? 184 THR A O   1 
ATOM   362  C CB  . THR A 1 52  ? 0.642   -2.219  -9.453  1.00 15.73 ? 184 THR A CB  1 
ATOM   363  O OG1 . THR A 1 52  ? 0.528   -0.826  -9.783  1.00 16.32 ? 184 THR A OG1 1 
ATOM   364  C CG2 . THR A 1 52  ? -0.733  -2.779  -9.034  1.00 16.29 ? 184 THR A CG2 1 
ATOM   365  N N   . THR A 1 53  ? 1.362   -4.090  -6.632  1.00 14.61 ? 185 THR A N   1 
ATOM   366  C CA  . THR A 1 53  ? 1.582   -5.412  -6.067  1.00 17.16 ? 185 THR A CA  1 
ATOM   367  C C   . THR A 1 53  ? 0.408   -6.350  -6.419  1.00 17.32 ? 185 THR A C   1 
ATOM   368  O O   . THR A 1 53  ? -0.674  -5.884  -6.806  1.00 16.88 ? 185 THR A O   1 
ATOM   369  C CB  . THR A 1 53  ? 1.912   -5.339  -4.530  1.00 16.42 ? 185 THR A CB  1 
ATOM   370  O OG1 . THR A 1 53  ? 0.967   -4.518  -3.852  1.00 16.64 ? 185 THR A OG1 1 
ATOM   371  C CG2 . THR A 1 53  ? 3.302   -4.743  -4.312  1.00 22.41 ? 185 THR A CG2 1 
ATOM   372  N N   . PRO A 1 54  ? 0.627   -7.677  -6.331  1.00 16.33 ? 186 PRO A N   1 
ATOM   373  C CA  . PRO A 1 54  ? -0.482  -8.606  -6.586  1.00 15.98 ? 186 PRO A CA  1 
ATOM   374  C C   . PRO A 1 54  ? -1.630  -8.447  -5.582  1.00 14.76 ? 186 PRO A C   1 
ATOM   375  O O   . PRO A 1 54  ? -1.447  -7.913  -4.487  1.00 15.77 ? 186 PRO A O   1 
ATOM   376  C CB  . PRO A 1 54  ? 0.156   -9.991  -6.399  1.00 17.22 ? 186 PRO A CB  1 
ATOM   377  C CG  . PRO A 1 54  ? 1.642   -9.772  -6.417  1.00 18.06 ? 186 PRO A CG  1 
ATOM   378  C CD  . PRO A 1 54  ? 1.872   -8.371  -5.953  1.00 16.29 ? 186 PRO A CD  1 
ATOM   379  N N   . ALA A 1 55  ? -2.810  -8.924  -5.964  1.00 14.62 ? 187 ALA A N   1 
ATOM   380  C CA  . ALA A 1 55  ? -3.961  -8.822  -5.090  1.00 14.60 ? 187 ALA A CA  1 
ATOM   381  C C   . ALA A 1 55  ? -3.874  -9.829  -3.974  1.00 16.26 ? 187 ALA A C   1 
ATOM   382  O O   . ALA A 1 55  ? -3.245  -10.897 -4.122  1.00 15.97 ? 187 ALA A O   1 
ATOM   383  C CB  . ALA A 1 55  ? -5.240  -9.017  -5.885  1.00 16.43 ? 187 ALA A CB  1 
ATOM   384  N N   . VAL A 1 56  ? -4.491  -9.490  -2.845  1.00 17.22 ? 188 VAL A N   1 
ATOM   385  C CA  . VAL A 1 56  ? -4.727  -10.477 -1.795  1.00 17.72 ? 188 VAL A CA  1 
ATOM   386  C C   . VAL A 1 56  ? -6.213  -10.812 -1.783  1.00 18.83 ? 188 VAL A C   1 
ATOM   387  O O   . VAL A 1 56  ? -7.073  -9.954  -2.056  1.00 16.56 ? 188 VAL A O   1 
ATOM   388  C CB  . VAL A 1 56  ? -4.275  -10.019 -0.387  1.00 16.68 ? 188 VAL A CB  1 
ATOM   389  C CG1 . VAL A 1 56  ? -2.748  -9.922  -0.310  1.00 19.50 ? 188 VAL A CG1 1 
ATOM   390  C CG2 . VAL A 1 56  ? -4.933  -8.697  0.015   1.00 19.17 ? 188 VAL A CG2 1 
ATOM   391  N N   . LEU A 1 57  ? -6.495  -12.076 -1.499  1.00 18.35 ? 189 LEU A N   1 
ATOM   392  C CA  . LEU A 1 57  ? -7.861  -12.576 -1.402  1.00 18.67 ? 189 LEU A CA  1 
ATOM   393  C C   . LEU A 1 57  ? -8.215  -12.730 0.059   1.00 22.06 ? 189 LEU A C   1 
ATOM   394  O O   . LEU A 1 57  ? -7.533  -13.450 0.797   1.00 23.39 ? 189 LEU A O   1 
ATOM   395  C CB  . LEU A 1 57  ? -7.974  -13.916 -2.128  1.00 19.82 ? 189 LEU A CB  1 
ATOM   396  C CG  . LEU A 1 57  ? -9.296  -14.691 -2.067  1.00 19.79 ? 189 LEU A CG  1 
ATOM   397  C CD1 . LEU A 1 57  ? -10.430 -13.872 -2.644  1.00 22.89 ? 189 LEU A CD1 1 
ATOM   398  C CD2 . LEU A 1 57  ? -9.168  -16.007 -2.822  1.00 29.84 ? 189 LEU A CD2 1 
ATOM   399  N N   . GLN A 1 58  ? -9.272  -12.051 0.492   1.00 20.94 ? 190 GLN A N   1 
ATOM   400  C CA  . GLN A 1 58  ? -9.729  -12.187 1.877   1.00 25.92 ? 190 GLN A CA  1 
ATOM   401  C C   . GLN A 1 58  ? -10.720 -13.343 2.028   1.00 25.80 ? 190 GLN A C   1 
ATOM   402  O O   . GLN A 1 58  ? -11.239 -13.859 1.030   1.00 24.62 ? 190 GLN A O   1 
ATOM   403  C CB  . GLN A 1 58  ? -10.350 -10.891 2.369   1.00 26.31 ? 190 GLN A CB  1 
ATOM   404  C CG  . GLN A 1 58  ? -9.324  -9.847  2.752   1.00 30.86 ? 190 GLN A CG  1 
ATOM   405  C CD  . GLN A 1 58  ? -9.966  -8.585  3.265   1.00 37.61 ? 190 GLN A CD  1 
ATOM   406  O OE1 . GLN A 1 58  ? -9.826  -8.232  4.444   1.00 42.98 ? 190 GLN A OE1 1 
ATOM   407  N NE2 . GLN A 1 58  ? -10.696 -7.901  2.394   1.00 30.85 ? 190 GLN A NE2 1 
ATOM   408  N N   . SER A 1 59  ? -10.980 -13.741 3.277   1.00 28.90 ? 191 SER A N   1 
ATOM   409  C CA  . SER A 1 59  ? -11.917 -14.832 3.563   1.00 31.15 ? 191 SER A CA  1 
ATOM   410  C C   . SER A 1 59  ? -13.327 -14.518 3.057   1.00 30.69 ? 191 SER A C   1 
ATOM   411  O O   . SER A 1 59  ? -14.117 -15.431 2.783   1.00 30.03 ? 191 SER A O   1 
ATOM   412  C CB  . SER A 1 59  ? -11.951 -15.121 5.063   1.00 32.61 ? 191 SER A CB  1 
ATOM   413  O OG  . SER A 1 59  ? -12.228 -13.940 5.792   1.00 41.07 ? 191 SER A OG  1 
ATOM   414  N N   . SER A 1 60  ? -13.628 -13.221 2.934   1.00 29.72 ? 192 SER A N   1 
ATOM   415  C CA  . SER A 1 60  ? -14.885 -12.739 2.346   1.00 27.51 ? 192 SER A CA  1 
ATOM   416  C C   . SER A 1 60  ? -15.020 -13.126 0.869   1.00 26.13 ? 192 SER A C   1 
ATOM   417  O O   . SER A 1 60  ? -16.120 -13.075 0.299   1.00 26.65 ? 192 SER A O   1 
ATOM   418  C CB  . SER A 1 60  ? -14.987 -11.222 2.492   1.00 29.19 ? 192 SER A CB  1 
ATOM   419  O OG  . SER A 1 60  ? -14.063 -10.573 1.632   1.00 28.64 ? 192 SER A OG  1 
ATOM   420  N N   . GLY A 1 61  ? -13.902 -13.506 0.257   1.00 21.95 ? 193 GLY A N   1 
ATOM   421  C CA  . GLY A 1 61  ? -13.869 -13.887 -1.144  1.00 18.97 ? 193 GLY A CA  1 
ATOM   422  C C   . GLY A 1 61  ? -13.607 -12.706 -2.059  1.00 16.23 ? 193 GLY A C   1 
ATOM   423  O O   . GLY A 1 61  ? -13.625 -12.851 -3.279  1.00 18.55 ? 193 GLY A O   1 
ATOM   424  N N   . LEU A 1 62  ? -13.352 -11.543 -1.463  1.00 15.88 ? 194 LEU A N   1 
ATOM   425  C CA  . LEU A 1 62  ? -13.106 -10.311 -2.221  1.00 14.85 ? 194 LEU A CA  1 
ATOM   426  C C   . LEU A 1 62  ? -11.614 -9.990  -2.243  1.00 14.01 ? 194 LEU A C   1 
ATOM   427  O O   . LEU A 1 62  ? -10.888 -10.344 -1.305  1.00 16.60 ? 194 LEU A O   1 
ATOM   428  C CB  . LEU A 1 62  ? -13.860 -9.148  -1.580  1.00 15.78 ? 194 LEU A CB  1 
ATOM   429  C CG  . LEU A 1 62  ? -15.383 -9.302  -1.405  1.00 14.42 ? 194 LEU A CG  1 
ATOM   430  C CD1 . LEU A 1 62  ? -15.938 -8.082  -0.689  1.00 17.96 ? 194 LEU A CD1 1 
ATOM   431  C CD2 . LEU A 1 62  ? -16.029 -9.490  -2.760  1.00 18.85 ? 194 LEU A CD2 1 
ATOM   432  N N   . TYR A 1 63  ? -11.177 -9.272  -3.282  1.00 12.16 ? 195 TYR A N   1 
ATOM   433  C CA  . TYR A 1 63  ? -9.764  -8.982  -3.508  1.00 10.18 ? 195 TYR A CA  1 
ATOM   434  C C   . TYR A 1 63  ? -9.443  -7.540  -3.167  1.00 10.06 ? 195 TYR A C   1 
ATOM   435  O O   . TYR A 1 63  ? -10.310 -6.663  -3.227  1.00 11.09 ? 195 TYR A O   1 
ATOM   436  C CB  . TYR A 1 63  ? -9.423  -9.181  -4.979  1.00 9.50  ? 195 TYR A CB  1 
ATOM   437  C CG  . TYR A 1 63  ? -9.501  -10.632 -5.428  1.00 9.60  ? 195 TYR A CG  1 
ATOM   438  C CD1 . TYR A 1 63  ? -8.390  -11.475 -5.313  1.00 12.60 ? 195 TYR A CD1 1 
ATOM   439  C CD2 . TYR A 1 63  ? -10.691 -11.160 -5.928  1.00 13.17 ? 195 TYR A CD2 1 
ATOM   440  C CE1 . TYR A 1 63  ? -8.458  -12.805 -5.717  1.00 19.31 ? 195 TYR A CE1 1 
ATOM   441  C CE2 . TYR A 1 63  ? -10.767 -12.503 -6.333  1.00 16.15 ? 195 TYR A CE2 1 
ATOM   442  C CZ  . TYR A 1 63  ? -9.646  -13.302 -6.231  1.00 17.79 ? 195 TYR A CZ  1 
ATOM   443  O OH  . TYR A 1 63  ? -9.715  -14.626 -6.618  1.00 21.63 ? 195 TYR A OH  1 
ATOM   444  N N   . SER A 1 64  ? -8.180  -7.299  -2.853  1.00 9.25  ? 196 SER A N   1 
ATOM   445  C CA  . SER A 1 64  ? -7.691  -5.949  -2.632  1.00 10.49 ? 196 SER A CA  1 
ATOM   446  C C   . SER A 1 64  ? -6.294  -5.891  -3.198  1.00 11.24 ? 196 SER A C   1 
ATOM   447  O O   . SER A 1 64  ? -5.580  -6.894  -3.183  1.00 11.09 ? 196 SER A O   1 
ATOM   448  C CB  . SER A 1 64  ? -7.630  -5.655  -1.134  1.00 12.48 ? 196 SER A CB  1 
ATOM   449  O OG  . SER A 1 64  ? -8.945  -5.552  -0.589  1.00 14.38 ? 196 SER A OG  1 
ATOM   450  N N   . LEU A 1 65  ? -5.897  -4.725  -3.689  1.00 10.18 ? 197 LEU A N   1 
ATOM   451  C CA  . LEU A 1 65  ? -4.496  -4.534  -4.069  1.00 10.09 ? 197 LEU A CA  1 
ATOM   452  C C   . LEU A 1 65  ? -4.085  -3.097  -3.813  1.00 9.55  ? 197 LEU A C   1 
ATOM   453  O O   . LEU A 1 65  ? -4.928  -2.266  -3.478  1.00 12.15 ? 197 LEU A O   1 
ATOM   454  C CB  . LEU A 1 65  ? -4.225  -4.980  -5.518  1.00 10.94 ? 197 LEU A CB  1 
ATOM   455  C CG  . LEU A 1 65  ? -4.784  -4.253  -6.752  1.00 12.41 ? 197 LEU A CG  1 
ATOM   456  C CD1 . LEU A 1 65  ? -4.219  -2.828  -6.907  1.00 11.33 ? 197 LEU A CD1 1 
ATOM   457  C CD2 . LEU A 1 65  ? -4.411  -5.062  -7.972  1.00 17.91 ? 197 LEU A CD2 1 
ATOM   458  N N   . SER A 1 66  ? -2.792  -2.805  -3.951  1.00 9.98  ? 198 SER A N   1 
ATOM   459  C CA  . SER A 1 66  ? -2.339  -1.432  -3.838  1.00 10.13 ? 198 SER A CA  1 
ATOM   460  C C   . SER A 1 66  ? -1.316  -1.117  -4.910  1.00 11.30 ? 198 SER A C   1 
ATOM   461  O O   . SER A 1 66  ? -0.655  -2.018  -5.447  1.00 10.93 ? 198 SER A O   1 
ATOM   462  C CB  . SER A 1 66  ? -1.811  -1.142  -2.422  1.00 11.80 ? 198 SER A CB  1 
ATOM   463  O OG  . SER A 1 66  ? -0.908  -2.161  -2.022  1.00 15.03 ? 198 SER A OG  1 
ATOM   464  N N   . SER A 1 67  ? -1.215  0.164   -5.240  1.00 9.66  ? 199 SER A N   1 
ATOM   465  C CA  . SER A 1 67  ? -0.246  0.613   -6.221  1.00 8.75  ? 199 SER A CA  1 
ATOM   466  C C   . SER A 1 67  ? 0.447   1.827   -5.649  1.00 9.08  ? 199 SER A C   1 
ATOM   467  O O   . SER A 1 67  ? -0.194  2.657   -4.999  1.00 10.08 ? 199 SER A O   1 
ATOM   468  C CB  . SER A 1 67  ? -0.934  1.034   -7.503  1.00 10.60 ? 199 SER A CB  1 
ATOM   469  O OG  . SER A 1 67  ? 0.032   1.468   -8.471  1.00 10.65 ? 199 SER A OG  1 
ATOM   470  N N   . PHE A 1 68  ? 1.731   1.949   -5.934  1.00 9.89  ? 200 PHE A N   1 
ATOM   471  C CA  . PHE A 1 68  ? 2.562   2.978   -5.313  1.00 9.97  ? 200 PHE A CA  1 
ATOM   472  C C   . PHE A 1 68  ? 3.440   3.648   -6.337  1.00 12.29 ? 200 PHE A C   1 
ATOM   473  O O   . PHE A 1 68  ? 3.778   3.067   -7.370  1.00 13.37 ? 200 PHE A O   1 
ATOM   474  C CB  . PHE A 1 68  ? 3.473   2.327   -4.276  1.00 11.39 ? 200 PHE A CB  1 
ATOM   475  C CG  . PHE A 1 68  ? 2.736   1.530   -3.244  1.00 11.83 ? 200 PHE A CG  1 
ATOM   476  C CD1 . PHE A 1 68  ? 2.256   2.144   -2.100  1.00 13.33 ? 200 PHE A CD1 1 
ATOM   477  C CD2 . PHE A 1 68  ? 2.514   0.171   -3.427  1.00 14.05 ? 200 PHE A CD2 1 
ATOM   478  C CE1 . PHE A 1 68  ? 1.549   1.407   -1.136  1.00 11.94 ? 200 PHE A CE1 1 
ATOM   479  C CE2 . PHE A 1 68  ? 1.828   -0.573  -2.475  1.00 19.76 ? 200 PHE A CE2 1 
ATOM   480  C CZ  . PHE A 1 68  ? 1.355   0.043   -1.323  1.00 12.75 ? 200 PHE A CZ  1 
ATOM   481  N N   . VAL A 1 69  ? 3.828   4.879   -6.044  1.00 12.59 ? 201 VAL A N   1 
ATOM   482  C CA  . VAL A 1 69  ? 4.853   5.532   -6.839  1.00 13.22 ? 201 VAL A CA  1 
ATOM   483  C C   . VAL A 1 69  ? 5.760   6.338   -5.920  1.00 14.14 ? 201 VAL A C   1 
ATOM   484  O O   . VAL A 1 69  ? 5.314   6.883   -4.895  1.00 13.82 ? 201 VAL A O   1 
ATOM   485  C CB  . VAL A 1 69  ? 4.235   6.372   -7.991  1.00 15.25 ? 201 VAL A CB  1 
ATOM   486  C CG1 . VAL A 1 69  ? 3.309   7.444   -7.472  1.00 15.23 ? 201 VAL A CG1 1 
ATOM   487  C CG2 . VAL A 1 69  ? 5.316   6.943   -8.932  1.00 14.88 ? 201 VAL A CG2 1 
ATOM   488  N N   . THR A 1 70  ? 7.036   6.397   -6.275  1.00 14.78 ? 202 THR A N   1 
ATOM   489  C CA  . THR A 1 70  ? 7.961   7.263   -5.560  1.00 17.38 ? 202 THR A CA  1 
ATOM   490  C C   . THR A 1 70  ? 8.285   8.459   -6.440  1.00 18.07 ? 202 THR A C   1 
ATOM   491  O O   . THR A 1 70  ? 8.593   8.300   -7.638  1.00 19.16 ? 202 THR A O   1 
ATOM   492  C CB  . THR A 1 70  ? 9.235   6.522   -5.114  1.00 19.66 ? 202 THR A CB  1 
ATOM   493  O OG1 . THR A 1 70  ? 9.838   5.881   -6.243  1.00 25.64 ? 202 THR A OG1 1 
ATOM   494  C CG2 . THR A 1 70  ? 8.898   5.462   -4.054  1.00 22.95 ? 202 THR A CG2 1 
ATOM   495  N N   . VAL A 1 71  ? 8.161   9.648   -5.855  1.00 19.22 ? 203 VAL A N   1 
ATOM   496  C CA  . VAL A 1 71  ? 8.351   10.898  -6.575  1.00 20.21 ? 203 VAL A CA  1 
ATOM   497  C C   . VAL A 1 71  ? 9.264   11.834  -5.766  1.00 21.77 ? 203 VAL A C   1 
ATOM   498  O O   . VAL A 1 71  ? 9.390   11.680  -4.540  1.00 20.81 ? 203 VAL A O   1 
ATOM   499  C CB  . VAL A 1 71  ? 6.984   11.596  -6.898  1.00 18.96 ? 203 VAL A CB  1 
ATOM   500  C CG1 . VAL A 1 71  ? 6.027   10.636  -7.619  1.00 21.04 ? 203 VAL A CG1 1 
ATOM   501  C CG2 . VAL A 1 71  ? 6.318   12.143  -5.633  1.00 20.05 ? 203 VAL A CG2 1 
ATOM   502  N N   . PRO A 1 72  ? 9.919   12.796  -6.439  1.00 23.04 ? 204 PRO A N   1 
ATOM   503  C CA  . PRO A 1 72  ? 10.624  13.842  -5.682  1.00 23.12 ? 204 PRO A CA  1 
ATOM   504  C C   . PRO A 1 72  ? 9.688   14.656  -4.779  1.00 23.35 ? 204 PRO A C   1 
ATOM   505  O O   . PRO A 1 72  ? 8.620   15.089  -5.225  1.00 26.58 ? 204 PRO A O   1 
ATOM   506  C CB  . PRO A 1 72  ? 11.247  14.729  -6.780  1.00 23.84 ? 204 PRO A CB  1 
ATOM   507  C CG  . PRO A 1 72  ? 10.686  14.238  -8.093  1.00 25.87 ? 204 PRO A CG  1 
ATOM   508  C CD  . PRO A 1 72  ? 10.234  12.835  -7.883  1.00 24.68 ? 204 PRO A CD  1 
ATOM   509  N N   . SER A 1 73  ? 10.071  14.856  -3.517  1.00 23.01 ? 205 SER A N   1 
ATOM   510  C CA  . SER A 1 73  ? 9.231   15.599  -2.577  1.00 24.79 ? 205 SER A CA  1 
ATOM   511  C C   . SER A 1 73  ? 8.963   17.051  -3.004  1.00 24.36 ? 205 SER A C   1 
ATOM   512  O O   . SER A 1 73  ? 7.929   17.641  -2.658  1.00 25.94 ? 205 SER A O   1 
ATOM   513  C CB  . SER A 1 73  ? 9.844   15.558  -1.172  1.00 26.47 ? 205 SER A CB  1 
ATOM   514  O OG  . SER A 1 73  ? 11.182  16.021  -1.207  1.00 35.20 ? 205 SER A OG  1 
ATOM   515  N N   . SER A 1 74  ? 9.888   17.625  -3.765  1.00 25.23 ? 206 SER A N   1 
ATOM   516  C CA  . SER A 1 74  ? 9.717   18.988  -4.270  1.00 26.24 ? 206 SER A CA  1 
ATOM   517  C C   . SER A 1 74  ? 8.548   19.085  -5.254  1.00 26.79 ? 206 SER A C   1 
ATOM   518  O O   . SER A 1 74  ? 8.024   20.175  -5.493  1.00 27.08 ? 206 SER A O   1 
ATOM   519  C CB  . SER A 1 74  ? 10.997  19.454  -4.963  1.00 26.92 ? 206 SER A CB  1 
ATOM   520  O OG  . SER A 1 74  ? 11.319  18.592  -6.036  1.00 27.23 ? 206 SER A OG  1 
ATOM   521  N N   . SER A 1 75  ? 8.149   17.944  -5.822  1.00 26.09 ? 207 SER A N   1 
ATOM   522  C CA  . SER A 1 75  ? 6.997   17.899  -6.729  1.00 26.11 ? 207 SER A CA  1 
ATOM   523  C C   . SER A 1 75  ? 5.649   17.939  -5.988  1.00 26.12 ? 207 SER A C   1 
ATOM   524  O O   . SER A 1 75  ? 4.627   18.298  -6.579  1.00 26.11 ? 207 SER A O   1 
ATOM   525  C CB  . SER A 1 75  ? 7.064   16.664  -7.630  1.00 27.08 ? 207 SER A CB  1 
ATOM   526  O OG  . SER A 1 75  ? 6.604   15.519  -6.929  1.00 28.26 ? 207 SER A OG  1 
ATOM   527  N N   . LEU A 1 76  ? 5.643   17.572  -4.703  1.00 24.65 ? 208 LEU A N   1 
ATOM   528  C CA  . LEU A 1 76  ? 4.386   17.474  -3.959  1.00 26.48 ? 208 LEU A CA  1 
ATOM   529  C C   . LEU A 1 76  ? 3.685   18.819  -3.839  1.00 28.78 ? 208 LEU A C   1 
ATOM   530  O O   . LEU A 1 76  ? 4.319   19.834  -3.530  1.00 31.51 ? 208 LEU A O   1 
ATOM   531  C CB  . LEU A 1 76  ? 4.599   16.862  -2.571  1.00 24.36 ? 208 LEU A CB  1 
ATOM   532  C CG  . LEU A 1 76  ? 5.236   15.475  -2.446  1.00 24.94 ? 208 LEU A CG  1 
ATOM   533  C CD1 . LEU A 1 76  ? 5.353   15.107  -0.968  1.00 23.10 ? 208 LEU A CD1 1 
ATOM   534  C CD2 . LEU A 1 76  ? 4.439   14.413  -3.205  1.00 25.09 ? 208 LEU A CD2 1 
ATOM   535  N N   . GLY A 1 77  ? 2.378   18.823  -4.094  1.00 28.19 ? 209 GLY A N   1 
ATOM   536  C CA  . GLY A 1 77  ? 1.601   20.057  -4.079  1.00 31.19 ? 209 GLY A CA  1 
ATOM   537  C C   . GLY A 1 77  ? 1.699   20.855  -5.372  1.00 31.77 ? 209 GLY A C   1 
ATOM   538  O O   . GLY A 1 77  ? 0.972   21.828  -5.557  1.00 34.34 ? 209 GLY A O   1 
ATOM   539  N N   . THR A 1 78  ? 2.594   20.444  -6.264  1.00 30.80 ? 210 THR A N   1 
ATOM   540  C CA  . THR A 1 78  ? 2.752   21.076  -7.572  1.00 29.89 ? 210 THR A CA  1 
ATOM   541  C C   . THR A 1 78  ? 2.270   20.157  -8.699  1.00 28.88 ? 210 THR A C   1 
ATOM   542  O O   . THR A 1 78  ? 1.404   20.538  -9.490  1.00 29.59 ? 210 THR A O   1 
ATOM   543  C CB  . THR A 1 78  ? 4.221   21.441  -7.822  1.00 30.35 ? 210 THR A CB  1 
ATOM   544  O OG1 . THR A 1 78  ? 4.657   22.332  -6.792  1.00 36.32 ? 210 THR A OG1 1 
ATOM   545  C CG2 . THR A 1 78  ? 4.391   22.096  -9.202  1.00 30.37 ? 210 THR A CG2 1 
ATOM   546  N N   . GLN A 1 79  ? 2.861   18.966  -8.776  1.00 25.58 ? 211 GLN A N   1 
ATOM   547  C CA  . GLN A 1 79  ? 2.439   17.943  -9.726  1.00 23.22 ? 211 GLN A CA  1 
ATOM   548  C C   . GLN A 1 79  ? 1.204   17.257  -9.142  1.00 22.54 ? 211 GLN A C   1 
ATOM   549  O O   . GLN A 1 79  ? 1.168   16.932  -7.948  1.00 22.06 ? 211 GLN A O   1 
ATOM   550  C CB  . GLN A 1 79  ? 3.581   16.949  -9.958  1.00 24.22 ? 211 GLN A CB  1 
ATOM   551  C CG  . GLN A 1 79  ? 3.256   15.767  -10.887 1.00 22.77 ? 211 GLN A CG  1 
ATOM   552  C CD  . GLN A 1 79  ? 2.767   16.205  -12.257 1.00 28.86 ? 211 GLN A CD  1 
ATOM   553  O OE1 . GLN A 1 79  ? 1.668   15.843  -12.682 1.00 30.91 ? 211 GLN A OE1 1 
ATOM   554  N NE2 . GLN A 1 79  ? 3.581   16.986  -12.955 1.00 28.36 ? 211 GLN A NE2 1 
ATOM   555  N N   . THR A 1 80  ? 0.180   17.093  -9.970  1.00 19.87 ? 212 THR A N   1 
ATOM   556  C CA  . THR A 1 80  ? -1.006  16.337  -9.599  1.00 18.05 ? 212 THR A CA  1 
ATOM   557  C C   . THR A 1 80  ? -0.703  14.852  -9.788  1.00 15.65 ? 212 THR A C   1 
ATOM   558  O O   . THR A 1 80  ? -0.078  14.463  -10.779 1.00 17.55 ? 212 THR A O   1 
ATOM   559  C CB  . THR A 1 80  ? -2.208  16.775  -10.464 1.00 19.37 ? 212 THR A CB  1 
ATOM   560  O OG1 . THR A 1 80  ? -2.588  18.102  -10.079 1.00 23.40 ? 212 THR A OG1 1 
ATOM   561  C CG2 . THR A 1 80  ? -3.401  15.860  -10.267 1.00 22.74 ? 212 THR A CG2 1 
ATOM   562  N N   . TYR A 1 81  ? -1.111  14.026  -8.820  1.00 14.07 ? 213 TYR A N   1 
ATOM   563  C CA  . TYR A 1 81  ? -0.926  12.578  -8.942  1.00 11.65 ? 213 TYR A CA  1 
ATOM   564  C C   . TYR A 1 81  ? -2.282  11.929  -8.827  1.00 12.32 ? 213 TYR A C   1 
ATOM   565  O O   . TYR A 1 81  ? -2.954  12.074  -7.812  1.00 11.88 ? 213 TYR A O   1 
ATOM   566  C CB  . TYR A 1 81  ? 0.001   12.036  -7.855  1.00 12.61 ? 213 TYR A CB  1 
ATOM   567  C CG  . TYR A 1 81  ? 1.385   12.561  -8.006  1.00 12.40 ? 213 TYR A CG  1 
ATOM   568  C CD1 . TYR A 1 81  ? 2.182   12.157  -9.082  1.00 13.13 ? 213 TYR A CD1 1 
ATOM   569  C CD2 . TYR A 1 81  ? 1.893   13.507  -7.120  1.00 15.75 ? 213 TYR A CD2 1 
ATOM   570  C CE1 . TYR A 1 81  ? 3.466   12.639  -9.246  1.00 15.98 ? 213 TYR A CE1 1 
ATOM   571  C CE2 . TYR A 1 81  ? 3.176   14.012  -7.281  1.00 18.84 ? 213 TYR A CE2 1 
ATOM   572  C CZ  . TYR A 1 81  ? 3.958   13.569  -8.348  1.00 17.67 ? 213 TYR A CZ  1 
ATOM   573  O OH  . TYR A 1 81  ? 5.232   14.059  -8.543  1.00 18.35 ? 213 TYR A OH  1 
ATOM   574  N N   . ILE A 1 82  ? -2.654  11.210  -9.877  1.00 11.24 ? 214 ILE A N   1 
ATOM   575  C CA  . ILE A 1 82  ? -3.951  10.555  -9.963  1.00 12.07 ? 214 ILE A CA  1 
ATOM   576  C C   . ILE A 1 82  ? -3.757  9.082   -10.260 1.00 11.15 ? 214 ILE A C   1 
ATOM   577  O O   . ILE A 1 82  ? -3.091  8.708   -11.233 1.00 13.03 ? 214 ILE A O   1 
ATOM   578  C CB  . ILE A 1 82  ? -4.818  11.171  -11.063 1.00 10.90 ? 214 ILE A CB  1 
ATOM   579  C CG1 . ILE A 1 82  ? -5.173  12.614  -10.671 1.00 13.81 ? 214 ILE A CG1 1 
ATOM   580  C CG2 . ILE A 1 82  ? -6.103  10.340  -11.253 1.00 13.71 ? 214 ILE A CG2 1 
ATOM   581  C CD1 . ILE A 1 82  ? -5.844  13.428  -11.784 1.00 17.82 ? 214 ILE A CD1 1 
ATOM   582  N N   . CYS A 1 83  ? -4.346  8.238   -9.427  1.00 10.27 ? 215 CYS A N   1 
ATOM   583  C CA  . CYS A 1 83  ? -4.316  6.818   -9.743  1.00 11.75 ? 215 CYS A CA  1 
ATOM   584  C C   . CYS A 1 83  ? -5.576  6.428   -10.507 1.00 11.71 ? 215 CYS A C   1 
ATOM   585  O O   . CYS A 1 83  ? -6.688  6.815   -10.137 1.00 11.87 ? 215 CYS A O   1 
ATOM   586  C CB  A CYS A 1 83  ? -4.100  5.937   -8.519  0.50 13.93 ? 215 CYS A CB  1 
ATOM   587  C CB  B CYS A 1 83  ? -4.094  6.031   -8.431  0.50 14.89 ? 215 CYS A CB  1 
ATOM   588  S SG  A CYS A 1 83  ? -5.480  5.897   -7.417  0.50 10.87 ? 215 CYS A SG  1 
ATOM   589  S SG  B CYS A 1 83  ? -5.077  4.569   -8.010  0.50 20.04 ? 215 CYS A SG  1 
ATOM   590  N N   . ASN A 1 84  ? -5.369  5.706   -11.606 1.00 11.75 ? 216 ASN A N   1 
ATOM   591  C CA  . ASN A 1 84  ? -6.443  5.277   -12.514 1.00 11.60 ? 216 ASN A CA  1 
ATOM   592  C C   . ASN A 1 84  ? -6.651  3.775   -12.349 1.00 11.22 ? 216 ASN A C   1 
ATOM   593  O O   . ASN A 1 84  ? -5.744  2.999   -12.627 1.00 13.09 ? 216 ASN A O   1 
ATOM   594  C CB  . ASN A 1 84  ? -6.080  5.577   -13.974 1.00 11.50 ? 216 ASN A CB  1 
ATOM   595  C CG  . ASN A 1 84  ? -5.412  6.930   -14.156 1.00 16.04 ? 216 ASN A CG  1 
ATOM   596  O OD1 . ASN A 1 84  ? -4.233  6.993   -14.485 1.00 17.26 ? 216 ASN A OD1 1 
ATOM   597  N ND2 . ASN A 1 84  ? -6.164  8.007   -13.951 1.00 12.79 ? 216 ASN A ND2 1 
ATOM   598  N N   . VAL A 1 85  ? -7.838  3.377   -11.906 1.00 9.18  ? 217 VAL A N   1 
ATOM   599  C CA  . VAL A 1 85  ? -8.129  1.980   -11.595 1.00 8.99  ? 217 VAL A CA  1 
ATOM   600  C C   . VAL A 1 85  ? -9.192  1.512   -12.562 1.00 9.89  ? 217 VAL A C   1 
ATOM   601  O O   . VAL A 1 85  ? -10.195 2.189   -12.760 1.00 11.58 ? 217 VAL A O   1 
ATOM   602  C CB  . VAL A 1 85  ? -8.625  1.847   -10.121 1.00 8.94  ? 217 VAL A CB  1 
ATOM   603  C CG1 . VAL A 1 85  ? -8.962  0.401   -9.761  1.00 11.11 ? 217 VAL A CG1 1 
ATOM   604  C CG2 . VAL A 1 85  ? -7.563  2.384   -9.173  1.00 13.52 ? 217 VAL A CG2 1 
ATOM   605  N N   . ASN A 1 86  ? -8.961  0.354   -13.174 1.00 10.56 ? 218 ASN A N   1 
ATOM   606  C CA  . ASN A 1 86  ? -9.856  -0.148  -14.179 1.00 11.97 ? 218 ASN A CA  1 
ATOM   607  C C   . ASN A 1 86  ? -10.304 -1.521  -13.714 1.00 11.95 ? 218 ASN A C   1 
ATOM   608  O O   . ASN A 1 86  ? -9.461  -2.410  -13.462 1.00 12.88 ? 218 ASN A O   1 
ATOM   609  C CB  . ASN A 1 86  ? -9.121  -0.224  -15.524 1.00 13.88 ? 218 ASN A CB  1 
ATOM   610  C CG  . ASN A 1 86  ? -10.054 -0.529  -16.697 1.00 22.57 ? 218 ASN A CG  1 
ATOM   611  O OD1 . ASN A 1 86  ? -11.217 -0.861  -16.512 1.00 29.58 ? 218 ASN A OD1 1 
ATOM   612  N ND2 . ASN A 1 86  ? -9.533  -0.403  -17.913 1.00 30.75 ? 218 ASN A ND2 1 
ATOM   613  N N   . HIS A 1 87  ? -11.617 -1.703  -13.574 1.00 11.96 ? 219 HIS A N   1 
ATOM   614  C CA  . HIS A 1 87  ? -12.148 -3.011  -13.216 1.00 12.17 ? 219 HIS A CA  1 
ATOM   615  C C   . HIS A 1 87  ? -13.141 -3.446  -14.283 1.00 13.18 ? 219 HIS A C   1 
ATOM   616  O O   . HIS A 1 87  ? -14.357 -3.262  -14.134 1.00 11.57 ? 219 HIS A O   1 
ATOM   617  C CB  . HIS A 1 87  ? -12.804 -2.995  -11.834 1.00 12.31 ? 219 HIS A CB  1 
ATOM   618  C CG  . HIS A 1 87  ? -13.227 -4.353  -11.351 1.00 11.29 ? 219 HIS A CG  1 
ATOM   619  N ND1 . HIS A 1 87  ? -14.503 -4.617  -10.901 1.00 11.43 ? 219 HIS A ND1 1 
ATOM   620  C CD2 . HIS A 1 87  ? -12.537 -5.517  -11.228 1.00 11.18 ? 219 HIS A CD2 1 
ATOM   621  C CE1 . HIS A 1 87  ? -14.586 -5.886  -10.534 1.00 14.19 ? 219 HIS A CE1 1 
ATOM   622  N NE2 . HIS A 1 87  ? -13.407 -6.455  -10.723 1.00 16.34 ? 219 HIS A NE2 1 
ATOM   623  N N   . LYS A 1 88  ? -12.609 -4.009  -15.365 1.00 14.36 ? 220 LYS A N   1 
ATOM   624  C CA  . LYS A 1 88  ? -13.437 -4.345  -16.522 1.00 16.55 ? 220 LYS A CA  1 
ATOM   625  C C   . LYS A 1 88  ? -14.635 -5.254  -16.220 1.00 15.85 ? 220 LYS A C   1 
ATOM   626  O O   . LYS A 1 88  ? -15.714 -5.021  -16.771 1.00 16.83 ? 220 LYS A O   1 
ATOM   627  C CB  . LYS A 1 88  ? -12.573 -4.892  -17.684 1.00 17.81 ? 220 LYS A CB  1 
ATOM   628  C CG  . LYS A 1 88  ? -13.338 -5.247  -18.967 1.00 28.69 ? 220 LYS A CG  1 
ATOM   629  C CD  . LYS A 1 88  ? -14.008 -4.040  -19.631 1.00 30.46 ? 220 LYS A CD  1 
ATOM   630  C CE  . LYS A 1 88  ? -14.728 -4.461  -20.912 1.00 36.20 ? 220 LYS A CE  1 
ATOM   631  N N   . PRO A 1 89  ? -14.472 -6.273  -15.341 1.00 16.85 ? 221 PRO A N   1 
ATOM   632  C CA  . PRO A 1 89  ? -15.619 -7.141  -15.035 1.00 16.91 ? 221 PRO A CA  1 
ATOM   633  C C   . PRO A 1 89  ? -16.885 -6.426  -14.547 1.00 16.16 ? 221 PRO A C   1 
ATOM   634  O O   . PRO A 1 89  ? -17.984 -6.912  -14.799 1.00 18.61 ? 221 PRO A O   1 
ATOM   635  C CB  . PRO A 1 89  ? -15.083 -8.056  -13.934 1.00 18.28 ? 221 PRO A CB  1 
ATOM   636  C CG  . PRO A 1 89  ? -13.613 -8.134  -14.192 1.00 17.00 ? 221 PRO A CG  1 
ATOM   637  C CD  . PRO A 1 89  ? -13.226 -6.788  -14.739 1.00 16.28 ? 221 PRO A CD  1 
ATOM   638  N N   . SER A 1 90  ? -16.736 -5.300  -13.841 1.00 13.93 ? 222 SER A N   1 
ATOM   639  C CA  . SER A 1 90  ? -17.896 -4.550  -13.361 1.00 14.98 ? 222 SER A CA  1 
ATOM   640  C C   . SER A 1 90  ? -18.128 -3.293  -14.194 1.00 12.97 ? 222 SER A C   1 
ATOM   641  O O   . SER A 1 90  ? -18.975 -2.462  -13.836 1.00 14.31 ? 222 SER A O   1 
ATOM   642  C CB  . SER A 1 90  ? -17.784 -4.215  -11.862 1.00 14.06 ? 222 SER A CB  1 
ATOM   643  O OG  . SER A 1 90  ? -16.790 -3.229  -11.618 1.00 13.68 ? 222 SER A OG  1 
ATOM   644  N N   . ASN A 1 91  ? -17.377 -3.168  -15.297 1.00 13.22 ? 223 ASN A N   1 
ATOM   645  C CA  . ASN A 1 91  ? -17.444 -2.021  -16.210 1.00 14.86 ? 223 ASN A CA  1 
ATOM   646  C C   . ASN A 1 91  ? -17.314 -0.713  -15.432 1.00 13.84 ? 223 ASN A C   1 
ATOM   647  O O   . ASN A 1 91  ? -18.071 0.230   -15.678 1.00 14.81 ? 223 ASN A O   1 
ATOM   648  C CB  . ASN A 1 91  ? -18.754 -1.999  -17.014 1.00 16.51 ? 223 ASN A CB  1 
ATOM   649  C CG  . ASN A 1 91  ? -18.925 -3.207  -17.902 1.00 23.68 ? 223 ASN A CG  1 
ATOM   650  O OD1 . ASN A 1 91  ? -19.851 -3.996  -17.714 1.00 34.42 ? 223 ASN A OD1 1 
ATOM   651  N ND2 . ASN A 1 91  ? -18.042 -3.360  -18.878 1.00 28.22 ? 223 ASN A ND2 1 
ATOM   652  N N   . THR A 1 92  ? -16.386 -0.697  -14.473 1.00 11.86 ? 224 THR A N   1 
ATOM   653  C CA  . THR A 1 92  ? -16.096 0.457   -13.611 1.00 11.67 ? 224 THR A CA  1 
ATOM   654  C C   . THR A 1 92  ? -14.663 0.939   -13.839 1.00 12.03 ? 224 THR A C   1 
ATOM   655  O O   . THR A 1 92  ? -13.748 0.131   -14.000 1.00 12.94 ? 224 THR A O   1 
ATOM   656  C CB  . THR A 1 92  ? -16.206 0.072   -12.098 1.00 12.70 ? 224 THR A CB  1 
ATOM   657  O OG1 . THR A 1 92  ? -17.455 -0.585  -11.858 1.00 20.65 ? 224 THR A OG1 1 
ATOM   658  C CG2 . THR A 1 92  ? -16.118 1.293   -11.183 1.00 16.89 ? 224 THR A CG2 1 
ATOM   659  N N   . LYS A 1 93  ? -14.480 2.259   -13.830 1.00 10.03 ? 225 LYS A N   1 
ATOM   660  C CA  . LYS A 1 93  ? -13.157 2.869   -13.745 1.00 9.41  ? 225 LYS A CA  1 
ATOM   661  C C   . LYS A 1 93  ? -13.213 3.903   -12.642 1.00 11.43 ? 225 LYS A C   1 
ATOM   662  O O   . LYS A 1 93  ? -14.215 4.596   -12.489 1.00 11.16 ? 225 LYS A O   1 
ATOM   663  C CB  . LYS A 1 93  ? -12.783 3.564   -15.049 1.00 11.36 ? 225 LYS A CB  1 
ATOM   664  C CG  . LYS A 1 93  ? -12.573 2.612   -16.225 1.00 16.39 ? 225 LYS A CG  1 
ATOM   665  C CD  . LYS A 1 93  ? -12.336 3.363   -17.519 1.00 26.73 ? 225 LYS A CD  1 
ATOM   666  C CE  . LYS A 1 93  ? -12.048 2.382   -18.658 1.00 29.17 ? 225 LYS A CE  1 
ATOM   667  N NZ  . LYS A 1 93  ? -11.638 3.105   -19.901 1.00 33.50 ? 225 LYS A NZ  1 
ATOM   668  N N   . VAL A 1 94  ? -12.151 3.994   -11.852 1.00 11.25 ? 226 VAL A N   1 
ATOM   669  C CA  . VAL A 1 94  ? -12.094 4.999   -10.803 1.00 10.75 ? 226 VAL A CA  1 
ATOM   670  C C   . VAL A 1 94  ? -10.773 5.776   -10.947 1.00 12.75 ? 226 VAL A C   1 
ATOM   671  O O   . VAL A 1 94  ? -9.709  5.170   -11.117 1.00 13.81 ? 226 VAL A O   1 
ATOM   672  C CB  . VAL A 1 94  ? -12.211 4.365   -9.374  1.00 11.82 ? 226 VAL A CB  1 
ATOM   673  C CG1 . VAL A 1 94  ? -12.193 5.450   -8.294  1.00 15.64 ? 226 VAL A CG1 1 
ATOM   674  C CG2 . VAL A 1 94  ? -13.472 3.505   -9.258  1.00 13.37 ? 226 VAL A CG2 1 
ATOM   675  N N   . ASP A 1 95  ? -10.846 7.108   -10.885 1.00 12.62 ? 227 ASP A N   1 
ATOM   676  C CA  . ASP A 1 95  ? -9.657  7.968   -10.767 1.00 14.51 ? 227 ASP A CA  1 
ATOM   677  C C   . ASP A 1 95  ? -9.662  8.595   -9.373  1.00 14.80 ? 227 ASP A C   1 
ATOM   678  O O   . ASP A 1 95  ? -10.672 9.153   -8.940  1.00 16.49 ? 227 ASP A O   1 
ATOM   679  C CB  . ASP A 1 95  ? -9.642  9.101   -11.807 1.00 16.71 ? 227 ASP A CB  1 
ATOM   680  C CG  . ASP A 1 95  ? -9.474  8.610   -13.244 1.00 27.73 ? 227 ASP A CG  1 
ATOM   681  O OD1 . ASP A 1 95  ? -8.980  7.481   -13.488 1.00 28.08 ? 227 ASP A OD1 1 
ATOM   682  O OD2 . ASP A 1 95  ? -9.823  9.398   -14.159 1.00 38.04 ? 227 ASP A OD2 1 
ATOM   683  N N   . LYS A 1 96  ? -8.544  8.508   -8.665  1.00 11.54 ? 228 LYS A N   1 
ATOM   684  C CA  . LYS A 1 96  ? -8.475  9.092   -7.342  1.00 12.33 ? 228 LYS A CA  1 
ATOM   685  C C   . LYS A 1 96  ? -7.282  10.013  -7.303  1.00 11.57 ? 228 LYS A C   1 
ATOM   686  O O   . LYS A 1 96  ? -6.153  9.582   -7.538  1.00 10.19 ? 228 LYS A O   1 
ATOM   687  C CB  . LYS A 1 96  ? -8.334  8.003   -6.277  1.00 13.28 ? 228 LYS A CB  1 
ATOM   688  C CG  . LYS A 1 96  ? -8.144  8.540   -4.870  1.00 17.06 ? 228 LYS A CG  1 
ATOM   689  C CD  . LYS A 1 96  ? -9.457  9.069   -4.311  1.00 28.56 ? 228 LYS A CD  1 
ATOM   690  C CE  . LYS A 1 96  ? -9.214  10.229  -3.364  1.00 33.45 ? 228 LYS A CE  1 
ATOM   691  N NZ  . LYS A 1 96  ? -10.478 10.927  -2.996  1.00 39.45 ? 228 LYS A NZ  1 
ATOM   692  N N   . LYS A 1 97  ? -7.530  11.281  -6.995  1.00 11.10 ? 229 LYS A N   1 
ATOM   693  C CA  . LYS A 1 97  ? -6.434  12.232  -6.795  1.00 11.26 ? 229 LYS A CA  1 
ATOM   694  C C   . LYS A 1 97  ? -5.803  11.973  -5.424  1.00 12.99 ? 229 LYS A C   1 
ATOM   695  O O   . LYS A 1 97  ? -6.512  11.892  -4.419  1.00 16.22 ? 229 LYS A O   1 
ATOM   696  C CB  . LYS A 1 97  ? -6.970  13.665  -6.862  1.00 14.91 ? 229 LYS A CB  1 
ATOM   697  C CG  . LYS A 1 97  ? -5.897  14.722  -6.836  1.00 16.50 ? 229 LYS A CG  1 
ATOM   698  C CD  . LYS A 1 97  ? -6.533  16.104  -7.079  1.00 26.09 ? 229 LYS A CD  1 
ATOM   699  N N   . VAL A 1 98  ? -4.482  11.835  -5.396  1.00 12.59 ? 230 VAL A N   1 
ATOM   700  C CA  . VAL A 1 98  ? -3.735  11.573  -4.155  1.00 12.08 ? 230 VAL A CA  1 
ATOM   701  C C   . VAL A 1 98  ? -2.997  12.846  -3.796  1.00 14.57 ? 230 VAL A C   1 
ATOM   702  O O   . VAL A 1 98  ? -2.038  13.215  -4.470  1.00 16.11 ? 230 VAL A O   1 
ATOM   703  C CB  . VAL A 1 98  ? -2.767  10.394  -4.320  1.00 11.62 ? 230 VAL A CB  1 
ATOM   704  C CG1 . VAL A 1 98  ? -2.023  10.100  -3.016  1.00 13.03 ? 230 VAL A CG1 1 
ATOM   705  C CG2 . VAL A 1 98  ? -3.556  9.164   -4.750  1.00 15.46 ? 230 VAL A CG2 1 
ATOM   706  N N   . GLU A 1 99  ? -3.469  13.504  -2.745  1.00 16.14 ? 231 GLU A N   1 
ATOM   707  C CA  . GLU A 1 99  ? -2.945  14.811  -2.339  1.00 20.27 ? 231 GLU A CA  1 
ATOM   708  C C   . GLU A 1 99  ? -2.134  14.688  -1.053  1.00 20.10 ? 231 GLU A C   1 
ATOM   709  O O   . GLU A 1 99  ? -2.430  13.820  -0.231  1.00 19.97 ? 231 GLU A O   1 
ATOM   710  C CB  . GLU A 1 99  ? -4.111  15.778  -2.123  1.00 22.10 ? 231 GLU A CB  1 
ATOM   711  C CG  . GLU A 1 99  ? -4.824  16.182  -3.412  1.00 30.67 ? 231 GLU A CG  1 
ATOM   712  C CD  . GLU A 1 99  ? -5.747  17.378  -3.242  1.00 41.97 ? 231 GLU A CD  1 
ATOM   713  O OE1 . GLU A 1 99  ? -5.622  18.342  -4.030  1.00 48.99 ? 231 GLU A OE1 1 
ATOM   714  O OE2 . GLU A 1 99  ? -6.601  17.358  -2.329  1.00 49.12 ? 231 GLU A OE2 1 
ATOM   715  N N   . PRO A 1 100 ? -1.133  15.578  -0.854  1.00 22.02 ? 232 PRO A N   1 
ATOM   716  C CA  . PRO A 1 100 ? -0.334  15.539  0.373   1.00 23.96 ? 232 PRO A CA  1 
ATOM   717  C C   . PRO A 1 100 ? -1.203  15.766  1.604   1.00 27.45 ? 232 PRO A C   1 
ATOM   718  O O   . PRO A 1 100 ? -2.206  16.485  1.525   1.00 28.26 ? 232 PRO A O   1 
ATOM   719  C CB  . PRO A 1 100 ? 0.660   16.694  0.193   1.00 23.53 ? 232 PRO A CB  1 
ATOM   720  C CG  . PRO A 1 100 ? 0.685   16.948  -1.281  1.00 25.31 ? 232 PRO A CG  1 
ATOM   721  C CD  . PRO A 1 100 ? -0.708  16.682  -1.739  1.00 22.77 ? 232 PRO A CD  1 
ATOM   722  N N   . LYS A 1 101 ? -0.806  15.153  2.723   1.00 31.09 ? 233 LYS A N   1 
ATOM   723  C CA  . LYS A 1 101 ? -1.644  15.012  3.933   1.00 34.03 ? 233 LYS A CA  1 
ATOM   724  C C   . LYS A 1 101 ? -2.562  16.204  4.280   1.00 36.80 ? 233 LYS A C   1 
ATOM   725  O O   . LYS A 1 101 ? -2.145  17.192  4.896   1.00 38.35 ? 233 LYS A O   1 
ATOM   726  C CB  . LYS A 1 101 ? -0.784  14.598  5.133   1.00 34.71 ? 233 LYS A CB  1 
ATOM   727  N N   . GLN B 2 2   ? 22.874  -12.070 -8.683  1.00 38.14 ? 112 GLN B N   1 
ATOM   728  C CA  . GLN B 2 2   ? 22.357  -10.675 -8.527  1.00 36.19 ? 112 GLN B CA  1 
ATOM   729  C C   . GLN B 2 2   ? 22.652  -10.161 -7.114  1.00 34.42 ? 112 GLN B C   1 
ATOM   730  O O   . GLN B 2 2   ? 22.508  -10.921 -6.149  1.00 34.49 ? 112 GLN B O   1 
ATOM   731  C CB  . GLN B 2 2   ? 20.860  -10.642 -8.811  1.00 37.27 ? 112 GLN B CB  1 
ATOM   732  C CG  . GLN B 2 2   ? 20.268  -9.250  -8.925  1.00 39.87 ? 112 GLN B CG  1 
ATOM   733  C CD  . GLN B 2 2   ? 18.772  -9.265  -9.115  1.00 43.69 ? 112 GLN B CD  1 
ATOM   734  O OE1 . GLN B 2 2   ? 18.200  -10.255 -9.582  1.00 47.28 ? 112 GLN B OE1 1 
ATOM   735  N NE2 . GLN B 2 2   ? 18.123  -8.162  -8.765  1.00 39.74 ? 112 GLN B NE2 1 
ATOM   736  N N   . PRO B 2 3   ? 23.077  -8.879  -6.985  1.00 32.02 ? 113 PRO B N   1 
ATOM   737  C CA  . PRO B 2 3   ? 23.424  -8.342  -5.659  1.00 29.52 ? 113 PRO B CA  1 
ATOM   738  C C   . PRO B 2 3   ? 22.235  -8.248  -4.712  1.00 26.63 ? 113 PRO B C   1 
ATOM   739  O O   . PRO B 2 3   ? 21.145  -7.846  -5.122  1.00 25.82 ? 113 PRO B O   1 
ATOM   740  C CB  . PRO B 2 3   ? 23.967  -6.937  -5.964  1.00 27.37 ? 113 PRO B CB  1 
ATOM   741  C CG  . PRO B 2 3   ? 23.476  -6.611  -7.345  1.00 34.25 ? 113 PRO B CG  1 
ATOM   742  C CD  . PRO B 2 3   ? 23.399  -7.924  -8.061  1.00 32.15 ? 113 PRO B CD  1 
ATOM   743  N N   . LYS B 2 4   ? 22.461  -8.615  -3.456  1.00 24.83 ? 114 LYS B N   1 
ATOM   744  C CA  . LYS B 2 4   ? 21.447  -8.481  -2.419  1.00 23.70 ? 114 LYS B CA  1 
ATOM   745  C C   . LYS B 2 4   ? 21.080  -7.014  -2.207  1.00 23.19 ? 114 LYS B C   1 
ATOM   746  O O   . LYS B 2 4   ? 21.924  -6.125  -2.328  1.00 22.03 ? 114 LYS B O   1 
ATOM   747  C CB  . LYS B 2 4   ? 21.919  -9.105  -1.105  1.00 24.53 ? 114 LYS B CB  1 
ATOM   748  C CG  . LYS B 2 4   ? 22.037  -10.624 -1.137  1.00 30.93 ? 114 LYS B CG  1 
ATOM   749  C CD  . LYS B 2 4   ? 22.025  -11.200 0.282   1.00 40.76 ? 114 LYS B CD  1 
ATOM   750  C CE  . LYS B 2 4   ? 22.780  -12.523 0.354   1.00 45.64 ? 114 LYS B CE  1 
ATOM   751  N NZ  . LYS B 2 4   ? 22.274  -13.509 -0.640  1.00 47.48 ? 114 LYS B NZ  1 
ATOM   752  N N   . ALA B 2 5   ? 19.807  -6.764  -1.918  1.00 21.10 ? 115 ALA B N   1 
ATOM   753  C CA  . ALA B 2 5   ? 19.335  -5.407  -1.676  1.00 21.39 ? 115 ALA B CA  1 
ATOM   754  C C   . ALA B 2 5   ? 18.330  -5.444  -0.533  1.00 21.54 ? 115 ALA B C   1 
ATOM   755  O O   . ALA B 2 5   ? 17.386  -6.233  -0.561  1.00 20.80 ? 115 ALA B O   1 
ATOM   756  C CB  . ALA B 2 5   ? 18.709  -4.828  -2.931  1.00 22.35 ? 115 ALA B CB  1 
ATOM   757  N N   . ALA B 2 6   ? 18.560  -4.610  0.479   1.00 21.40 ? 116 ALA B N   1 
ATOM   758  C CA  . ALA B 2 6   ? 17.658  -4.505  1.622   1.00 19.92 ? 116 ALA B CA  1 
ATOM   759  C C   . ALA B 2 6   ? 16.412  -3.706  1.224   1.00 19.64 ? 116 ALA B C   1 
ATOM   760  O O   . ALA B 2 6   ? 16.498  -2.790  0.403   1.00 20.19 ? 116 ALA B O   1 
ATOM   761  C CB  . ALA B 2 6   ? 18.368  -3.858  2.813   1.00 21.53 ? 116 ALA B CB  1 
ATOM   762  N N   . PRO B 2 7   ? 15.248  -4.057  1.802   1.00 19.90 ? 117 PRO B N   1 
ATOM   763  C CA  . PRO B 2 7   ? 14.005  -3.387  1.389   1.00 20.54 ? 117 PRO B CA  1 
ATOM   764  C C   . PRO B 2 7   ? 13.873  -1.960  1.913   1.00 19.35 ? 117 PRO B C   1 
ATOM   765  O O   . PRO B 2 7   ? 14.332  -1.665  3.008   1.00 21.57 ? 117 PRO B O   1 
ATOM   766  C CB  . PRO B 2 7   ? 12.916  -4.258  2.019   1.00 19.82 ? 117 PRO B CB  1 
ATOM   767  C CG  . PRO B 2 7   ? 13.559  -4.900  3.198   1.00 19.56 ? 117 PRO B CG  1 
ATOM   768  C CD  . PRO B 2 7   ? 15.006  -5.110  2.806   1.00 21.70 ? 117 PRO B CD  1 
ATOM   769  N N   . SER B 2 8   ? 13.241  -1.095  1.131   1.00 17.92 ? 118 SER B N   1 
ATOM   770  C CA  . SER B 2 8   ? 12.728  0.168   1.657   1.00 18.81 ? 118 SER B CA  1 
ATOM   771  C C   . SER B 2 8   ? 11.334  -0.120  2.186   1.00 16.98 ? 118 SER B C   1 
ATOM   772  O O   . SER B 2 8   ? 10.572  -0.834  1.552   1.00 21.73 ? 118 SER B O   1 
ATOM   773  C CB  . SER B 2 8   ? 12.646  1.211   0.553   1.00 19.71 ? 118 SER B CB  1 
ATOM   774  O OG  . SER B 2 8   ? 13.941  1.681   0.236   1.00 29.01 ? 118 SER B OG  1 
ATOM   775  N N   . VAL B 2 9   ? 11.010  0.424   3.347   1.00 13.93 ? 119 VAL B N   1 
ATOM   776  C CA  . VAL B 2 9   ? 9.715   0.165   3.973   1.00 10.60 ? 119 VAL B CA  1 
ATOM   777  C C   . VAL B 2 9   ? 9.021   1.505   4.207   1.00 10.64 ? 119 VAL B C   1 
ATOM   778  O O   . VAL B 2 9   ? 9.630   2.436   4.739   1.00 10.58 ? 119 VAL B O   1 
ATOM   779  C CB  . VAL B 2 9   ? 9.890   -0.602  5.316   1.00 10.41 ? 119 VAL B CB  1 
ATOM   780  C CG1 . VAL B 2 9   ? 8.549   -0.776  6.027   1.00 14.35 ? 119 VAL B CG1 1 
ATOM   781  C CG2 . VAL B 2 9   ? 10.570  -1.960  5.100   1.00 14.27 ? 119 VAL B CG2 1 
ATOM   782  N N   . THR B 2 10  ? 7.749   1.594   3.825   1.00 10.35 ? 120 THR B N   1 
ATOM   783  C CA  . THR B 2 10  ? 6.947   2.808   4.046   1.00 10.28 ? 120 THR B CA  1 
ATOM   784  C C   . THR B 2 10  ? 5.616   2.329   4.593   1.00 10.14 ? 120 THR B C   1 
ATOM   785  O O   . THR B 2 10  ? 4.980   1.462   4.006   1.00 11.71 ? 120 THR B O   1 
ATOM   786  C CB  . THR B 2 10  ? 6.671   3.552   2.736   1.00 14.53 ? 120 THR B CB  1 
ATOM   787  O OG1 . THR B 2 10  ? 7.916   3.875   2.108   1.00 17.11 ? 120 THR B OG1 1 
ATOM   788  C CG2 . THR B 2 10  ? 5.867   4.842   3.007   1.00 15.13 ? 120 THR B CG2 1 
ATOM   789  N N   . LEU B 2 11  ? 5.244   2.833   5.761   1.00 9.34  ? 121 LEU B N   1 
ATOM   790  C CA  . LEU B 2 11  ? 3.981   2.459   6.361   1.00 8.33  ? 121 LEU B CA  1 
ATOM   791  C C   . LEU B 2 11  ? 2.986   3.618   6.261   1.00 10.41 ? 121 LEU B C   1 
ATOM   792  O O   . LEU B 2 11  ? 3.274   4.756   6.698   1.00 11.15 ? 121 LEU B O   1 
ATOM   793  C CB  . LEU B 2 11  ? 4.207   2.021   7.811   1.00 8.87  ? 121 LEU B CB  1 
ATOM   794  C CG  . LEU B 2 11  ? 2.976   1.666   8.648   1.00 7.90  ? 121 LEU B CG  1 
ATOM   795  C CD1 . LEU B 2 11  ? 2.147   0.546   8.031   1.00 10.08 ? 121 LEU B CD1 1 
ATOM   796  C CD2 . LEU B 2 11  ? 3.413   1.292   10.082  1.00 9.88  ? 121 LEU B CD2 1 
ATOM   797  N N   . PHE B 2 12  ? 1.825   3.330   5.675   1.00 9.03  ? 122 PHE B N   1 
ATOM   798  C CA  . PHE B 2 12  ? 0.771   4.322   5.499   1.00 8.76  ? 122 PHE B CA  1 
ATOM   799  C C   . PHE B 2 12  ? -0.350  4.068   6.502   1.00 9.14  ? 122 PHE B C   1 
ATOM   800  O O   . PHE B 2 12  ? -0.856  2.959   6.577   1.00 10.55 ? 122 PHE B O   1 
ATOM   801  C CB  . PHE B 2 12  ? 0.176   4.241   4.098   1.00 7.37  ? 122 PHE B CB  1 
ATOM   802  C CG  . PHE B 2 12  ? 1.130   4.615   3.006   1.00 8.26  ? 122 PHE B CG  1 
ATOM   803  C CD1 . PHE B 2 12  ? 1.830   3.639   2.303   1.00 9.84  ? 122 PHE B CD1 1 
ATOM   804  C CD2 . PHE B 2 12  ? 1.276   5.956   2.653   1.00 10.37 ? 122 PHE B CD2 1 
ATOM   805  C CE1 . PHE B 2 12  ? 2.691   4.003   1.251   1.00 11.28 ? 122 PHE B CE1 1 
ATOM   806  C CE2 . PHE B 2 12  ? 2.137   6.340   1.615   1.00 8.91  ? 122 PHE B CE2 1 
ATOM   807  C CZ  . PHE B 2 12  ? 2.839   5.362   0.917   1.00 11.94 ? 122 PHE B CZ  1 
ATOM   808  N N   . PRO B 2 13  ? -0.757  5.109   7.241   1.00 10.44 ? 123 PRO B N   1 
ATOM   809  C CA  . PRO B 2 13  ? -1.907  4.992   8.129   1.00 10.61 ? 123 PRO B CA  1 
ATOM   810  C C   . PRO B 2 13  ? -3.206  4.977   7.320   1.00 12.15 ? 123 PRO B C   1 
ATOM   811  O O   . PRO B 2 13  ? -3.186  5.256   6.109   1.00 11.27 ? 123 PRO B O   1 
ATOM   812  C CB  . PRO B 2 13  ? -1.818  6.288   8.957   1.00 12.99 ? 123 PRO B CB  1 
ATOM   813  C CG  . PRO B 2 13  ? -1.223  7.272   8.026   1.00 16.67 ? 123 PRO B CG  1 
ATOM   814  C CD  . PRO B 2 13  ? -0.194  6.473   7.258   1.00 10.56 ? 123 PRO B CD  1 
ATOM   815  N N   . PRO B 2 14  ? -4.343  4.664   7.971   1.00 11.67 ? 124 PRO B N   1 
ATOM   816  C CA  . PRO B 2 14  ? -5.625  4.721   7.273   1.00 12.44 ? 124 PRO B CA  1 
ATOM   817  C C   . PRO B 2 14  ? -5.881  6.123   6.738   1.00 15.07 ? 124 PRO B C   1 
ATOM   818  O O   . PRO B 2 14  ? -5.557  7.111   7.406   1.00 17.32 ? 124 PRO B O   1 
ATOM   819  C CB  . PRO B 2 14  ? -6.644  4.382   8.386   1.00 14.34 ? 124 PRO B CB  1 
ATOM   820  C CG  . PRO B 2 14  ? -5.866  3.663   9.391   1.00 12.68 ? 124 PRO B CG  1 
ATOM   821  C CD  . PRO B 2 14  ? -4.527  4.334   9.395   1.00 11.73 ? 124 PRO B CD  1 
ATOM   822  N N   . SER B 2 15  ? -6.413  6.214   5.520   1.00 16.03 ? 125 SER B N   1 
ATOM   823  C CA  . SER B 2 15  ? -6.810  7.508   4.962   1.00 16.99 ? 125 SER B CA  1 
ATOM   824  C C   . SER B 2 15  ? -7.995  8.072   5.730   1.00 15.50 ? 125 SER B C   1 
ATOM   825  O O   . SER B 2 15  ? -8.821  7.327   6.254   1.00 16.18 ? 125 SER B O   1 
ATOM   826  C CB  . SER B 2 15  ? -7.192  7.372   3.487   1.00 16.78 ? 125 SER B CB  1 
ATOM   827  O OG  . SER B 2 15  ? -8.272  6.476   3.317   1.00 17.38 ? 125 SER B OG  1 
ATOM   828  N N   . SER B 2 16  ? -8.090  9.396   5.769   1.00 17.48 ? 126 SER B N   1 
ATOM   829  C CA  . SER B 2 16  ? -9.257  10.061  6.321   1.00 19.07 ? 126 SER B CA  1 
ATOM   830  C C   . SER B 2 16  ? -10.528 9.554   5.640   1.00 17.18 ? 126 SER B C   1 
ATOM   831  O O   . SER B 2 16  ? -11.552 9.331   6.302   1.00 17.67 ? 126 SER B O   1 
ATOM   832  C CB  . SER B 2 16  ? -9.133  11.570  6.132   1.00 20.65 ? 126 SER B CB  1 
ATOM   833  O OG  . SER B 2 16  ? -10.259 12.213  6.692   1.00 30.52 ? 126 SER B OG  1 
ATOM   834  N N   . GLU B 2 17  ? -10.456 9.355   4.325   1.00 16.10 ? 127 GLU B N   1 
ATOM   835  C CA  . GLU B 2 17  ? -11.604 8.861   3.574   1.00 17.35 ? 127 GLU B CA  1 
ATOM   836  C C   . GLU B 2 17  ? -12.069 7.498   4.057   1.00 17.01 ? 127 GLU B C   1 
ATOM   837  O O   . GLU B 2 17  ? -13.275 7.259   4.201   1.00 17.73 ? 127 GLU B O   1 
ATOM   838  C CB  . GLU B 2 17  ? -11.302 8.804   2.076   1.00 19.24 ? 127 GLU B CB  1 
ATOM   839  C CG  . GLU B 2 17  ? -11.354 10.153  1.412   1.00 31.14 ? 127 GLU B CG  1 
ATOM   840  C CD  . GLU B 2 17  ? -10.765 10.144  0.023   1.00 39.22 ? 127 GLU B CD  1 
ATOM   841  O OE1 . GLU B 2 17  ? -10.026 11.104  -0.290  1.00 44.58 ? 127 GLU B OE1 1 
ATOM   842  O OE2 . GLU B 2 17  ? -11.042 9.187   -0.749  1.00 42.42 ? 127 GLU B OE2 1 
ATOM   843  N N   . GLU B 2 18  ? -11.124 6.590   4.309   1.00 14.02 ? 128 GLU B N   1 
ATOM   844  C CA  . GLU B 2 18  ? -11.510 5.244   4.717   1.00 13.25 ? 128 GLU B CA  1 
ATOM   845  C C   . GLU B 2 18  ? -12.101 5.258   6.123   1.00 14.07 ? 128 GLU B C   1 
ATOM   846  O O   . GLU B 2 18  ? -13.079 4.558   6.411   1.00 13.93 ? 128 GLU B O   1 
ATOM   847  C CB  . GLU B 2 18  ? -10.323 4.296   4.650   1.00 15.56 ? 128 GLU B CB  1 
ATOM   848  C CG  . GLU B 2 18  ? -10.724 2.850   4.874   1.00 17.33 ? 128 GLU B CG  1 
ATOM   849  C CD  . GLU B 2 18  ? -9.538  1.909   4.982   1.00 20.79 ? 128 GLU B CD  1 
ATOM   850  O OE1 . GLU B 2 18  ? -8.406  2.371   5.271   1.00 19.24 ? 128 GLU B OE1 1 
ATOM   851  O OE2 . GLU B 2 18  ? -9.763  0.692   4.796   1.00 21.85 ? 128 GLU B OE2 1 
ATOM   852  N N   . LEU B 2 19  ? -11.526 6.083   6.989   1.00 12.60 ? 129 LEU B N   1 
ATOM   853  C CA  . LEU B 2 19  ? -12.002 6.187   8.361   1.00 13.92 ? 129 LEU B CA  1 
ATOM   854  C C   . LEU B 2 19  ? -13.422 6.746   8.374   1.00 16.31 ? 129 LEU B C   1 
ATOM   855  O O   . LEU B 2 19  ? -14.257 6.338   9.189   1.00 18.31 ? 129 LEU B O   1 
ATOM   856  C CB  . LEU B 2 19  ? -11.073 7.076   9.178   1.00 13.65 ? 129 LEU B CB  1 
ATOM   857  C CG  . LEU B 2 19  ? -9.735  6.468   9.620   1.00 15.46 ? 129 LEU B CG  1 
ATOM   858  C CD1 . LEU B 2 19  ? -8.846  7.533   10.246  1.00 16.36 ? 129 LEU B CD1 1 
ATOM   859  C CD2 . LEU B 2 19  ? -9.934  5.295   10.578  1.00 16.31 ? 129 LEU B CD2 1 
ATOM   860  N N   . GLN B 2 20  ? -13.700 7.665   7.458   1.00 16.07 ? 130 GLN B N   1 
ATOM   861  C CA  . GLN B 2 20  ? -15.041 8.223   7.377   1.00 18.56 ? 130 GLN B CA  1 
ATOM   862  C C   . GLN B 2 20  ? -16.035 7.219   6.802   1.00 19.03 ? 130 GLN B C   1 
ATOM   863  O O   . GLN B 2 20  ? -17.241 7.320   7.060   1.00 18.21 ? 130 GLN B O   1 
ATOM   864  C CB  . GLN B 2 20  ? -15.042 9.538   6.608   1.00 18.96 ? 130 GLN B CB  1 
ATOM   865  C CG  . GLN B 2 20  ? -14.410 10.685  7.397   1.00 23.99 ? 130 GLN B CG  1 
ATOM   866  C CD  . GLN B 2 20  ? -14.400 11.973  6.616   1.00 31.60 ? 130 GLN B CD  1 
ATOM   867  O OE1 . GLN B 2 20  ? -15.421 12.651  6.507   1.00 35.34 ? 130 GLN B OE1 1 
ATOM   868  N NE2 . GLN B 2 20  ? -13.243 12.325  6.069   1.00 37.53 ? 130 GLN B NE2 1 
ATOM   869  N N   . ALA B 2 21  ? -15.515 6.239   6.058   1.00 18.26 ? 131 ALA B N   1 
ATOM   870  C CA  . ALA B 2 21  ? -16.297 5.119   5.559   1.00 20.82 ? 131 ALA B CA  1 
ATOM   871  C C   . ALA B 2 21  ? -16.342 3.971   6.578   1.00 23.51 ? 131 ALA B C   1 
ATOM   872  O O   . ALA B 2 21  ? -16.684 2.850   6.223   1.00 23.70 ? 131 ALA B O   1 
ATOM   873  C CB  . ALA B 2 21  ? -15.730 4.637   4.229   1.00 19.42 ? 131 ALA B CB  1 
ATOM   874  N N   . ASN B 2 22  ? -15.994 4.274   7.833   1.00 23.01 ? 132 ASN B N   1 
ATOM   875  C CA  . ASN B 2 22  ? -16.025 3.320   8.955   1.00 24.95 ? 132 ASN B CA  1 
ATOM   876  C C   . ASN B 2 22  ? -15.159 2.063   8.805   1.00 24.06 ? 132 ASN B C   1 
ATOM   877  O O   . ASN B 2 22  ? -15.522 0.976   9.260   1.00 23.67 ? 132 ASN B O   1 
ATOM   878  C CB  . ASN B 2 22  ? -17.467 2.950   9.362   1.00 26.21 ? 132 ASN B CB  1 
ATOM   879  C CG  . ASN B 2 22  ? -17.564 2.516   10.823  1.00 31.97 ? 132 ASN B CG  1 
ATOM   880  O OD1 . ASN B 2 22  ? -16.907 3.082   11.703  1.00 36.37 ? 132 ASN B OD1 1 
ATOM   881  N ND2 . ASN B 2 22  ? -18.389 1.510   11.086  1.00 40.11 ? 132 ASN B ND2 1 
ATOM   882  N N   . ASP B 2 23  ? -13.998 2.232   8.188   1.00 20.69 ? 133 ASP B N   1 
ATOM   883  C CA  . ASP B 2 23  ? -13.018 1.170   8.087   1.00 19.85 ? 133 ASP B CA  1 
ATOM   884  C C   . ASP B 2 23  ? -11.631 1.727   8.320   1.00 16.76 ? 133 ASP B C   1 
ATOM   885  O O   . ASP B 2 23  ? -11.430 2.937   8.346   1.00 15.80 ? 133 ASP B O   1 
ATOM   886  C CB  . ASP B 2 23  ? -13.071 0.530   6.700   1.00 22.03 ? 133 ASP B CB  1 
ATOM   887  C CG  . ASP B 2 23  ? -13.595 -0.877  6.731   1.00 34.30 ? 133 ASP B CG  1 
ATOM   888  O OD1 . ASP B 2 23  ? -14.516 -1.159  7.530   1.00 49.33 ? 133 ASP B OD1 1 
ATOM   889  O OD2 . ASP B 2 23  ? -13.088 -1.710  5.945   1.00 45.37 ? 133 ASP B OD2 1 
ATOM   890  N N   . ALA B 2 24  ? -10.661 0.839   8.498   1.00 16.96 ? 134 ALA B N   1 
ATOM   891  C CA  . ALA B 2 24  ? -9.291  1.283   8.643   1.00 16.16 ? 134 ALA B CA  1 
ATOM   892  C C   . ALA B 2 24  ? -8.349  0.182   8.186   1.00 17.00 ? 134 ALA B C   1 
ATOM   893  O O   . ALA B 2 24  ? -8.481  -0.973  8.587   1.00 21.02 ? 134 ALA B O   1 
ATOM   894  C CB  . ALA B 2 24  ? -9.009  1.700   10.070  1.00 15.97 ? 134 ALA B CB  1 
ATOM   895  N N   . THR B 2 25  ? -7.438  0.539   7.289   1.00 14.26 ? 135 THR B N   1 
ATOM   896  C CA  . THR B 2 25  ? -6.463  -0.390  6.770   1.00 12.78 ? 135 THR B CA  1 
ATOM   897  C C   . THR B 2 25  ? -5.116  0.319   6.840   1.00 11.73 ? 135 THR B C   1 
ATOM   898  O O   . THR B 2 25  ? -4.974  1.452   6.367   1.00 13.07 ? 135 THR B O   1 
ATOM   899  C CB  . THR B 2 25  ? -6.720  -0.742  5.285   1.00 14.13 ? 135 THR B CB  1 
ATOM   900  O OG1 . THR B 2 25  ? -8.074  -1.176  5.106   1.00 16.22 ? 135 THR B OG1 1 
ATOM   901  C CG2 . THR B 2 25  ? -5.761  -1.843  4.828   1.00 14.05 ? 135 THR B CG2 1 
ATOM   902  N N   . LEU B 2 26  ? -4.136  -0.332  7.462   1.00 11.11 ? 136 LEU B N   1 
ATOM   903  C CA  . LEU B 2 26  ? -2.773  0.182   7.420   1.00 10.57 ? 136 LEU B CA  1 
ATOM   904  C C   . LEU B 2 26  ? -2.116  -0.538  6.264   1.00 8.54  ? 136 LEU B C   1 
ATOM   905  O O   . LEU B 2 26  ? -2.378  -1.713  6.048   1.00 7.85  ? 136 LEU B O   1 
ATOM   906  C CB  . LEU B 2 26  ? -2.037  -0.125  8.723   1.00 11.95 ? 136 LEU B CB  1 
ATOM   907  C CG  . LEU B 2 26  ? -2.432  0.644   9.989   1.00 17.15 ? 136 LEU B CG  1 
ATOM   908  C CD1 . LEU B 2 26  ? -3.920  0.707   10.203  1.00 26.17 ? 136 LEU B CD1 1 
ATOM   909  C CD2 . LEU B 2 26  ? -1.810  -0.046  11.178  1.00 21.15 ? 136 LEU B CD2 1 
ATOM   910  N N   . VAL B 2 27  ? -1.287  0.173   5.508   1.00 10.82 ? 137 VAL B N   1 
ATOM   911  C CA  . VAL B 2 27  ? -0.637  -0.428  4.325   1.00 8.51  ? 137 VAL B CA  1 
ATOM   912  C C   . VAL B 2 27  ? 0.872   -0.290  4.467   1.00 9.79  ? 137 VAL B C   1 
ATOM   913  O O   . VAL B 2 27  ? 1.393   0.828   4.594   1.00 9.60  ? 137 VAL B O   1 
ATOM   914  C CB  . VAL B 2 27  ? -1.101  0.232   3.000   1.00 9.70  ? 137 VAL B CB  1 
ATOM   915  C CG1 . VAL B 2 27  ? -0.383  -0.396  1.821   1.00 12.15 ? 137 VAL B CG1 1 
ATOM   916  C CG2 . VAL B 2 27  ? -2.623  0.108   2.818   1.00 12.39 ? 137 VAL B CG2 1 
ATOM   917  N N   . CYS B 2 28  ? 1.558   -1.431  4.475   1.00 9.49  ? 138 CYS B N   1 
ATOM   918  C CA  . CYS B 2 28  ? 3.010   -1.458  4.616   1.00 9.87  ? 138 CYS B CA  1 
ATOM   919  C C   . CYS B 2 28  ? 3.591   -1.820  3.252   1.00 11.07 ? 138 CYS B C   1 
ATOM   920  O O   . CYS B 2 28  ? 3.379   -2.933  2.743   1.00 13.58 ? 138 CYS B O   1 
ATOM   921  C CB  . CYS B 2 28  ? 3.400   -2.479  5.695   1.00 9.08  ? 138 CYS B CB  1 
ATOM   922  S SG  . CYS B 2 28  ? 5.194   -2.569  6.039   1.00 16.18 ? 138 CYS B SG  1 
ATOM   923  N N   . PHE B 2 29  ? 4.289   -0.866  2.645   1.00 10.04 ? 139 PHE B N   1 
ATOM   924  C CA  . PHE B 2 29  ? 4.819   -1.038  1.286   1.00 10.35 ? 139 PHE B CA  1 
ATOM   925  C C   . PHE B 2 29  ? 6.293   -1.376  1.394   1.00 12.03 ? 139 PHE B C   1 
ATOM   926  O O   . PHE B 2 29  ? 7.055   -0.618  1.988   1.00 11.35 ? 139 PHE B O   1 
ATOM   927  C CB  . PHE B 2 29  ? 4.612   0.232   0.485   1.00 11.70 ? 139 PHE B CB  1 
ATOM   928  C CG  . PHE B 2 29  ? 5.276   0.224   -0.863  1.00 11.62 ? 139 PHE B CG  1 
ATOM   929  C CD1 . PHE B 2 29  ? 5.153   -0.881  -1.713  1.00 16.86 ? 139 PHE B CD1 1 
ATOM   930  C CD2 . PHE B 2 29  ? 6.005   1.330   -1.281  1.00 20.03 ? 139 PHE B CD2 1 
ATOM   931  C CE1 . PHE B 2 29  ? 5.771   -0.882  -2.974  1.00 19.90 ? 139 PHE B CE1 1 
ATOM   932  C CE2 . PHE B 2 29  ? 6.628   1.332   -2.522  1.00 19.11 ? 139 PHE B CE2 1 
ATOM   933  C CZ  . PHE B 2 29  ? 6.502   0.227   -3.367  1.00 14.88 ? 139 PHE B CZ  1 
ATOM   934  N N   . ILE B 2 30  ? 6.667   -2.519  0.829   1.00 10.90 ? 140 ILE B N   1 
ATOM   935  C CA  . ILE B 2 30  ? 8.015   -3.049  0.978   1.00 11.05 ? 140 ILE B CA  1 
ATOM   936  C C   . ILE B 2 30  ? 8.623   -3.115  -0.417  1.00 12.27 ? 140 ILE B C   1 
ATOM   937  O O   . ILE B 2 30  ? 8.127   -3.835  -1.280  1.00 11.35 ? 140 ILE B O   1 
ATOM   938  C CB  . ILE B 2 30  ? 7.961   -4.450  1.597   1.00 11.84 ? 140 ILE B CB  1 
ATOM   939  C CG1 . ILE B 2 30  ? 7.087   -4.431  2.856   1.00 15.85 ? 140 ILE B CG1 1 
ATOM   940  C CG2 . ILE B 2 30  ? 9.379   -4.968  1.913   1.00 11.60 ? 140 ILE B CG2 1 
ATOM   941  C CD1 . ILE B 2 30  ? 6.638   -5.795  3.319   1.00 20.00 ? 140 ILE B CD1 1 
ATOM   942  N N   . SER B 2 31  ? 9.688   -2.373  -0.658  1.00 13.75 ? 141 SER B N   1 
ATOM   943  C CA  . SER B 2 31  ? 10.158  -2.272  -2.042  1.00 15.41 ? 141 SER B CA  1 
ATOM   944  C C   . SER B 2 31  ? 11.650  -2.441  -2.214  1.00 18.66 ? 141 SER B C   1 
ATOM   945  O O   . SER B 2 31  ? 12.417  -2.248  -1.270  1.00 17.58 ? 141 SER B O   1 
ATOM   946  C CB  . SER B 2 31  ? 9.702   -0.962  -2.681  1.00 20.26 ? 141 SER B CB  1 
ATOM   947  O OG  . SER B 2 31  ? 10.273  0.135   -2.021  1.00 22.65 ? 141 SER B OG  1 
ATOM   948  N N   . ASP B 2 32  ? 12.024  -2.826  -3.433  1.00 19.07 ? 142 ASP B N   1 
ATOM   949  C CA  . ASP B 2 32  ? 13.406  -2.846  -3.903  1.00 21.67 ? 142 ASP B CA  1 
ATOM   950  C C   . ASP B 2 32  ? 14.312  -3.793  -3.123  1.00 20.58 ? 142 ASP B C   1 
ATOM   951  O O   . ASP B 2 32  ? 15.444  -3.441  -2.790  1.00 22.46 ? 142 ASP B O   1 
ATOM   952  C CB  . ASP B 2 32  ? 13.978  -1.417  -3.937  1.00 24.34 ? 142 ASP B CB  1 
ATOM   953  C CG  . ASP B 2 32  ? 13.243  -0.518  -4.917  1.00 30.74 ? 142 ASP B CG  1 
ATOM   954  O OD1 . ASP B 2 32  ? 12.933  -0.973  -6.045  1.00 39.91 ? 142 ASP B OD1 1 
ATOM   955  O OD2 . ASP B 2 32  ? 12.971  0.651   -4.557  1.00 40.69 ? 142 ASP B OD2 1 
ATOM   956  N N   . PHE B 2 33  ? 13.812  -4.994  -2.832  1.00 17.36 ? 143 PHE B N   1 
ATOM   957  C CA  . PHE B 2 33  ? 14.618  -5.980  -2.127  1.00 14.30 ? 143 PHE B CA  1 
ATOM   958  C C   . PHE B 2 33  ? 14.981  -7.161  -2.995  1.00 15.47 ? 143 PHE B C   1 
ATOM   959  O O   . PHE B 2 33  ? 14.283  -7.484  -3.941  1.00 14.05 ? 143 PHE B O   1 
ATOM   960  C CB  . PHE B 2 33  ? 13.978  -6.456  -0.806  1.00 14.98 ? 143 PHE B CB  1 
ATOM   961  C CG  . PHE B 2 33  ? 12.601  -7.045  -0.947  1.00 14.86 ? 143 PHE B CG  1 
ATOM   962  C CD1 . PHE B 2 33  ? 12.412  -8.429  -0.987  1.00 15.02 ? 143 PHE B CD1 1 
ATOM   963  C CD2 . PHE B 2 33  ? 11.478  -6.217  -0.997  1.00 13.65 ? 143 PHE B CD2 1 
ATOM   964  C CE1 . PHE B 2 33  ? 11.111  -8.971  -1.100  1.00 15.20 ? 143 PHE B CE1 1 
ATOM   965  C CE2 . PHE B 2 33  ? 10.190  -6.746  -1.119  1.00 12.54 ? 143 PHE B CE2 1 
ATOM   966  C CZ  . PHE B 2 33  ? 10.002  -8.123  -1.163  1.00 14.19 ? 143 PHE B CZ  1 
ATOM   967  N N   . TYR B 2 34  ? 16.089  -7.788  -2.642  1.00 15.24 ? 144 TYR B N   1 
ATOM   968  C CA  . TYR B 2 34  ? 16.558  -9.004  -3.282  1.00 16.71 ? 144 TYR B CA  1 
ATOM   969  C C   . TYR B 2 34  ? 17.436  -9.738  -2.282  1.00 16.55 ? 144 TYR B C   1 
ATOM   970  O O   . TYR B 2 34  ? 18.289  -9.099  -1.658  1.00 18.64 ? 144 TYR B O   1 
ATOM   971  C CB  . TYR B 2 34  ? 17.359  -8.712  -4.560  1.00 15.99 ? 144 TYR B CB  1 
ATOM   972  C CG  . TYR B 2 34  ? 17.635  -9.997  -5.300  1.00 20.90 ? 144 TYR B CG  1 
ATOM   973  C CD1 . TYR B 2 34  ? 18.778  -10.753 -5.022  1.00 24.48 ? 144 TYR B CD1 1 
ATOM   974  C CD2 . TYR B 2 34  ? 16.721  -10.490 -6.228  1.00 20.04 ? 144 TYR B CD2 1 
ATOM   975  C CE1 . TYR B 2 34  ? 19.010  -11.957 -5.662  1.00 25.22 ? 144 TYR B CE1 1 
ATOM   976  C CE2 . TYR B 2 34  ? 16.954  -11.691 -6.884  1.00 27.82 ? 144 TYR B CE2 1 
ATOM   977  C CZ  . TYR B 2 34  ? 18.096  -12.415 -6.593  1.00 28.33 ? 144 TYR B CZ  1 
ATOM   978  O OH  . TYR B 2 34  ? 18.324  -13.603 -7.244  1.00 32.63 ? 144 TYR B OH  1 
ATOM   979  N N   . PRO B 2 35  ? 17.254  -11.074 -2.131  1.00 17.68 ? 145 PRO B N   1 
ATOM   980  C CA  . PRO B 2 35  ? 16.311  -11.964 -2.830  1.00 17.74 ? 145 PRO B CA  1 
ATOM   981  C C   . PRO B 2 35  ? 14.865  -11.751 -2.396  1.00 19.75 ? 145 PRO B C   1 
ATOM   982  O O   . PRO B 2 35  ? 14.601  -10.915 -1.537  1.00 16.41 ? 145 PRO B O   1 
ATOM   983  C CB  . PRO B 2 35  ? 16.770  -13.382 -2.424  1.00 17.35 ? 145 PRO B CB  1 
ATOM   984  C CG  . PRO B 2 35  ? 18.030  -13.205 -1.676  1.00 20.70 ? 145 PRO B CG  1 
ATOM   985  C CD  . PRO B 2 35  ? 18.009  -11.815 -1.111  1.00 19.11 ? 145 PRO B CD  1 
ATOM   986  N N   . GLY B 2 36  ? 13.944  -12.522 -2.973  1.00 21.11 ? 146 GLY B N   1 
ATOM   987  C CA  . GLY B 2 36  ? 12.514  -12.273 -2.796  1.00 24.65 ? 146 GLY B CA  1 
ATOM   988  C C   . GLY B 2 36  ? 11.864  -12.716 -1.497  1.00 26.38 ? 146 GLY B C   1 
ATOM   989  O O   . GLY B 2 36  ? 10.651  -12.651 -1.385  1.00 32.53 ? 146 GLY B O   1 
ATOM   990  N N   . ALA B 2 37  ? 12.638  -13.176 -0.522  1.00 26.54 ? 147 ALA B N   1 
ATOM   991  C CA  . ALA B 2 37  ? 12.047  -13.707 0.707   1.00 25.42 ? 147 ALA B CA  1 
ATOM   992  C C   . ALA B 2 37  ? 12.035  -12.682 1.837   1.00 22.90 ? 147 ALA B C   1 
ATOM   993  O O   . ALA B 2 37  ? 13.089  -12.203 2.255   1.00 24.06 ? 147 ALA B O   1 
ATOM   994  C CB  . ALA B 2 37  ? 12.754  -14.975 1.142   1.00 26.44 ? 147 ALA B CB  1 
ATOM   995  N N   . VAL B 2 38  ? 10.836  -12.361 2.314   1.00 21.36 ? 148 VAL B N   1 
ATOM   996  C CA  . VAL B 2 38  ? 10.644  -11.461 3.470   1.00 19.02 ? 148 VAL B CA  1 
ATOM   997  C C   . VAL B 2 38  ? 9.634   -12.030 4.444   1.00 19.71 ? 148 VAL B C   1 
ATOM   998  O O   . VAL B 2 38  ? 8.734   -12.795 4.062   1.00 20.27 ? 148 VAL B O   1 
ATOM   999  C CB  . VAL B 2 38  ? 10.124  -10.043 3.077   1.00 20.93 ? 148 VAL B CB  1 
ATOM   1000 C CG1 . VAL B 2 38  ? 11.212  -9.217  2.440   1.00 20.72 ? 148 VAL B CG1 1 
ATOM   1001 C CG2 . VAL B 2 38  ? 8.860   -10.128 2.187   1.00 24.31 ? 148 VAL B CG2 1 
ATOM   1002 N N   . THR B 2 39  ? 9.748   -11.623 5.703   1.00 13.36 ? 149 THR B N   1 
ATOM   1003 C CA  . THR B 2 39  ? 8.727   -11.938 6.680   1.00 15.19 ? 149 THR B CA  1 
ATOM   1004 C C   . THR B 2 39  ? 8.224   -10.625 7.236   1.00 14.32 ? 149 THR B C   1 
ATOM   1005 O O   . THR B 2 39  ? 9.001   -9.691  7.400   1.00 14.10 ? 149 THR B O   1 
ATOM   1006 C CB  A THR B 2 39  ? 9.293   -12.870 7.766   0.65 17.51 ? 149 THR B CB  1 
ATOM   1007 C CB  B THR B 2 39  ? 9.252   -12.881 7.804   0.35 15.90 ? 149 THR B CB  1 
ATOM   1008 O OG1 A THR B 2 39  ? 9.466   -14.175 7.199   0.65 23.47 ? 149 THR B OG1 1 
ATOM   1009 O OG1 B THR B 2 39  ? 10.052  -12.149 8.735   0.35 12.84 ? 149 THR B OG1 1 
ATOM   1010 C CG2 A THR B 2 39  ? 8.372   -12.972 8.974   0.65 16.75 ? 149 THR B CG2 1 
ATOM   1011 C CG2 B THR B 2 39  ? 10.100  -14.017 7.227   0.35 16.77 ? 149 THR B CG2 1 
ATOM   1012 N N   . VAL B 2 40  ? 6.919   -10.531 7.452   1.00 12.34 ? 150 VAL B N   1 
ATOM   1013 C CA  . VAL B 2 40  ? 6.308   -9.294  7.948   1.00 14.62 ? 150 VAL B CA  1 
ATOM   1014 C C   . VAL B 2 40  ? 5.566   -9.591  9.241   1.00 15.92 ? 150 VAL B C   1 
ATOM   1015 O O   . VAL B 2 40  ? 4.840   -10.598 9.351   1.00 18.31 ? 150 VAL B O   1 
ATOM   1016 C CB  . VAL B 2 40  ? 5.358   -8.649  6.910   1.00 14.59 ? 150 VAL B CB  1 
ATOM   1017 C CG1 . VAL B 2 40  ? 4.826   -7.297  7.424   1.00 16.39 ? 150 VAL B CG1 1 
ATOM   1018 C CG2 . VAL B 2 40  ? 6.048   -8.491  5.566   1.00 20.04 ? 150 VAL B CG2 1 
ATOM   1019 N N   . ALA B 2 41  ? 5.775   -8.729  10.225  1.00 12.58 ? 151 ALA B N   1 
ATOM   1020 C CA  . ALA B 2 41  ? 5.114   -8.836  11.499  1.00 13.99 ? 151 ALA B CA  1 
ATOM   1021 C C   . ALA B 2 41  ? 4.574   -7.463  11.824  1.00 14.46 ? 151 ALA B C   1 
ATOM   1022 O O   . ALA B 2 41  ? 5.180   -6.450  11.484  1.00 17.63 ? 151 ALA B O   1 
ATOM   1023 C CB  . ALA B 2 41  ? 6.089   -9.277  12.562  1.00 15.35 ? 151 ALA B CB  1 
ATOM   1024 N N   . TRP B 2 42  ? 3.429   -7.427  12.483  1.00 12.23 ? 152 TRP B N   1 
ATOM   1025 C CA  . TRP B 2 42  ? 2.828   -6.158  12.872  1.00 10.10 ? 152 TRP B CA  1 
ATOM   1026 C C   . TRP B 2 42  ? 2.750   -6.060  14.393  1.00 11.50 ? 152 TRP B C   1 
ATOM   1027 O O   . TRP B 2 42  ? 2.712   -7.087  15.090  1.00 14.27 ? 152 TRP B O   1 
ATOM   1028 C CB  . TRP B 2 42  ? 1.404   -6.062  12.335  1.00 10.45 ? 152 TRP B CB  1 
ATOM   1029 C CG  . TRP B 2 42  ? 1.310   -5.883  10.857  1.00 9.95  ? 152 TRP B CG  1 
ATOM   1030 C CD1 . TRP B 2 42  ? 1.364   -6.846  9.915   1.00 12.63 ? 152 TRP B CD1 1 
ATOM   1031 C CD2 . TRP B 2 42  ? 1.125   -4.644  10.169  1.00 9.77  ? 152 TRP B CD2 1 
ATOM   1032 N NE1 . TRP B 2 42  ? 1.226   -6.290  8.659   1.00 11.27 ? 152 TRP B NE1 1 
ATOM   1033 C CE2 . TRP B 2 42  ? 1.088   -4.934  8.789   1.00 10.81 ? 152 TRP B CE2 1 
ATOM   1034 C CE3 . TRP B 2 42  ? 0.999   -3.314  10.584  1.00 7.44  ? 152 TRP B CE3 1 
ATOM   1035 C CZ2 . TRP B 2 42  ? 0.898   -3.950  7.827   1.00 12.56 ? 152 TRP B CZ2 1 
ATOM   1036 C CZ3 . TRP B 2 42  ? 0.824   -2.339  9.637   1.00 11.88 ? 152 TRP B CZ3 1 
ATOM   1037 C CH2 . TRP B 2 42  ? 0.778   -2.656  8.266   1.00 11.69 ? 152 TRP B CH2 1 
ATOM   1038 N N   . LYS B 2 43  ? 2.745   -4.828  14.896  1.00 11.14 ? 153 LYS B N   1 
ATOM   1039 C CA  . LYS B 2 43  ? 2.580   -4.584  16.321  1.00 12.39 ? 153 LYS B CA  1 
ATOM   1040 C C   . LYS B 2 43  ? 1.550   -3.493  16.562  1.00 12.75 ? 153 LYS B C   1 
ATOM   1041 O O   . LYS B 2 43  ? 1.456   -2.521  15.806  1.00 13.10 ? 153 LYS B O   1 
ATOM   1042 C CB  . LYS B 2 43  ? 3.907   -4.168  16.966  1.00 14.09 ? 153 LYS B CB  1 
ATOM   1043 C CG  . LYS B 2 43  ? 5.011   -5.216  16.861  1.00 18.78 ? 153 LYS B CG  1 
ATOM   1044 C CD  . LYS B 2 43  ? 6.200   -4.850  17.736  1.00 28.64 ? 153 LYS B CD  1 
ATOM   1045 C CE  . LYS B 2 43  ? 6.707   -3.437  17.464  1.00 38.38 ? 153 LYS B CE  1 
ATOM   1046 N NZ  . LYS B 2 43  ? 7.841   -3.043  18.359  1.00 44.64 ? 153 LYS B NZ  1 
ATOM   1047 N N   . ALA B 2 44  ? 0.785   -3.645  17.637  1.00 12.74 ? 154 ALA B N   1 
ATOM   1048 C CA  . ALA B 2 44  ? -0.058  -2.552  18.122  1.00 14.16 ? 154 ALA B CA  1 
ATOM   1049 C C   . ALA B 2 44  ? 0.629   -2.100  19.389  1.00 15.84 ? 154 ALA B C   1 
ATOM   1050 O O   . ALA B 2 44  ? 0.800   -2.903  20.311  1.00 17.60 ? 154 ALA B O   1 
ATOM   1051 C CB  . ALA B 2 44  ? -1.461  -3.038  18.415  1.00 16.81 ? 154 ALA B CB  1 
ATOM   1052 N N   . ASP B 2 45  ? 1.058   -0.839  19.415  1.00 16.30 ? 155 ASP B N   1 
ATOM   1053 C CA  . ASP B 2 45  ? 2.037   -0.368  20.393  1.00 19.17 ? 155 ASP B CA  1 
ATOM   1054 C C   . ASP B 2 45  ? 3.239   -1.322  20.321  1.00 19.90 ? 155 ASP B C   1 
ATOM   1055 O O   . ASP B 2 45  ? 3.859   -1.453  19.256  1.00 19.58 ? 155 ASP B O   1 
ATOM   1056 C CB  . ASP B 2 45  ? 1.426   -0.293  21.815  1.00 19.55 ? 155 ASP B CB  1 
ATOM   1057 C CG  . ASP B 2 45  ? 0.246   0.664   21.902  1.00 32.66 ? 155 ASP B CG  1 
ATOM   1058 O OD1 . ASP B 2 45  ? -0.753  0.324   22.584  1.00 39.05 ? 155 ASP B OD1 1 
ATOM   1059 O OD2 . ASP B 2 45  ? 0.310   1.767   21.304  1.00 35.13 ? 155 ASP B OD2 1 
ATOM   1060 N N   . SER B 2 46  ? 3.554   -2.014  21.411  1.00 19.39 ? 156 SER B N   1 
ATOM   1061 C CA  . SER B 2 46  ? 4.661   -2.977  21.375  1.00 21.02 ? 156 SER B CA  1 
ATOM   1062 C C   . SER B 2 46  ? 4.220   -4.435  21.227  1.00 21.08 ? 156 SER B C   1 
ATOM   1063 O O   . SER B 2 46  ? 5.062   -5.322  21.138  1.00 22.28 ? 156 SER B O   1 
ATOM   1064 C CB  . SER B 2 46  ? 5.542   -2.833  22.613  1.00 24.37 ? 156 SER B CB  1 
ATOM   1065 O OG  . SER B 2 46  ? 4.770   -3.072  23.774  1.00 30.33 ? 156 SER B OG  1 
ATOM   1066 N N   . SER B 2 47  ? 2.917   -4.685  21.202  1.00 21.21 ? 157 SER B N   1 
ATOM   1067 C CA  . SER B 2 47  ? 2.405   -6.067  21.183  1.00 19.75 ? 157 SER B CA  1 
ATOM   1068 C C   . SER B 2 47  ? 2.213   -6.646  19.784  1.00 20.76 ? 157 SER B C   1 
ATOM   1069 O O   . SER B 2 47  ? 1.518   -6.044  18.968  1.00 18.19 ? 157 SER B O   1 
ATOM   1070 C CB  . SER B 2 47  ? 1.079   -6.148  21.931  1.00 21.72 ? 157 SER B CB  1 
ATOM   1071 O OG  . SER B 2 47  ? 1.229   -5.734  23.284  1.00 24.03 ? 157 SER B OG  1 
ATOM   1072 N N   . PRO B 2 48  ? 2.801   -7.827  19.509  1.00 21.08 ? 158 PRO B N   1 
ATOM   1073 C CA  . PRO B 2 48  ? 2.609   -8.484  18.199  1.00 21.82 ? 158 PRO B CA  1 
ATOM   1074 C C   . PRO B 2 48  ? 1.130   -8.725  17.890  1.00 24.27 ? 158 PRO B C   1 
ATOM   1075 O O   . PRO B 2 48  ? 0.384   -9.143  18.772  1.00 23.20 ? 158 PRO B O   1 
ATOM   1076 C CB  . PRO B 2 48  ? 3.340   -9.828  18.367  1.00 24.01 ? 158 PRO B CB  1 
ATOM   1077 C CG  . PRO B 2 48  ? 4.309   -9.606  19.472  1.00 23.04 ? 158 PRO B CG  1 
ATOM   1078 C CD  . PRO B 2 48  ? 3.626   -8.650  20.415  1.00 22.51 ? 158 PRO B CD  1 
ATOM   1079 N N   . VAL B 2 49  ? 0.705   -8.440  16.656  1.00 22.19 ? 159 VAL B N   1 
ATOM   1080 C CA  . VAL B 2 49  ? -0.672  -8.709  16.233  1.00 22.73 ? 159 VAL B CA  1 
ATOM   1081 C C   . VAL B 2 49  ? -0.679  -9.576  14.987  1.00 23.73 ? 159 VAL B C   1 
ATOM   1082 O O   . VAL B 2 49  ? 0.158   -9.392  14.097  1.00 22.02 ? 159 VAL B O   1 
ATOM   1083 C CB  . VAL B 2 49  ? -1.490  -7.413  15.985  1.00 22.23 ? 159 VAL B CB  1 
ATOM   1084 C CG1 . VAL B 2 49  ? -1.885  -6.754  17.291  1.00 30.41 ? 159 VAL B CG1 1 
ATOM   1085 C CG2 . VAL B 2 49  ? -0.731  -6.419  15.138  1.00 27.38 ? 159 VAL B CG2 1 
ATOM   1086 N N   . LYS B 2 50  ? -1.604  -10.533 14.928  1.00 24.14 ? 160 LYS B N   1 
ATOM   1087 C CA  . LYS B 2 50  ? -1.748  -11.365 13.723  1.00 24.64 ? 160 LYS B CA  1 
ATOM   1088 C C   . LYS B 2 50  ? -3.144  -11.283 13.098  1.00 23.50 ? 160 LYS B C   1 
ATOM   1089 O O   . LYS B 2 50  ? -3.298  -11.528 11.892  1.00 23.62 ? 160 LYS B O   1 
ATOM   1090 C CB  . LYS B 2 50  ? -1.358  -12.830 13.975  1.00 26.92 ? 160 LYS B CB  1 
ATOM   1091 C CG  . LYS B 2 50  ? 0.150   -13.051 14.152  1.00 31.94 ? 160 LYS B CG  1 
ATOM   1092 C CD  . LYS B 2 50  ? 0.683   -14.247 13.343  1.00 43.07 ? 160 LYS B CD  1 
ATOM   1093 C CE  . LYS B 2 50  ? 0.365   -15.596 13.980  1.00 51.26 ? 160 LYS B CE  1 
ATOM   1094 N NZ  . LYS B 2 50  ? 0.551   -16.731 13.010  1.00 52.35 ? 160 LYS B NZ  1 
ATOM   1095 N N   . ALA B 2 51  ? -4.147  -10.932 13.905  1.00 20.20 ? 161 ALA B N   1 
ATOM   1096 C CA  . ALA B 2 51  ? -5.510  -10.805 13.397  1.00 19.64 ? 161 ALA B CA  1 
ATOM   1097 C C   . ALA B 2 51  ? -5.596  -9.666  12.389  1.00 19.75 ? 161 ALA B C   1 
ATOM   1098 O O   . ALA B 2 51  ? -5.093  -8.562  12.635  1.00 20.87 ? 161 ALA B O   1 
ATOM   1099 C CB  . ALA B 2 51  ? -6.502  -10.581 14.542  1.00 20.20 ? 161 ALA B CB  1 
ATOM   1100 N N   . GLY B 2 52  ? -6.218  -9.950  11.251  1.00 17.19 ? 162 GLY B N   1 
ATOM   1101 C CA  . GLY B 2 52  ? -6.483  -8.932  10.246  1.00 16.64 ? 162 GLY B CA  1 
ATOM   1102 C C   . GLY B 2 52  ? -5.312  -8.604  9.334   1.00 16.17 ? 162 GLY B C   1 
ATOM   1103 O O   . GLY B 2 52  ? -5.370  -7.622  8.583   1.00 16.75 ? 162 GLY B O   1 
ATOM   1104 N N   . VAL B 2 53  ? -4.268  -9.433  9.380   1.00 14.20 ? 163 VAL B N   1 
ATOM   1105 C CA  . VAL B 2 53  ? -3.085  -9.230  8.550   1.00 13.30 ? 163 VAL B CA  1 
ATOM   1106 C C   . VAL B 2 53  ? -3.168  -10.039 7.262   1.00 14.70 ? 163 VAL B C   1 
ATOM   1107 O O   . VAL B 2 53  ? -3.464  -11.247 7.292   1.00 14.94 ? 163 VAL B O   1 
ATOM   1108 C CB  . VAL B 2 53  ? -1.788  -9.618  9.309   1.00 13.15 ? 163 VAL B CB  1 
ATOM   1109 C CG1 . VAL B 2 53  ? -0.577  -9.562  8.356   1.00 15.06 ? 163 VAL B CG1 1 
ATOM   1110 C CG2 . VAL B 2 53  ? -1.567  -8.675  10.487  1.00 20.18 ? 163 VAL B CG2 1 
ATOM   1111 N N   . GLU B 2 54  ? -2.903  -9.384  6.126   1.00 13.31 ? 164 GLU B N   1 
ATOM   1112 C CA  . GLU B 2 54  ? -2.736  -10.083 4.856   1.00 14.21 ? 164 GLU B CA  1 
ATOM   1113 C C   . GLU B 2 54  ? -1.477  -9.567  4.174   1.00 15.40 ? 164 GLU B C   1 
ATOM   1114 O O   . GLU B 2 54  ? -1.202  -8.366  4.200   1.00 14.40 ? 164 GLU B O   1 
ATOM   1115 C CB  . GLU B 2 54  ? -3.931  -9.847  3.927   1.00 15.22 ? 164 GLU B CB  1 
ATOM   1116 C CG  . GLU B 2 54  ? -5.306  -10.157 4.521   1.00 19.97 ? 164 GLU B CG  1 
ATOM   1117 C CD  . GLU B 2 54  ? -5.659  -11.647 4.544   1.00 37.33 ? 164 GLU B CD  1 
ATOM   1118 O OE1 . GLU B 2 54  ? -4.927  -12.470 3.939   1.00 35.56 ? 164 GLU B OE1 1 
ATOM   1119 O OE2 . GLU B 2 54  ? -6.693  -11.989 5.173   1.00 34.60 ? 164 GLU B OE2 1 
ATOM   1120 N N   . THR B 2 55  ? -0.726  -10.456 3.541   1.00 13.00 ? 165 THR B N   1 
ATOM   1121 C CA  . THR B 2 55  ? 0.515   -10.036 2.881   1.00 13.58 ? 165 THR B CA  1 
ATOM   1122 C C   . THR B 2 55  ? 0.591   -10.637 1.486   1.00 15.09 ? 165 THR B C   1 
ATOM   1123 O O   . THR B 2 55  ? 0.238   -11.805 1.302   1.00 14.33 ? 165 THR B O   1 
ATOM   1124 C CB  . THR B 2 55  ? 1.738   -10.446 3.733   1.00 15.81 ? 165 THR B CB  1 
ATOM   1125 O OG1 . THR B 2 55  ? 1.601   -9.895  5.058   1.00 16.33 ? 165 THR B OG1 1 
ATOM   1126 C CG2 . THR B 2 55  ? 3.040   -9.964  3.106   1.00 15.64 ? 165 THR B CG2 1 
ATOM   1127 N N   . THR B 2 56  ? 1.052   -9.843  0.517   1.00 11.57 ? 166 THR B N   1 
ATOM   1128 C CA  . THR B 2 56  ? 1.184   -10.306 -0.862  1.00 14.22 ? 166 THR B CA  1 
ATOM   1129 C C   . THR B 2 56  ? 2.408   -11.198 -1.019  1.00 14.69 ? 166 THR B C   1 
ATOM   1130 O O   . THR B 2 56  ? 3.363   -11.127 -0.245  1.00 15.98 ? 166 THR B O   1 
ATOM   1131 C CB  . THR B 2 56  ? 1.275   -9.124  -1.873  1.00 15.19 ? 166 THR B CB  1 
ATOM   1132 O OG1 . THR B 2 56  ? 2.535   -8.456  -1.736  1.00 13.30 ? 166 THR B OG1 1 
ATOM   1133 C CG2 . THR B 2 56  ? 0.168   -8.117  -1.651  1.00 17.91 ? 166 THR B CG2 1 
ATOM   1134 N N   . THR B 2 57  ? 2.392   -12.054 -2.028  1.00 18.94 ? 167 THR B N   1 
ATOM   1135 C CA  . THR B 2 57  ? 3.622   -12.729 -2.378  1.00 20.67 ? 167 THR B CA  1 
ATOM   1136 C C   . THR B 2 57  ? 4.533   -11.753 -3.129  1.00 18.89 ? 167 THR B C   1 
ATOM   1137 O O   . THR B 2 57  ? 4.062   -11.038 -4.005  1.00 20.09 ? 167 THR B O   1 
ATOM   1138 C CB  . THR B 2 57  ? 3.346   -13.979 -3.185  1.00 24.95 ? 167 THR B CB  1 
ATOM   1139 O OG1 . THR B 2 57  ? 2.150   -13.781 -3.958  1.00 32.45 ? 167 THR B OG1 1 
ATOM   1140 C CG2 . THR B 2 57  ? 3.109   -15.107 -2.224  1.00 22.95 ? 167 THR B CG2 1 
ATOM   1141 N N   . PRO B 2 58  ? 5.830   -11.710 -2.773  1.00 18.64 ? 168 PRO B N   1 
ATOM   1142 C CA  . PRO B 2 58  ? 6.711   -10.737 -3.415  1.00 18.61 ? 168 PRO B CA  1 
ATOM   1143 C C   . PRO B 2 58  ? 6.753   -10.932 -4.916  1.00 20.22 ? 168 PRO B C   1 
ATOM   1144 O O   . PRO B 2 58  ? 6.777   -12.076 -5.393  1.00 20.24 ? 168 PRO B O   1 
ATOM   1145 C CB  . PRO B 2 58  ? 8.079   -11.060 -2.819  1.00 20.11 ? 168 PRO B CB  1 
ATOM   1146 C CG  . PRO B 2 58  ? 7.749   -11.615 -1.481  1.00 22.37 ? 168 PRO B CG  1 
ATOM   1147 C CD  . PRO B 2 58  ? 6.552   -12.485 -1.753  1.00 19.14 ? 168 PRO B CD  1 
ATOM   1148 N N   . SER B 2 59  ? 6.753   -9.822  -5.646  1.00 19.48 ? 169 SER B N   1 
ATOM   1149 C CA  . SER B 2 59  ? 6.698   -9.892  -7.102  1.00 20.72 ? 169 SER B CA  1 
ATOM   1150 C C   . SER B 2 59  ? 7.813   -9.064  -7.705  1.00 20.17 ? 169 SER B C   1 
ATOM   1151 O O   . SER B 2 59  ? 8.112   -7.967  -7.235  1.00 14.82 ? 169 SER B O   1 
ATOM   1152 C CB  . SER B 2 59  ? 5.325   -9.462  -7.633  1.00 21.83 ? 169 SER B CB  1 
ATOM   1153 O OG  . SER B 2 59  ? 5.114   -8.066  -7.480  1.00 31.59 ? 169 SER B OG  1 
ATOM   1154 N N   . LYS B 2 60  ? 8.411   -9.607  -8.758  1.00 19.45 ? 170 LYS B N   1 
ATOM   1155 C CA  . LYS B 2 60  ? 9.525   -8.964  -9.454  1.00 23.18 ? 170 LYS B CA  1 
ATOM   1156 C C   . LYS B 2 60  ? 9.072   -7.713  -10.172 1.00 23.34 ? 170 LYS B C   1 
ATOM   1157 O O   . LYS B 2 60  ? 8.061   -7.728  -10.877 1.00 24.85 ? 170 LYS B O   1 
ATOM   1158 C CB  . LYS B 2 60  ? 10.102  -9.927  -10.490 1.00 24.25 ? 170 LYS B CB  1 
ATOM   1159 C CG  . LYS B 2 60  ? 11.227  -10.783 -9.998  1.00 33.06 ? 170 LYS B CG  1 
ATOM   1160 C CD  . LYS B 2 60  ? 12.555  -10.326 -10.570 1.00 41.73 ? 170 LYS B CD  1 
ATOM   1161 C CE  . LYS B 2 60  ? 13.535  -11.493 -10.616 1.00 43.93 ? 170 LYS B CE  1 
ATOM   1162 N NZ  . LYS B 2 60  ? 14.933  -11.080 -10.918 1.00 49.28 ? 170 LYS B NZ  1 
ATOM   1163 N N   . GLN B 2 61  ? 9.828   -6.640  -9.989  1.00 22.35 ? 171 GLN B N   1 
ATOM   1164 C CA  . GLN B 2 61  ? 9.569   -5.375  -10.657 1.00 24.02 ? 171 GLN B CA  1 
ATOM   1165 C C   . GLN B 2 61  ? 10.498  -5.239  -11.868 1.00 25.50 ? 171 GLN B C   1 
ATOM   1166 O O   . GLN B 2 61  ? 11.316  -6.131  -12.135 1.00 24.80 ? 171 GLN B O   1 
ATOM   1167 C CB  . GLN B 2 61  ? 9.735   -4.210  -9.683  1.00 23.06 ? 171 GLN B CB  1 
ATOM   1168 C CG  . GLN B 2 61  ? 8.861   -4.343  -8.420  1.00 23.89 ? 171 GLN B CG  1 
ATOM   1169 C CD  . GLN B 2 61  ? 7.360   -4.396  -8.734  1.00 29.53 ? 171 GLN B CD  1 
ATOM   1170 O OE1 . GLN B 2 61  ? 6.808   -3.471  -9.334  1.00 30.24 ? 171 GLN B OE1 1 
ATOM   1171 N NE2 . GLN B 2 61  ? 6.697   -5.483  -8.328  1.00 29.28 ? 171 GLN B NE2 1 
ATOM   1172 N N   . SER B 2 62  ? 10.343  -4.142  -12.604 1.00 28.12 ? 172 SER B N   1 
ATOM   1173 C CA  . SER B 2 62  ? 11.134  -3.905  -13.816 1.00 30.29 ? 172 SER B CA  1 
ATOM   1174 C C   . SER B 2 62  ? 12.605  -3.652  -13.503 1.00 30.79 ? 172 SER B C   1 
ATOM   1175 O O   . SER B 2 62  ? 13.459  -3.808  -14.378 1.00 32.58 ? 172 SER B O   1 
ATOM   1176 C CB  . SER B 2 62  ? 10.537  -2.764  -14.644 1.00 31.21 ? 172 SER B CB  1 
ATOM   1177 O OG  . SER B 2 62  ? 10.315  -1.620  -13.840 1.00 36.01 ? 172 SER B OG  1 
ATOM   1178 N N   . ASN B 2 63  ? 12.907  -3.290  -12.255 1.00 28.68 ? 173 ASN B N   1 
ATOM   1179 C CA  . ASN B 2 63  ? 14.295  -3.150  -11.822 1.00 28.35 ? 173 ASN B CA  1 
ATOM   1180 C C   . ASN B 2 63  ? 14.913  -4.453  -11.313 1.00 26.00 ? 173 ASN B C   1 
ATOM   1181 O O   . ASN B 2 63  ? 15.989  -4.431  -10.709 1.00 26.77 ? 173 ASN B O   1 
ATOM   1182 C CB  . ASN B 2 63  ? 14.436  -2.043  -10.774 1.00 27.98 ? 173 ASN B CB  1 
ATOM   1183 C CG  . ASN B 2 63  ? 13.777  -2.397  -9.456  1.00 35.08 ? 173 ASN B CG  1 
ATOM   1184 O OD1 . ASN B 2 63  ? 13.129  -3.439  -9.328  1.00 34.39 ? 173 ASN B OD1 1 
ATOM   1185 N ND2 . ASN B 2 63  ? 13.946  -1.537  -8.470  1.00 30.63 ? 173 ASN B ND2 1 
ATOM   1186 N N   . ASN B 2 64  ? 14.208  -5.565  -11.533 1.00 25.06 ? 174 ASN B N   1 
ATOM   1187 C CA  . ASN B 2 64  ? 14.655  -6.911  -11.160 1.00 23.90 ? 174 ASN B CA  1 
ATOM   1188 C C   . ASN B 2 64  ? 14.697  -7.178  -9.664  1.00 21.53 ? 174 ASN B C   1 
ATOM   1189 O O   . ASN B 2 64  ? 15.168  -8.227  -9.225  1.00 23.20 ? 174 ASN B O   1 
ATOM   1190 C CB  . ASN B 2 64  ? 16.006  -7.247  -11.798 1.00 27.48 ? 174 ASN B CB  1 
ATOM   1191 C CG  . ASN B 2 64  ? 15.914  -7.389  -13.295 1.00 31.13 ? 174 ASN B CG  1 
ATOM   1192 O OD1 . ASN B 2 64  ? 14.914  -7.876  -13.822 1.00 36.70 ? 174 ASN B OD1 1 
ATOM   1193 N ND2 . ASN B 2 64  ? 16.961  -6.963  -13.994 1.00 36.01 ? 174 ASN B ND2 1 
ATOM   1194 N N   . LYS B 2 65  ? 14.199  -6.232  -8.885  1.00 19.54 ? 175 LYS B N   1 
ATOM   1195 C CA  . LYS B 2 65  ? 14.086  -6.439  -7.454  1.00 17.86 ? 175 LYS B CA  1 
ATOM   1196 C C   . LYS B 2 65  ? 12.625  -6.701  -7.136  1.00 15.08 ? 175 LYS B C   1 
ATOM   1197 O O   . LYS B 2 65  ? 11.769  -6.564  -8.005  1.00 17.58 ? 175 LYS B O   1 
ATOM   1198 C CB  . LYS B 2 65  ? 14.596  -5.221  -6.696  1.00 19.06 ? 175 LYS B CB  1 
ATOM   1199 C CG  . LYS B 2 65  ? 16.083  -4.932  -6.968  1.00 18.55 ? 175 LYS B CG  1 
ATOM   1200 C CD  . LYS B 2 65  ? 16.500  -3.584  -6.404  1.00 25.29 ? 175 LYS B CD  1 
ATOM   1201 C CE  . LYS B 2 65  ? 18.007  -3.413  -6.518  1.00 34.47 ? 175 LYS B CE  1 
ATOM   1202 N NZ  . LYS B 2 65  ? 18.364  -1.975  -6.549  1.00 38.63 ? 175 LYS B NZ  1 
ATOM   1203 N N   . TYR B 2 66  ? 12.336  -7.027  -5.886  1.00 14.51 ? 176 TYR B N   1 
ATOM   1204 C CA  . TYR B 2 66  ? 10.986  -7.411  -5.535  1.00 12.87 ? 176 TYR B CA  1 
ATOM   1205 C C   . TYR B 2 66  ? 10.287  -6.319  -4.766  1.00 12.64 ? 176 TYR B C   1 
ATOM   1206 O O   . TYR B 2 66  ? 10.926  -5.461  -4.154  1.00 14.53 ? 176 TYR B O   1 
ATOM   1207 C CB  . TYR B 2 66  ? 11.004  -8.670  -4.685  1.00 12.48 ? 176 TYR B CB  1 
ATOM   1208 C CG  . TYR B 2 66  ? 11.355  -9.906  -5.463  1.00 15.57 ? 176 TYR B CG  1 
ATOM   1209 C CD1 . TYR B 2 66  ? 12.688  -10.284 -5.639  1.00 19.94 ? 176 TYR B CD1 1 
ATOM   1210 C CD2 . TYR B 2 66  ? 10.360  -10.692 -6.033  1.00 17.78 ? 176 TYR B CD2 1 
ATOM   1211 C CE1 . TYR B 2 66  ? 13.023  -11.419 -6.366  1.00 24.68 ? 176 TYR B CE1 1 
ATOM   1212 C CE2 . TYR B 2 66  ? 10.687  -11.843 -6.753  1.00 24.86 ? 176 TYR B CE2 1 
ATOM   1213 C CZ  . TYR B 2 66  ? 12.019  -12.193 -6.917  1.00 29.77 ? 176 TYR B CZ  1 
ATOM   1214 O OH  . TYR B 2 66  ? 12.354  -13.322 -7.634  1.00 31.55 ? 176 TYR B OH  1 
ATOM   1215 N N   . ALA B 2 67  ? 8.961   -6.378  -4.813  1.00 12.09 ? 177 ALA B N   1 
ATOM   1216 C CA  . ALA B 2 67  ? 8.113   -5.529  -4.006  1.00 12.88 ? 177 ALA B CA  1 
ATOM   1217 C C   . ALA B 2 67  ? 6.972   -6.370  -3.433  1.00 12.65 ? 177 ALA B C   1 
ATOM   1218 O O   . ALA B 2 67  ? 6.567   -7.384  -4.013  1.00 13.13 ? 177 ALA B O   1 
ATOM   1219 C CB  . ALA B 2 67  ? 7.577   -4.387  -4.827  1.00 12.94 ? 177 ALA B CB  1 
ATOM   1220 N N   . ALA B 2 68  ? 6.464   -5.949  -2.280  1.00 11.38 ? 178 ALA B N   1 
ATOM   1221 C CA  . ALA B 2 68  ? 5.334   -6.626  -1.651  1.00 10.65 ? 178 ALA B CA  1 
ATOM   1222 C C   . ALA B 2 68  ? 4.556   -5.599  -0.832  1.00 10.96 ? 178 ALA B C   1 
ATOM   1223 O O   . ALA B 2 68  ? 5.089   -4.549  -0.506  1.00 10.66 ? 178 ALA B O   1 
ATOM   1224 C CB  . ALA B 2 68  ? 5.813   -7.770  -0.739  1.00 11.11 ? 178 ALA B CB  1 
ATOM   1225 N N   . SER B 2 69  ? 3.290   -5.891  -0.545  1.00 12.55 ? 179 SER B N   1 
ATOM   1226 C CA  . SER B 2 69  ? 2.501   -5.104  0.409   1.00 13.88 ? 179 SER B CA  1 
ATOM   1227 C C   . SER B 2 69  ? 2.024   -5.991  1.547   1.00 10.69 ? 179 SER B C   1 
ATOM   1228 O O   . SER B 2 69  ? 1.755   -7.186  1.351   1.00 12.06 ? 179 SER B O   1 
ATOM   1229 C CB  . SER B 2 69  ? 1.267   -4.490  -0.259  1.00 17.99 ? 179 SER B CB  1 
ATOM   1230 O OG  . SER B 2 69  ? 1.623   -3.480  -1.191  1.00 19.94 ? 179 SER B OG  1 
ATOM   1231 N N   . SER B 2 70  ? 1.907   -5.405  2.738   1.00 9.53  ? 180 SER B N   1 
ATOM   1232 C CA  . SER B 2 70  ? 1.203   -6.061  3.834   1.00 9.41  ? 180 SER B CA  1 
ATOM   1233 C C   . SER B 2 70  ? 0.126   -5.106  4.347   1.00 9.92  ? 180 SER B C   1 
ATOM   1234 O O   . SER B 2 70  ? 0.298   -3.893  4.326   1.00 9.02  ? 180 SER B O   1 
ATOM   1235 C CB  . SER B 2 70  ? 2.161   -6.439  4.970   1.00 9.75  ? 180 SER B CB  1 
ATOM   1236 O OG  . SER B 2 70  ? 1.509   -7.301  5.899   1.00 11.57 ? 180 SER B OG  1 
ATOM   1237 N N   . TYR B 2 71  ? -0.982  -5.673  4.802   1.00 9.74  ? 181 TYR B N   1 
ATOM   1238 C CA  . TYR B 2 71  ? -2.140  -4.896  5.180   1.00 8.67  ? 181 TYR B CA  1 
ATOM   1239 C C   . TYR B 2 71  ? -2.565  -5.337  6.553   1.00 11.08 ? 181 TYR B C   1 
ATOM   1240 O O   . TYR B 2 71  ? -2.577  -6.525  6.849   1.00 13.07 ? 181 TYR B O   1 
ATOM   1241 C CB  . TYR B 2 71  ? -3.295  -5.234  4.254   1.00 10.45 ? 181 TYR B CB  1 
ATOM   1242 C CG  . TYR B 2 71  ? -2.982  -5.021  2.813   1.00 9.08  ? 181 TYR B CG  1 
ATOM   1243 C CD1 . TYR B 2 71  ? -3.026  -3.756  2.267   1.00 12.45 ? 181 TYR B CD1 1 
ATOM   1244 C CD2 . TYR B 2 71  ? -2.632  -6.097  1.990   1.00 12.57 ? 181 TYR B CD2 1 
ATOM   1245 C CE1 . TYR B 2 71  ? -2.744  -3.548  0.919   1.00 12.87 ? 181 TYR B CE1 1 
ATOM   1246 C CE2 . TYR B 2 71  ? -2.354  -5.903  0.623   1.00 11.90 ? 181 TYR B CE2 1 
ATOM   1247 C CZ  . TYR B 2 71  ? -2.409  -4.620  0.113   1.00 15.08 ? 181 TYR B CZ  1 
ATOM   1248 O OH  . TYR B 2 71  ? -2.132  -4.403  -1.217  1.00 19.84 ? 181 TYR B OH  1 
ATOM   1249 N N   . LEU B 2 72  ? -2.950  -4.370  7.363   1.00 8.52  ? 182 LEU B N   1 
ATOM   1250 C CA  . LEU B 2 72  ? -3.542  -4.681  8.652   1.00 8.46  ? 182 LEU B CA  1 
ATOM   1251 C C   . LEU B 2 72  ? -4.904  -4.030  8.701   1.00 9.85  ? 182 LEU B C   1 
ATOM   1252 O O   . LEU B 2 72  ? -5.021  -2.814  8.637   1.00 10.76 ? 182 LEU B O   1 
ATOM   1253 C CB  . LEU B 2 72  ? -2.625  -4.222  9.798   1.00 9.28  ? 182 LEU B CB  1 
ATOM   1254 C CG  . LEU B 2 72  ? -3.263  -4.316  11.192  1.00 12.56 ? 182 LEU B CG  1 
ATOM   1255 C CD1 . LEU B 2 72  ? -3.609  -5.745  11.550  1.00 15.47 ? 182 LEU B CD1 1 
ATOM   1256 C CD2 . LEU B 2 72  ? -2.367  -3.707  12.263  1.00 15.26 ? 182 LEU B CD2 1 
ATOM   1257 N N   . SER B 2 73  ? -5.931  -4.863  8.808   1.00 10.50 ? 183 SER B N   1 
ATOM   1258 C CA  . SER B 2 73  ? -7.304  -4.391  8.844   1.00 14.26 ? 183 SER B CA  1 
ATOM   1259 C C   . SER B 2 73  ? -7.740  -4.203  10.279  1.00 15.01 ? 183 SER B C   1 
ATOM   1260 O O   . SER B 2 73  ? -7.606  -5.124  11.099  1.00 17.97 ? 183 SER B O   1 
ATOM   1261 C CB  . SER B 2 73  ? -8.225  -5.373  8.133   1.00 17.35 ? 183 SER B CB  1 
ATOM   1262 O OG  . SER B 2 73  ? -8.076  -5.256  6.731   1.00 20.75 ? 183 SER B OG  1 
ATOM   1263 N N   . LEU B 2 74  ? -8.217  -3.000  10.575  1.00 14.11 ? 184 LEU B N   1 
ATOM   1264 C CA  . LEU B 2 74  ? -8.698  -2.640  11.916  1.00 15.12 ? 184 LEU B CA  1 
ATOM   1265 C C   . LEU B 2 74  ? -10.029 -1.922  11.828  1.00 15.26 ? 184 LEU B C   1 
ATOM   1266 O O   . LEU B 2 74  ? -10.385 -1.405  10.781  1.00 16.03 ? 184 LEU B O   1 
ATOM   1267 C CB  . LEU B 2 74  ? -7.738  -1.649  12.580  1.00 16.04 ? 184 LEU B CB  1 
ATOM   1268 C CG  . LEU B 2 74  ? -6.247  -1.892  12.690  1.00 17.42 ? 184 LEU B CG  1 
ATOM   1269 C CD1 . LEU B 2 74  ? -5.586  -0.596  13.173  1.00 17.02 ? 184 LEU B CD1 1 
ATOM   1270 C CD2 . LEU B 2 74  ? -5.987  -3.027  13.662  1.00 23.09 ? 184 LEU B CD2 1 
ATOM   1271 N N   . THR B 2 75  ? -10.740 -1.833  12.950  1.00 14.89 ? 185 THR B N   1 
ATOM   1272 C CA  . THR B 2 75  ? -11.817 -0.866  13.055  1.00 15.75 ? 185 THR B CA  1 
ATOM   1273 C C   . THR B 2 75  ? -11.241 0.533   13.352  1.00 14.93 ? 185 THR B C   1 
ATOM   1274 O O   . THR B 2 75  ? -10.140 0.670   13.930  1.00 14.23 ? 185 THR B O   1 
ATOM   1275 C CB  . THR B 2 75  ? -12.847 -1.248  14.153  1.00 16.07 ? 185 THR B CB  1 
ATOM   1276 O OG1 . THR B 2 75  ? -12.255 -1.075  15.439  1.00 18.16 ? 185 THR B OG1 1 
ATOM   1277 C CG2 . THR B 2 75  ? -13.306 -2.693  14.004  1.00 21.68 ? 185 THR B CG2 1 
ATOM   1278 N N   . PRO B 2 76  ? -11.967 1.587   12.964  1.00 14.11 ? 186 PRO B N   1 
ATOM   1279 C CA  . PRO B 2 76  ? -11.505 2.911   13.322  1.00 15.87 ? 186 PRO B CA  1 
ATOM   1280 C C   . PRO B 2 76  ? -11.277 3.074   14.838  1.00 16.16 ? 186 PRO B C   1 
ATOM   1281 O O   . PRO B 2 76  ? -10.363 3.799   15.255  1.00 15.46 ? 186 PRO B O   1 
ATOM   1282 C CB  . PRO B 2 76  ? -12.653 3.814   12.838  1.00 16.07 ? 186 PRO B CB  1 
ATOM   1283 C CG  . PRO B 2 76  ? -13.211 3.086   11.694  1.00 18.10 ? 186 PRO B CG  1 
ATOM   1284 C CD  . PRO B 2 76  ? -13.098 1.633   12.019  1.00 14.55 ? 186 PRO B CD  1 
ATOM   1285 N N   . GLU B 2 77  ? -12.088 2.393   15.649  1.00 16.76 ? 187 GLU B N   1 
ATOM   1286 C CA  . GLU B 2 77  ? -11.937 2.446   17.107  1.00 17.94 ? 187 GLU B CA  1 
ATOM   1287 C C   . GLU B 2 77  ? -10.652 1.765   17.570  1.00 17.25 ? 187 GLU B C   1 
ATOM   1288 O O   . GLU B 2 77  ? -9.970  2.282   18.439  1.00 17.30 ? 187 GLU B O   1 
ATOM   1289 C CB  . GLU B 2 77  ? -13.171 1.853   17.795  1.00 22.86 ? 187 GLU B CB  1 
ATOM   1290 C CG  . GLU B 2 77  ? -14.471 2.670   17.560  1.00 29.71 ? 187 GLU B CG  1 
ATOM   1291 C CD  . GLU B 2 77  ? -15.013 2.643   16.104  1.00 40.15 ? 187 GLU B CD  1 
ATOM   1292 O OE1 . GLU B 2 77  ? -15.523 3.702   15.655  1.00 42.65 ? 187 GLU B OE1 1 
ATOM   1293 O OE2 . GLU B 2 77  ? -14.936 1.588   15.414  1.00 26.64 ? 187 GLU B OE2 1 
ATOM   1294 N N   . GLN B 2 78  ? -10.310 0.624   16.963  1.00 15.36 ? 188 GLN B N   1 
ATOM   1295 C CA  . GLN B 2 78  ? -9.021  -0.031  17.221  1.00 15.95 ? 188 GLN B CA  1 
ATOM   1296 C C   . GLN B 2 78  ? -7.856  0.887   16.855  1.00 16.54 ? 188 GLN B C   1 
ATOM   1297 O O   . GLN B 2 78  ? -6.893  1.022   17.617  1.00 17.42 ? 188 GLN B O   1 
ATOM   1298 C CB  . GLN B 2 78  ? -8.890  -1.331  16.427  1.00 16.09 ? 188 GLN B CB  1 
ATOM   1299 C CG  . GLN B 2 78  ? -9.692  -2.500  16.955  1.00 22.41 ? 188 GLN B CG  1 
ATOM   1300 C CD  . GLN B 2 78  ? -9.528  -3.740  16.104  1.00 21.73 ? 188 GLN B CD  1 
ATOM   1301 O OE1 . GLN B 2 78  ? -9.854  -3.736  14.920  1.00 23.92 ? 188 GLN B OE1 1 
ATOM   1302 N NE2 . GLN B 2 78  ? -9.033  -4.818  16.710  1.00 25.00 ? 188 GLN B NE2 1 
ATOM   1303 N N   . TRP B 2 79  ? -7.954  1.530   15.690  1.00 14.58 ? 189 TRP B N   1 
ATOM   1304 C CA  . TRP B 2 79  ? -6.898  2.425   15.241  1.00 13.44 ? 189 TRP B CA  1 
ATOM   1305 C C   . TRP B 2 79  ? -6.658  3.563   16.242  1.00 15.82 ? 189 TRP B C   1 
ATOM   1306 O O   . TRP B 2 79  ? -5.512  3.835   16.639  1.00 14.10 ? 189 TRP B O   1 
ATOM   1307 C CB  . TRP B 2 79  ? -7.220  2.967   13.842  1.00 14.35 ? 189 TRP B CB  1 
ATOM   1308 C CG  . TRP B 2 79  ? -6.395  4.160   13.381  1.00 13.39 ? 189 TRP B CG  1 
ATOM   1309 C CD1 . TRP B 2 79  ? -6.867  5.407   13.064  1.00 13.27 ? 189 TRP B CD1 1 
ATOM   1310 C CD2 . TRP B 2 79  ? -4.974  4.209   13.172  1.00 15.01 ? 189 TRP B CD2 1 
ATOM   1311 N NE1 . TRP B 2 79  ? -5.834  6.221   12.658  1.00 16.62 ? 189 TRP B NE1 1 
ATOM   1312 C CE2 . TRP B 2 79  ? -4.660  5.517   12.723  1.00 14.54 ? 189 TRP B CE2 1 
ATOM   1313 C CE3 . TRP B 2 79  ? -3.935  3.279   13.315  1.00 19.50 ? 189 TRP B CE3 1 
ATOM   1314 C CZ2 . TRP B 2 79  ? -3.348  5.921   12.421  1.00 12.78 ? 189 TRP B CZ2 1 
ATOM   1315 C CZ3 . TRP B 2 79  ? -2.617  3.687   13.015  1.00 14.13 ? 189 TRP B CZ3 1 
ATOM   1316 C CH2 . TRP B 2 79  ? -2.342  4.991   12.578  1.00 12.66 ? 189 TRP B CH2 1 
ATOM   1317 N N   . LYS B 2 80  ? -7.739  4.217   16.654  1.00 16.12 ? 190 LYS B N   1 
ATOM   1318 C CA  . LYS B 2 80  ? -7.620  5.393   17.516  1.00 17.25 ? 190 LYS B CA  1 
ATOM   1319 C C   . LYS B 2 80  ? -7.243  5.053   18.965  1.00 18.44 ? 190 LYS B C   1 
ATOM   1320 O O   . LYS B 2 80  ? -6.730  5.901   19.698  1.00 19.77 ? 190 LYS B O   1 
ATOM   1321 C CB  . LYS B 2 80  ? -8.907  6.217   17.464  1.00 17.30 ? 190 LYS B CB  1 
ATOM   1322 C CG  . LYS B 2 80  ? -9.156  6.908   16.123  1.00 22.62 ? 190 LYS B CG  1 
ATOM   1323 N N   . SER B 2 81  ? -7.456  3.807   19.372  1.00 19.67 ? 191 SER B N   1 
ATOM   1324 C CA  . SER B 2 81  ? -7.258  3.450   20.782  1.00 18.81 ? 191 SER B CA  1 
ATOM   1325 C C   . SER B 2 81  ? -5.808  3.142   21.172  1.00 19.50 ? 191 SER B C   1 
ATOM   1326 O O   . SER B 2 81  ? -5.504  3.093   22.358  1.00 17.95 ? 191 SER B O   1 
ATOM   1327 C CB  . SER B 2 81  ? -8.158  2.293   21.179  1.00 19.64 ? 191 SER B CB  1 
ATOM   1328 O OG  . SER B 2 81  ? -7.670  1.077   20.644  1.00 19.83 ? 191 SER B OG  1 
ATOM   1329 N N   . HIS B 2 82  ? -4.922  2.912   20.201  1.00 18.15 ? 192 HIS B N   1 
ATOM   1330 C CA  . HIS B 2 82  ? -3.499  2.663   20.516  1.00 18.08 ? 192 HIS B CA  1 
ATOM   1331 C C   . HIS B 2 82  ? -2.632  3.889   20.261  1.00 18.58 ? 192 HIS B C   1 
ATOM   1332 O O   . HIS B 2 82  ? -3.021  4.774   19.494  1.00 20.85 ? 192 HIS B O   1 
ATOM   1333 C CB  . HIS B 2 82  ? -2.955  1.470   19.715  1.00 19.30 ? 192 HIS B CB  1 
ATOM   1334 C CG  . HIS B 2 82  ? -3.642  0.177   20.023  1.00 21.08 ? 192 HIS B CG  1 
ATOM   1335 N ND1 . HIS B 2 82  ? -3.150  -0.728  20.940  1.00 26.33 ? 192 HIS B ND1 1 
ATOM   1336 C CD2 . HIS B 2 82  ? -4.784  -0.361  19.536  1.00 20.84 ? 192 HIS B CD2 1 
ATOM   1337 C CE1 . HIS B 2 82  ? -3.959  -1.770  21.001  1.00 26.15 ? 192 HIS B CE1 1 
ATOM   1338 N NE2 . HIS B 2 82  ? -4.959  -1.571  20.160  1.00 27.46 ? 192 HIS B NE2 1 
ATOM   1339 N N   . ARG B 2 83  ? -1.464  3.947   20.907  1.00 17.21 ? 193 ARG B N   1 
ATOM   1340 C CA  . ARG B 2 83  ? -0.531  5.058   20.695  1.00 19.74 ? 193 ARG B CA  1 
ATOM   1341 C C   . ARG B 2 83  ? 0.118   4.962   19.322  1.00 17.04 ? 193 ARG B C   1 
ATOM   1342 O O   . ARG B 2 83  ? 0.385   5.982   18.678  1.00 17.59 ? 193 ARG B O   1 
ATOM   1343 C CB  . ARG B 2 83  ? 0.564   5.081   21.759  1.00 21.37 ? 193 ARG B CB  1 
ATOM   1344 C CG  . ARG B 2 83  ? 0.208   5.886   22.993  1.00 32.23 ? 193 ARG B CG  1 
ATOM   1345 C CD  . ARG B 2 83  ? 1.374   5.890   23.981  1.00 35.40 ? 193 ARG B CD  1 
ATOM   1346 N NE  . ARG B 2 83  ? 2.029   4.586   24.027  1.00 41.48 ? 193 ARG B NE  1 
ATOM   1347 C CZ  . ARG B 2 83  ? 1.680   3.599   24.848  1.00 40.40 ? 193 ARG B CZ  1 
ATOM   1348 N NH1 . ARG B 2 83  ? 0.687   3.773   25.715  1.00 33.91 ? 193 ARG B NH1 1 
ATOM   1349 N NH2 . ARG B 2 83  ? 2.333   2.444   24.803  1.00 38.38 ? 193 ARG B NH2 1 
ATOM   1350 N N   . SER B 2 84  ? 0.365   3.732   18.882  1.00 15.05 ? 194 SER B N   1 
ATOM   1351 C CA  . SER B 2 84  ? 1.027   3.530   17.582  1.00 13.42 ? 194 SER B CA  1 
ATOM   1352 C C   . SER B 2 84  ? 0.782   2.137   16.994  1.00 13.21 ? 194 SER B C   1 
ATOM   1353 O O   . SER B 2 84  ? 0.334   1.233   17.689  1.00 12.60 ? 194 SER B O   1 
ATOM   1354 C CB  . SER B 2 84  ? 2.529   3.793   17.737  1.00 14.45 ? 194 SER B CB  1 
ATOM   1355 O OG  . SER B 2 84  ? 3.141   2.769   18.485  1.00 14.85 ? 194 SER B OG  1 
ATOM   1356 N N   . TYR B 2 85  ? 1.057   1.989   15.690  1.00 10.25 ? 195 TYR B N   1 
ATOM   1357 C CA  . TYR B 2 85  ? 1.147   0.670   15.048  1.00 10.82 ? 195 TYR B CA  1 
ATOM   1358 C C   . TYR B 2 85  ? 2.437   0.615   14.275  1.00 9.23  ? 195 TYR B C   1 
ATOM   1359 O O   . TYR B 2 85  ? 2.930   1.644   13.817  1.00 11.71 ? 195 TYR B O   1 
ATOM   1360 C CB  . TYR B 2 85  ? 0.002   0.431   14.086  1.00 10.04 ? 195 TYR B CB  1 
ATOM   1361 C CG  . TYR B 2 85  ? -1.265  -0.061  14.758  1.00 11.65 ? 195 TYR B CG  1 
ATOM   1362 C CD1 . TYR B 2 85  ? -1.565  -1.420  14.805  1.00 14.61 ? 195 TYR B CD1 1 
ATOM   1363 C CD2 . TYR B 2 85  ? -2.147  0.837   15.336  1.00 12.85 ? 195 TYR B CD2 1 
ATOM   1364 C CE1 . TYR B 2 85  ? -2.722  -1.880  15.418  1.00 19.84 ? 195 TYR B CE1 1 
ATOM   1365 C CE2 . TYR B 2 85  ? -3.316  0.390   15.956  1.00 14.67 ? 195 TYR B CE2 1 
ATOM   1366 C CZ  . TYR B 2 85  ? -3.583  -0.972  15.999  1.00 16.92 ? 195 TYR B CZ  1 
ATOM   1367 O OH  . TYR B 2 85  ? -4.744  -1.424  16.597  1.00 21.35 ? 195 TYR B OH  1 
ATOM   1368 N N   . SER B 2 86  ? 2.985   -0.586  14.150  1.00 8.53  ? 196 SER B N   1 
ATOM   1369 C CA  . SER B 2 86  ? 4.259   -0.770  13.449  1.00 9.77  ? 196 SER B CA  1 
ATOM   1370 C C   . SER B 2 86  ? 4.199   -1.953  12.520  1.00 9.47  ? 196 SER B C   1 
ATOM   1371 O O   . SER B 2 86  ? 3.505   -2.933  12.799  1.00 9.76  ? 196 SER B O   1 
ATOM   1372 C CB  . SER B 2 86  ? 5.393   -1.041  14.453  1.00 10.39 ? 196 SER B CB  1 
ATOM   1373 O OG  . SER B 2 86  ? 5.531   0.012   15.391  1.00 14.21 ? 196 SER B OG  1 
ATOM   1374 N N   . CYS B 2 87  ? 4.940   -1.858  11.414  1.00 9.90  ? 197 CYS B N   1 
ATOM   1375 C CA  . CYS B 2 87  ? 5.180   -3.005  10.540  1.00 11.79 ? 197 CYS B CA  1 
ATOM   1376 C C   . CYS B 2 87  ? 6.685   -3.309  10.587  1.00 11.44 ? 197 CYS B C   1 
ATOM   1377 O O   . CYS B 2 87  ? 7.511   -2.408  10.430  1.00 11.11 ? 197 CYS B O   1 
ATOM   1378 C CB  A CYS B 2 87  ? 4.748   -2.615  9.114   0.60 13.26 ? 197 CYS B CB  1 
ATOM   1379 C CB  B CYS B 2 87  ? 4.587   -2.833  9.123   0.40 13.19 ? 197 CYS B CB  1 
ATOM   1380 S SG  A CYS B 2 87  ? 5.289   -3.673  7.745   0.60 17.41 ? 197 CYS B SG  1 
ATOM   1381 S SG  B CYS B 2 87  ? 5.480   -1.791  7.940   0.40 15.17 ? 197 CYS B SG  1 
ATOM   1382 N N   . GLN B 2 88  ? 7.030   -4.568  10.855  1.00 11.94 ? 198 GLN B N   1 
ATOM   1383 C CA  . GLN B 2 88  ? 8.435   -5.016  10.926  1.00 13.89 ? 198 GLN B CA  1 
ATOM   1384 C C   . GLN B 2 88  ? 8.706   -5.967  9.782   1.00 13.09 ? 198 GLN B C   1 
ATOM   1385 O O   . GLN B 2 88  ? 8.008   -6.970  9.620   1.00 15.21 ? 198 GLN B O   1 
ATOM   1386 C CB  . GLN B 2 88  ? 8.724   -5.786  12.221  1.00 16.17 ? 198 GLN B CB  1 
ATOM   1387 C CG  . GLN B 2 88  ? 8.414   -5.082  13.516  1.00 24.53 ? 198 GLN B CG  1 
ATOM   1388 C CD  . GLN B 2 88  ? 8.952   -5.867  14.719  1.00 37.47 ? 198 GLN B CD  1 
ATOM   1389 O OE1 . GLN B 2 88  ? 9.317   -7.035  14.598  1.00 38.02 ? 198 GLN B OE1 1 
ATOM   1390 N NE2 . GLN B 2 88  ? 9.000   -5.223  15.878  1.00 42.71 ? 198 GLN B NE2 1 
ATOM   1391 N N   . VAL B 2 89  ? 9.727   -5.658  8.991   1.00 10.13 ? 199 VAL B N   1 
ATOM   1392 C CA  . VAL B 2 89  ? 10.039  -6.454  7.821   1.00 12.06 ? 199 VAL B CA  1 
ATOM   1393 C C   . VAL B 2 89  ? 11.417  -7.078  7.996   1.00 12.33 ? 199 VAL B C   1 
ATOM   1394 O O   . VAL B 2 89  ? 12.391  -6.361  8.180   1.00 12.54 ? 199 VAL B O   1 
ATOM   1395 C CB  . VAL B 2 89  ? 10.052  -5.578  6.572   1.00 11.10 ? 199 VAL B CB  1 
ATOM   1396 C CG1 . VAL B 2 89  ? 10.386  -6.418  5.356   1.00 14.62 ? 199 VAL B CG1 1 
ATOM   1397 C CG2 . VAL B 2 89  ? 8.692   -4.886  6.403   1.00 12.65 ? 199 VAL B CG2 1 
ATOM   1398 N N   . THR B 2 90  ? 11.476  -8.411  7.956   1.00 11.99 ? 200 THR B N   1 
ATOM   1399 C CA  . THR B 2 90  ? 12.733  -9.141  8.118   1.00 12.89 ? 200 THR B CA  1 
ATOM   1400 C C   . THR B 2 90  ? 13.206  -9.661  6.760   1.00 11.88 ? 200 THR B C   1 
ATOM   1401 O O   . THR B 2 90  ? 12.422  -10.263 6.025   1.00 14.91 ? 200 THR B O   1 
ATOM   1402 C CB  . THR B 2 90  ? 12.565  -10.304 9.099   1.00 14.43 ? 200 THR B CB  1 
ATOM   1403 O OG1 . THR B 2 90  ? 12.237  -9.784  10.391  1.00 16.54 ? 200 THR B OG1 1 
ATOM   1404 C CG2 . THR B 2 90  ? 13.857  -11.108 9.219   1.00 17.97 ? 200 THR B CG2 1 
ATOM   1405 N N   . HIS B 2 91  ? 14.470  -9.401  6.438   1.00 13.50 ? 201 HIS B N   1 
ATOM   1406 C CA  . HIS B 2 91  ? 15.089  -9.788  5.170   1.00 14.43 ? 201 HIS B CA  1 
ATOM   1407 C C   . HIS B 2 91  ? 16.583  -10.036 5.432   1.00 18.28 ? 201 HIS B C   1 
ATOM   1408 O O   . HIS B 2 91  ? 17.257  -9.169  5.960   1.00 19.09 ? 201 HIS B O   1 
ATOM   1409 C CB  . HIS B 2 91  ? 14.877  -8.669  4.133   1.00 13.99 ? 201 HIS B CB  1 
ATOM   1410 C CG  . HIS B 2 91  ? 15.549  -8.900  2.808   1.00 15.75 ? 201 HIS B CG  1 
ATOM   1411 N ND1 . HIS B 2 91  ? 14.993  -9.665  1.802   1.00 20.83 ? 201 HIS B ND1 1 
ATOM   1412 C CD2 . HIS B 2 91  ? 16.709  -8.412  2.309   1.00 14.79 ? 201 HIS B CD2 1 
ATOM   1413 C CE1 . HIS B 2 91  ? 15.802  -9.663  0.756   1.00 15.56 ? 201 HIS B CE1 1 
ATOM   1414 N NE2 . HIS B 2 91  ? 16.850  -8.916  1.040   1.00 19.38 ? 201 HIS B NE2 1 
ATOM   1415 N N   . GLU B 2 92  ? 17.083  -11.230 5.108   1.00 22.62 ? 202 GLU B N   1 
ATOM   1416 C CA  . GLU B 2 92  ? 18.544  -11.509 5.126   1.00 25.09 ? 202 GLU B CA  1 
ATOM   1417 C C   . GLU B 2 92  ? 19.321  -10.946 6.339   1.00 25.40 ? 202 GLU B C   1 
ATOM   1418 O O   . GLU B 2 92  ? 20.312  -10.220 6.176   1.00 27.97 ? 202 GLU B O   1 
ATOM   1419 C CB  . GLU B 2 92  ? 19.182  -10.962 3.851   1.00 26.67 ? 202 GLU B CB  1 
ATOM   1420 C CG  . GLU B 2 92  ? 18.576  -11.479 2.551   1.00 34.84 ? 202 GLU B CG  1 
ATOM   1421 C CD  . GLU B 2 92  ? 19.047  -12.875 2.195   1.00 43.07 ? 202 GLU B CD  1 
ATOM   1422 O OE1 . GLU B 2 92  ? 20.262  -13.142 2.313   1.00 51.36 ? 202 GLU B OE1 1 
ATOM   1423 O OE2 . GLU B 2 92  ? 18.200  -13.700 1.785   1.00 51.07 ? 202 GLU B OE2 1 
ATOM   1424 N N   . GLY B 2 93  ? 18.859  -11.247 7.542   1.00 24.60 ? 203 GLY B N   1 
ATOM   1425 C CA  . GLY B 2 93  ? 19.564  -10.823 8.751   1.00 23.85 ? 203 GLY B CA  1 
ATOM   1426 C C   . GLY B 2 93  ? 19.316  -9.394  9.205   1.00 22.91 ? 203 GLY B C   1 
ATOM   1427 O O   . GLY B 2 93  ? 19.934  -8.935  10.163  1.00 20.55 ? 203 GLY B O   1 
ATOM   1428 N N   . SER B 2 94  ? 18.428  -8.674  8.517   1.00 21.08 ? 204 SER B N   1 
ATOM   1429 C CA  . SER B 2 94  ? 18.013  -7.336  8.942   1.00 21.34 ? 204 SER B CA  1 
ATOM   1430 C C   . SER B 2 94  ? 16.511  -7.355  9.223   1.00 17.94 ? 204 SER B C   1 
ATOM   1431 O O   . SER B 2 94  ? 15.764  -8.053  8.548   1.00 16.87 ? 204 SER B O   1 
ATOM   1432 C CB  . SER B 2 94  ? 18.293  -6.300  7.843   1.00 23.58 ? 204 SER B CB  1 
ATOM   1433 O OG  . SER B 2 94  ? 19.660  -6.286  7.466   1.00 32.36 ? 204 SER B OG  1 
ATOM   1434 N N   . THR B 2 95  ? 16.081  -6.613  10.238  1.00 14.95 ? 205 THR B N   1 
ATOM   1435 C CA  . THR B 2 95  ? 14.666  -6.276  10.398  1.00 13.96 ? 205 THR B CA  1 
ATOM   1436 C C   . THR B 2 95  ? 14.584  -4.758  10.410  1.00 13.02 ? 205 THR B C   1 
ATOM   1437 O O   . THR B 2 95  ? 15.386  -4.094  11.061  1.00 14.90 ? 205 THR B O   1 
ATOM   1438 C CB  A THR B 2 95  ? 14.072  -6.844  11.711  0.65 14.60 ? 205 THR B CB  1 
ATOM   1439 C CB  B THR B 2 95  ? 14.042  -6.847  11.695  0.35 14.51 ? 205 THR B CB  1 
ATOM   1440 O OG1 A THR B 2 95  ? 14.181  -8.273  11.709  0.65 18.78 ? 205 THR B OG1 1 
ATOM   1441 O OG1 B THR B 2 95  ? 14.519  -6.119  12.828  0.35 17.16 ? 205 THR B OG1 1 
ATOM   1442 C CG2 A THR B 2 95  ? 12.598  -6.467  11.853  0.65 14.44 ? 205 THR B CG2 1 
ATOM   1443 C CG2 B THR B 2 95  ? 14.382  -8.314  11.870  0.35 16.41 ? 205 THR B CG2 1 
ATOM   1444 N N   . VAL B 2 96  ? 13.626  -4.220  9.663   1.00 11.92 ? 206 VAL B N   1 
ATOM   1445 C CA  . VAL B 2 96  ? 13.386  -2.783  9.591   1.00 12.57 ? 206 VAL B CA  1 
ATOM   1446 C C   . VAL B 2 96  ? 11.950  -2.598  10.045  1.00 13.12 ? 206 VAL B C   1 
ATOM   1447 O O   . VAL B 2 96  ? 11.052  -3.293  9.578   1.00 14.55 ? 206 VAL B O   1 
ATOM   1448 C CB  . VAL B 2 96  ? 13.545  -2.256  8.138   1.00 16.07 ? 206 VAL B CB  1 
ATOM   1449 C CG1 . VAL B 2 96  ? 13.128  -0.784  8.053   1.00 18.20 ? 206 VAL B CG1 1 
ATOM   1450 C CG2 . VAL B 2 96  ? 14.985  -2.405  7.680   1.00 17.25 ? 206 VAL B CG2 1 
ATOM   1451 N N   . GLU B 2 97  ? 11.750  -1.692  10.988  1.00 10.12 ? 207 GLU B N   1 
ATOM   1452 C CA  . GLU B 2 97  ? 10.424  -1.436  11.524  1.00 11.40 ? 207 GLU B CA  1 
ATOM   1453 C C   . GLU B 2 97  ? 10.068  0.038   11.300  1.00 11.22 ? 207 GLU B C   1 
ATOM   1454 O O   . GLU B 2 97  ? 10.867  0.935   11.576  1.00 10.77 ? 207 GLU B O   1 
ATOM   1455 C CB  . GLU B 2 97  ? 10.407  -1.748  13.016  1.00 12.48 ? 207 GLU B CB  1 
ATOM   1456 C CG  . GLU B 2 97  ? 9.095   -1.427  13.730  1.00 16.95 ? 207 GLU B CG  1 
ATOM   1457 C CD  . GLU B 2 97  ? 9.210   -1.543  15.244  1.00 35.42 ? 207 GLU B CD  1 
ATOM   1458 O OE1 . GLU B 2 97  ? 8.979   -0.532  15.949  1.00 39.38 ? 207 GLU B OE1 1 
ATOM   1459 O OE2 . GLU B 2 97  ? 9.538   -2.646  15.732  1.00 41.85 ? 207 GLU B OE2 1 
ATOM   1460 N N   . LYS B 2 98  ? 8.854   0.265   10.808  1.00 9.99  ? 208 LYS B N   1 
ATOM   1461 C CA  . LYS B 2 98  ? 8.339   1.619   10.655  1.00 8.80  ? 208 LYS B CA  1 
ATOM   1462 C C   . LYS B 2 98  ? 7.118   1.755   11.552  1.00 8.96  ? 208 LYS B C   1 
ATOM   1463 O O   . LYS B 2 98  ? 6.376   0.797   11.716  1.00 9.46  ? 208 LYS B O   1 
ATOM   1464 C CB  . LYS B 2 98  ? 7.950   1.884   9.199   1.00 9.78  ? 208 LYS B CB  1 
ATOM   1465 C CG  . LYS B 2 98  ? 9.127   1.845   8.217   1.00 11.87 ? 208 LYS B CG  1 
ATOM   1466 C CD  . LYS B 2 98  ? 10.230  2.843   8.548   1.00 19.31 ? 208 LYS B CD  1 
ATOM   1467 C CE  . LYS B 2 98  ? 9.763   4.246   8.258   1.00 27.60 ? 208 LYS B CE  1 
ATOM   1468 N NZ  . LYS B 2 98  ? 10.874  5.242   8.137   1.00 34.69 ? 208 LYS B NZ  1 
ATOM   1469 N N   . THR B 2 99  ? 6.908   2.946   12.103  1.00 10.19 ? 209 THR B N   1 
ATOM   1470 C CA  . THR B 2 99  ? 5.816   3.165   13.051  1.00 12.35 ? 209 THR B CA  1 
ATOM   1471 C C   . THR B 2 99  ? 4.967   4.383   12.647  1.00 13.42 ? 209 THR B C   1 
ATOM   1472 O O   . THR B 2 99  ? 5.521   5.410   12.226  1.00 14.75 ? 209 THR B O   1 
ATOM   1473 C CB  . THR B 2 99  ? 6.396   3.344   14.499  1.00 12.09 ? 209 THR B CB  1 
ATOM   1474 O OG1 . THR B 2 99  ? 7.112   2.164   14.889  1.00 18.35 ? 209 THR B OG1 1 
ATOM   1475 C CG2 . THR B 2 99  ? 5.302   3.581   15.505  1.00 17.55 ? 209 THR B CG2 1 
ATOM   1476 N N   . VAL B 2 100 ? 3.637   4.255   12.760  1.00 12.62 ? 210 VAL B N   1 
ATOM   1477 C CA  . VAL B 2 100 ? 2.692   5.373   12.564  1.00 13.85 ? 210 VAL B CA  1 
ATOM   1478 C C   . VAL B 2 100 ? 1.783   5.576   13.790  1.00 15.88 ? 210 VAL B C   1 
ATOM   1479 O O   . VAL B 2 100 ? 1.586   4.657   14.574  1.00 13.41 ? 210 VAL B O   1 
ATOM   1480 C CB  . VAL B 2 100 ? 1.837   5.203   11.290  1.00 15.08 ? 210 VAL B CB  1 
ATOM   1481 C CG1 . VAL B 2 100 ? 2.721   5.267   10.038  1.00 16.11 ? 210 VAL B CG1 1 
ATOM   1482 C CG2 . VAL B 2 100 ? 1.043   3.894   11.305  1.00 12.77 ? 210 VAL B CG2 1 
ATOM   1483 N N   . ALA B 2 101 ? 1.247   6.785   13.941  1.00 15.86 ? 211 ALA B N   1 
ATOM   1484 C CA  . ALA B 2 101 ? 0.402   7.136   15.094  1.00 19.20 ? 211 ALA B CA  1 
ATOM   1485 C C   . ALA B 2 101 ? -0.908  7.804   14.650  1.00 20.28 ? 211 ALA B C   1 
ATOM   1486 O O   . ALA B 2 101 ? -0.908  8.578   13.688  1.00 21.55 ? 211 ALA B O   1 
ATOM   1487 C CB  . ALA B 2 101 ? 1.158   8.047   16.038  1.00 18.93 ? 211 ALA B CB  1 
ATOM   1488 N N   . PRO B 2 102 ? -2.025  7.495   15.338  1.00 20.79 ? 212 PRO B N   1 
ATOM   1489 C CA  . PRO B 2 102 ? -3.321  8.099   15.014  1.00 25.17 ? 212 PRO B CA  1 
ATOM   1490 C C   . PRO B 2 102 ? -3.432  9.517   15.549  1.00 28.71 ? 212 PRO B C   1 
ATOM   1491 O O   . PRO B 2 102 ? -2.758  10.403  15.038  1.00 32.89 ? 212 PRO B O   1 
ATOM   1492 C CB  . PRO B 2 102 ? -4.322  7.190   15.732  1.00 25.59 ? 212 PRO B CB  1 
ATOM   1493 C CG  . PRO B 2 102 ? -3.578  6.608   16.835  1.00 23.28 ? 212 PRO B CG  1 
ATOM   1494 C CD  . PRO B 2 102 ? -2.146  6.482   16.403  1.00 21.55 ? 212 PRO B CD  1 
HETATM 1495 O O   . HOH C 3 .   ? -4.123  8.787   2.963   1.00 16.13 ? 301 HOH A O   1 
HETATM 1496 O O   . HOH C 3 .   ? -10.993 -13.796 -9.879  1.00 16.83 ? 302 HOH A O   1 
HETATM 1497 O O   . HOH C 3 .   ? -5.173  10.783  -14.867 1.00 15.98 ? 303 HOH A O   1 
HETATM 1498 O O   . HOH C 3 .   ? -13.676 -0.996  -16.729 1.00 20.88 ? 304 HOH A O   1 
HETATM 1499 O O   . HOH C 3 .   ? -9.924  -5.152  -15.378 1.00 18.00 ? 305 HOH A O   1 
HETATM 1500 O O   . HOH C 3 .   ? -1.901  -2.884  -13.070 1.00 17.22 ? 306 HOH A O   1 
HETATM 1501 O O   . HOH C 3 .   ? 1.075   4.680   -15.237 1.00 18.51 ? 307 HOH A O   1 
HETATM 1502 O O   . HOH C 3 .   ? -17.761 -12.364 -12.166 1.00 20.54 ? 308 HOH A O   1 
HETATM 1503 O O   . HOH C 3 .   ? 0.888   16.674  -5.315  1.00 21.70 ? 309 HOH A O   1 
HETATM 1504 O O   . HOH C 3 .   ? -2.154  15.112  -6.398  1.00 19.21 ? 310 HOH A O   1 
HETATM 1505 O O   . HOH C 3 .   ? 12.279  9.434   6.608   1.00 24.32 ? 311 HOH A O   1 
HETATM 1506 O O   . HOH C 3 .   ? 2.996   12.531  -14.769 1.00 21.52 ? 312 HOH A O   1 
HETATM 1507 O O   . HOH C 3 .   ? 7.457   8.579   -15.622 1.00 21.90 ? 313 HOH A O   1 
HETATM 1508 O O   . HOH C 3 .   ? -0.431  8.867   4.471   1.00 21.47 ? 314 HOH A O   1 
HETATM 1509 O O   . HOH C 3 .   ? -1.509  -6.469  -9.473  1.00 22.12 ? 315 HOH A O   1 
HETATM 1510 O O   . HOH C 3 .   ? -6.557  -8.216  -9.446  1.00 19.49 ? 316 HOH A O   1 
HETATM 1511 O O   . HOH C 3 .   ? -1.704  12.579  -18.313 1.00 23.22 ? 317 HOH A O   1 
HETATM 1512 O O   . HOH C 3 .   ? -13.973 4.641   -4.972  1.00 29.12 ? 318 HOH A O   1 
HETATM 1513 O O   . HOH C 3 .   ? -0.701  -11.921 -3.136  1.00 21.69 ? 319 HOH A O   1 
HETATM 1514 O O   . HOH C 3 .   ? 11.398  13.278  4.916   1.00 28.03 ? 320 HOH A O   1 
HETATM 1515 O O   . HOH C 3 .   ? -13.648 -15.297 -4.300  1.00 25.48 ? 321 HOH A O   1 
HETATM 1516 O O   . HOH C 3 .   ? 0.272   -0.834  -12.415 1.00 25.78 ? 322 HOH A O   1 
HETATM 1517 O O   . HOH C 3 .   ? -15.428 0.182   -18.190 1.00 22.16 ? 323 HOH A O   1 
HETATM 1518 O O   . HOH C 3 .   ? -15.541 -2.124  -3.031  1.00 27.28 ? 324 HOH A O   1 
HETATM 1519 O O   . HOH C 3 .   ? -6.288  12.575  -1.824  1.00 28.36 ? 325 HOH A O   1 
HETATM 1520 O O   . HOH C 3 .   ? -2.282  14.486  -13.393 1.00 32.25 ? 326 HOH A O   1 
HETATM 1521 O O   . HOH C 3 .   ? 8.555   8.831   -10.284 1.00 25.14 ? 327 HOH A O   1 
HETATM 1522 O O   . HOH C 3 .   ? -12.294 -11.658 -14.987 1.00 29.58 ? 328 HOH A O   1 
HETATM 1523 O O   . HOH C 3 .   ? -0.072  18.786  -12.295 1.00 31.50 ? 329 HOH A O   1 
HETATM 1524 O O   . HOH C 3 .   ? 2.602   4.837   -20.276 1.00 31.85 ? 330 HOH A O   1 
HETATM 1525 O O   . HOH C 3 .   ? -8.548  -14.679 -9.021  1.00 32.39 ? 331 HOH A O   1 
HETATM 1526 O O   . HOH C 3 .   ? -19.807 -10.377 -5.950  1.00 39.05 ? 332 HOH A O   1 
HETATM 1527 O O   . HOH C 3 .   ? 13.575  7.215   6.107   1.00 29.05 ? 333 HOH A O   1 
HETATM 1528 O O   . HOH C 3 .   ? -16.560 0.783   -7.723  1.00 35.33 ? 334 HOH A O   1 
HETATM 1529 O O   . HOH C 3 .   ? -9.483  4.759   -14.680 1.00 23.23 ? 335 HOH A O   1 
HETATM 1530 O O   . HOH C 3 .   ? 12.751  16.656  -3.884  1.00 29.99 ? 336 HOH A O   1 
HETATM 1531 O O   . HOH C 3 .   ? -5.685  1.450   -15.712 1.00 29.78 ? 337 HOH A O   1 
HETATM 1532 O O   . HOH C 3 .   ? 3.650   16.031  6.109   1.00 39.92 ? 338 HOH A O   1 
HETATM 1533 O O   . HOH C 3 .   ? -18.481 -2.027  -4.142  1.00 34.40 ? 339 HOH A O   1 
HETATM 1534 O O   . HOH C 3 .   ? 13.557  13.972  2.851   1.00 31.17 ? 340 HOH A O   1 
HETATM 1535 O O   . HOH C 3 .   ? 0.493   14.075  -18.967 1.00 23.70 ? 341 HOH A O   1 
HETATM 1536 O O   . HOH C 3 .   ? -12.629 -15.492 -8.825  1.00 24.51 ? 342 HOH A O   1 
HETATM 1537 O O   . HOH C 3 .   ? 8.334   11.363  -11.222 1.00 30.21 ? 343 HOH A O   1 
HETATM 1538 O O   . HOH C 3 .   ? -17.244 -11.172 -14.484 1.00 27.98 ? 344 HOH A O   1 
HETATM 1539 O O   . HOH C 3 .   ? 0.570   14.343  -3.859  1.00 27.22 ? 345 HOH A O   1 
HETATM 1540 O O   . HOH C 3 .   ? -3.017  -10.377 -8.365  1.00 25.53 ? 346 HOH A O   1 
HETATM 1541 O O   . HOH C 3 .   ? -11.865 -16.087 -6.279  1.00 27.97 ? 347 HOH A O   1 
HETATM 1542 O O   . HOH C 3 .   ? -7.737  -4.418  2.305   1.00 35.76 ? 348 HOH A O   1 
HETATM 1543 O O   . HOH C 3 .   ? 7.710   15.120  2.000   1.00 44.33 ? 349 HOH A O   1 
HETATM 1544 O O   . HOH C 3 .   ? -13.609 -14.200 -13.928 1.00 26.65 ? 350 HOH A O   1 
HETATM 1545 O O   . HOH C 3 .   ? 12.261  16.050  1.673   1.00 39.68 ? 351 HOH A O   1 
HETATM 1546 O O   . HOH C 3 .   ? -0.162  15.713  -14.776 1.00 35.51 ? 352 HOH A O   1 
HETATM 1547 O O   . HOH C 3 .   ? 5.730   13.193  -13.704 1.00 31.44 ? 353 HOH A O   1 
HETATM 1548 O O   . HOH C 3 .   ? -14.933 -11.374 -15.733 1.00 38.56 ? 354 HOH A O   1 
HETATM 1549 O O   . HOH C 3 .   ? 7.781   10.977  -14.414 1.00 29.82 ? 355 HOH A O   1 
HETATM 1550 O O   . HOH C 3 .   ? -6.705  -6.765  2.972   1.00 38.26 ? 356 HOH A O   1 
HETATM 1551 O O   . HOH C 3 .   ? 1.974   14.301  -16.419 1.00 28.59 ? 357 HOH A O   1 
HETATM 1552 O O   . HOH C 3 .   ? -4.768  12.111  0.011   1.00 36.38 ? 358 HOH A O   1 
HETATM 1553 O O   . HOH C 3 .   ? -3.309  12.982  -15.158 1.00 30.63 ? 359 HOH A O   1 
HETATM 1554 O O   . HOH C 3 .   ? -11.091 -13.677 -12.714 1.00 37.53 ? 360 HOH A O   1 
HETATM 1555 O O   . HOH C 3 .   ? -7.638  11.712  -14.392 1.00 41.44 ? 361 HOH A O   1 
HETATM 1556 O O   . HOH C 3 .   ? -4.364  14.365  1.934   1.00 41.77 ? 362 HOH A O   1 
HETATM 1557 O O   . HOH C 3 .   ? -14.328 0.833   2.965   1.00 34.28 ? 363 HOH A O   1 
HETATM 1558 O O   . HOH C 3 .   ? -9.885  -8.026  0.060   1.00 33.74 ? 364 HOH A O   1 
HETATM 1559 O O   . HOH C 3 .   ? 16.447  7.412   1.813   1.00 36.04 ? 365 HOH A O   1 
HETATM 1560 O O   . HOH C 3 .   ? 0.452   17.368  4.039   1.00 46.44 ? 366 HOH A O   1 
HETATM 1561 O O   . HOH C 3 .   ? -0.731  6.156   -22.426 1.00 43.69 ? 367 HOH A O   1 
HETATM 1562 O O   . HOH C 3 .   ? -6.445  6.626   -17.576 1.00 36.65 ? 368 HOH A O   1 
HETATM 1563 O O   . HOH C 3 .   ? -18.482 -9.344  -15.927 1.00 33.46 ? 369 HOH A O   1 
HETATM 1564 O O   . HOH C 3 .   ? -11.614 -8.393  -17.380 1.00 40.47 ? 370 HOH A O   1 
HETATM 1565 O O   . HOH C 3 .   ? 18.264  14.032  2.864   1.00 45.24 ? 371 HOH A O   1 
HETATM 1566 O O   . HOH C 3 .   ? -10.894 1.451   -21.918 1.00 42.92 ? 372 HOH A O   1 
HETATM 1567 O O   . HOH C 3 .   ? -8.249  -3.859  -16.788 1.00 40.21 ? 373 HOH A O   1 
HETATM 1568 O O   . HOH C 3 .   ? -2.029  19.128  -7.632  1.00 36.86 ? 374 HOH A O   1 
HETATM 1569 O O   . HOH D 3 .   ? 3.625   0.449   17.252  1.00 16.13 ? 301 HOH B O   1 
HETATM 1570 O O   . HOH D 3 .   ? -1.339  -5.579  -3.354  1.00 18.26 ? 302 HOH B O   1 
HETATM 1571 O O   . HOH D 3 .   ? -4.486  3.217   4.301   1.00 17.38 ? 303 HOH B O   1 
HETATM 1572 O O   . HOH D 3 .   ? 9.544   -9.377  10.867  1.00 18.51 ? 304 HOH B O   1 
HETATM 1573 O O   . HOH D 3 .   ? -2.354  6.961   4.283   1.00 20.76 ? 305 HOH B O   1 
HETATM 1574 O O   . HOH D 3 .   ? 6.837   4.852   7.103   1.00 20.79 ? 306 HOH B O   1 
HETATM 1575 O O   . HOH D 3 .   ? -7.033  4.104   3.801   1.00 21.59 ? 307 HOH B O   1 
HETATM 1576 O O   . HOH D 3 .   ? -7.383  -1.230  22.404  1.00 19.30 ? 308 HOH B O   1 
HETATM 1577 O O   . HOH D 3 .   ? -15.454 8.371   2.779   1.00 25.46 ? 309 HOH B O   1 
HETATM 1578 O O   . HOH D 3 .   ? 2.534   8.816   12.125  1.00 24.38 ? 310 HOH B O   1 
HETATM 1579 O O   . HOH D 3 .   ? 13.054  1.847   4.811   1.00 22.63 ? 311 HOH B O   1 
HETATM 1580 O O   . HOH D 3 .   ? 4.140   -8.471  -3.905  1.00 28.43 ? 312 HOH B O   1 
HETATM 1581 O O   . HOH D 3 .   ? 9.733   2.093   14.293  1.00 21.65 ? 313 HOH B O   1 
HETATM 1582 O O   . HOH D 3 .   ? -11.281 -2.378  8.435   1.00 35.61 ? 314 HOH B O   1 
HETATM 1583 O O   . HOH D 3 .   ? -8.450  10.516  2.413   1.00 26.53 ? 315 HOH B O   1 
HETATM 1584 O O   . HOH D 3 .   ? 17.181  -9.612  12.022  1.00 41.10 ? 316 HOH B O   1 
HETATM 1585 O O   . HOH D 3 .   ? 7.495   -12.098 -9.645  1.00 30.35 ? 317 HOH B O   1 
HETATM 1586 O O   . HOH D 3 .   ? 3.036   -14.419 0.778   1.00 44.33 ? 318 HOH B O   1 
HETATM 1587 O O   . HOH D 3 .   ? 8.708   -14.111 1.283   1.00 28.38 ? 319 HOH B O   1 
HETATM 1588 O O   . HOH D 3 .   ? 9.219   -15.578 -1.071  1.00 27.01 ? 320 HOH B O   1 
HETATM 1589 O O   . HOH D 3 .   ? 4.376   -3.093  -11.037 1.00 25.91 ? 321 HOH B O   1 
HETATM 1590 O O   . HOH D 3 .   ? 8.967   1.532   0.532   1.00 24.11 ? 322 HOH B O   1 
HETATM 1591 O O   . HOH D 3 .   ? -8.479  -7.396  15.062  1.00 33.93 ? 323 HOH B O   1 
HETATM 1592 O O   . HOH D 3 .   ? -3.872  -10.369 16.920  1.00 23.36 ? 324 HOH B O   1 
HETATM 1593 O O   . HOH D 3 .   ? 8.012   0.304   18.269  1.00 41.70 ? 325 HOH B O   1 
HETATM 1594 O O   . HOH D 3 .   ? 19.424  -6.451  -7.016  1.00 30.48 ? 326 HOH B O   1 
HETATM 1595 O O   . HOH D 3 .   ? -6.022  -7.017  6.088   1.00 27.06 ? 327 HOH B O   1 
HETATM 1596 O O   . HOH D 3 .   ? 16.878  -12.599 8.071   1.00 34.98 ? 328 HOH B O   1 
HETATM 1597 O O   . HOH D 3 .   ? 2.740   -11.727 6.956   1.00 25.88 ? 329 HOH B O   1 
HETATM 1598 O O   . HOH D 3 .   ? 21.203  -3.181  0.642   1.00 29.65 ? 330 HOH B O   1 
HETATM 1599 O O   . HOH D 3 .   ? -10.967 -5.816  13.544  1.00 36.01 ? 331 HOH B O   1 
HETATM 1600 O O   . HOH D 3 .   ? 9.260   6.138   5.529   1.00 37.89 ? 332 HOH B O   1 
HETATM 1601 O O   . HOH D 3 .   ? -0.108  -1.596  24.493  1.00 26.71 ? 333 HOH B O   1 
HETATM 1602 O O   . HOH D 3 .   ? -1.723  11.728  16.887  1.00 48.66 ? 334 HOH B O   1 
HETATM 1603 O O   . HOH D 3 .   ? 10.437  -2.658  -6.071  1.00 34.82 ? 335 HOH B O   1 
HETATM 1604 O O   . HOH D 3 .   ? 1.895   -10.063 12.415  1.00 27.25 ? 336 HOH B O   1 
HETATM 1605 O O   . HOH D 3 .   ? 22.119  -3.895  -3.970  1.00 25.26 ? 337 HOH B O   1 
HETATM 1606 O O   . HOH D 3 .   ? 11.008  -1.216  -11.367 1.00 35.94 ? 338 HOH B O   1 
HETATM 1607 O O   . HOH D 3 .   ? 14.583  -14.383 -5.024  1.00 26.55 ? 339 HOH B O   1 
HETATM 1608 O O   . HOH D 3 .   ? 14.829  -13.811 -9.153  1.00 46.96 ? 340 HOH B O   1 
HETATM 1609 O O   . HOH D 3 .   ? 18.126  -6.693  4.303   1.00 35.71 ? 341 HOH B O   1 
HETATM 1610 O O   . HOH D 3 .   ? -6.407  -6.459  13.611  1.00 36.09 ? 342 HOH B O   1 
HETATM 1611 O O   . HOH D 3 .   ? -2.229  1.807   24.006  1.00 40.43 ? 343 HOH B O   1 
HETATM 1612 O O   . HOH D 3 .   ? 13.911  -13.475 5.982   1.00 38.68 ? 344 HOH B O   1 
HETATM 1613 O O   . HOH D 3 .   ? -7.401  -12.601 10.356  1.00 35.18 ? 345 HOH B O   1 
HETATM 1614 O O   . HOH D 3 .   ? -14.774 6.444   11.697  1.00 43.52 ? 346 HOH B O   1 
HETATM 1615 O O   . HOH D 3 .   ? -5.850  8.975   12.143  1.00 32.39 ? 347 HOH B O   1 
HETATM 1616 O O   . HOH D 3 .   ? 7.170   5.600   9.624   1.00 30.41 ? 348 HOH B O   1 
HETATM 1617 O O   . HOH D 3 .   ? -5.693  10.826  2.980   1.00 28.30 ? 349 HOH B O   1 
HETATM 1618 O O   . HOH D 3 .   ? 17.043  -12.396 10.658  1.00 45.18 ? 350 HOH B O   1 
HETATM 1619 O O   . HOH D 3 .   ? 9.950   7.704   7.673   1.00 35.08 ? 351 HOH B O   1 
HETATM 1620 O O   . HOH D 3 .   ? -15.865 -0.648  11.630  1.00 39.64 ? 352 HOH B O   1 
HETATM 1621 O O   . HOH D 3 .   ? -0.182  -13.401 -6.052  1.00 33.44 ? 353 HOH B O   1 
HETATM 1622 O O   . HOH D 3 .   ? 9.740   -9.071  13.521  1.00 29.60 ? 354 HOH B O   1 
HETATM 1623 O O   . HOH D 3 .   ? 0.706   -14.449 2.185   1.00 26.16 ? 355 HOH B O   1 
HETATM 1624 O O   . HOH D 3 .   ? 14.738  -5.623  6.324   1.00 34.30 ? 356 HOH B O   1 
HETATM 1625 O O   . HOH D 3 .   ? -5.024  -4.288  16.663  1.00 38.43 ? 357 HOH B O   1 
HETATM 1626 O O   . HOH D 3 .   ? -5.841  10.996  5.446   1.00 37.68 ? 358 HOH B O   1 
HETATM 1627 O O   . HOH D 3 .   ? 4.940   -6.862  23.893  1.00 36.55 ? 359 HOH B O   1 
HETATM 1628 O O   . HOH D 3 .   ? 15.520  -13.014 3.488   1.00 33.05 ? 360 HOH B O   1 
HETATM 1629 O O   . HOH D 3 .   ? -3.261  4.189   24.359  1.00 46.95 ? 361 HOH B O   1 
HETATM 1630 O O   . HOH D 3 .   ? 13.091  -10.895 13.156  1.00 38.45 ? 362 HOH B O   1 
HETATM 1631 O O   . HOH D 3 .   ? 7.740   -2.867  -12.206 1.00 38.40 ? 363 HOH B O   1 
HETATM 1632 O O   . HOH D 3 .   ? -6.269  8.521   19.167  1.00 35.51 ? 364 HOH B O   1 
HETATM 1633 O O   . HOH D 3 .   ? 8.200   -11.256 14.770  1.00 34.25 ? 365 HOH B O   1 
# 
